data_2COD
#
_entry.id   2COD
#
_entity_poly.entity_id   1
_entity_poly.type   'polypeptide(L)'
_entity_poly.pdbx_seq_one_letter_code
;GSSGSSGKVKSGWLDKLSPQGKRMFQKRWVKFDGLSISYYNNEKEMYSKGIIPLSAISTVRVQGDNKFEVVTTQRTFVFR
VEKEEERNDWISILLNALKSQSLTSQSQASGPSSG
;
_entity_poly.pdbx_strand_id   A
#
# COMPACT_ATOMS: atom_id res chain seq x y z
N GLY A 1 -20.14 -9.46 -11.36
CA GLY A 1 -19.02 -9.27 -10.45
C GLY A 1 -17.92 -10.29 -10.68
N SER A 2 -17.16 -10.58 -9.64
CA SER A 2 -16.07 -11.54 -9.73
C SER A 2 -15.02 -11.07 -10.75
N SER A 3 -14.73 -9.77 -10.74
CA SER A 3 -13.76 -9.20 -11.66
C SER A 3 -12.33 -9.57 -11.25
N GLY A 4 -11.39 -9.31 -12.15
CA GLY A 4 -10.00 -9.62 -11.86
C GLY A 4 -9.09 -9.38 -13.06
N SER A 5 -8.52 -8.18 -13.13
CA SER A 5 -7.64 -7.82 -14.23
C SER A 5 -6.18 -7.84 -13.79
N SER A 6 -5.27 -7.77 -14.75
CA SER A 6 -3.85 -7.80 -14.46
C SER A 6 -3.42 -6.54 -13.71
N GLY A 7 -2.44 -6.68 -12.82
CA GLY A 7 -1.97 -5.55 -12.05
C GLY A 7 -2.24 -5.71 -10.57
N LYS A 8 -1.83 -6.83 -9.99
CA LYS A 8 -2.03 -7.09 -8.58
C LYS A 8 -0.79 -6.73 -7.77
N VAL A 9 0.21 -6.15 -8.45
CA VAL A 9 1.44 -5.76 -7.80
C VAL A 9 1.89 -4.37 -8.26
N LYS A 10 2.80 -3.77 -7.49
CA LYS A 10 3.31 -2.44 -7.83
C LYS A 10 4.55 -2.11 -7.00
N SER A 11 5.52 -1.46 -7.63
CA SER A 11 6.76 -1.09 -6.95
C SER A 11 7.33 0.20 -7.53
N GLY A 12 7.70 1.12 -6.65
CA GLY A 12 8.26 2.38 -7.09
C GLY A 12 8.65 3.27 -5.93
N TRP A 13 9.42 4.32 -6.22
CA TRP A 13 9.86 5.26 -5.19
C TRP A 13 8.67 5.93 -4.52
N LEU A 14 8.58 5.76 -3.20
CA LEU A 14 7.49 6.36 -2.43
C LEU A 14 8.02 7.11 -1.22
N ASP A 15 7.42 8.26 -0.94
CA ASP A 15 7.83 9.09 0.20
C ASP A 15 7.04 8.73 1.44
N LYS A 16 7.72 8.13 2.42
CA LYS A 16 7.08 7.73 3.67
C LYS A 16 7.20 8.84 4.71
N LEU A 17 6.18 8.95 5.55
CA LEU A 17 6.17 9.97 6.60
C LEU A 17 6.70 9.41 7.91
N SER A 18 8.01 9.54 8.12
CA SER A 18 8.65 9.04 9.33
C SER A 18 8.24 9.88 10.53
N PRO A 19 8.56 11.19 10.48
CA PRO A 19 8.24 12.13 11.56
C PRO A 19 6.75 12.40 11.67
N GLN A 20 6.33 12.90 12.83
CA GLN A 20 4.92 13.21 13.06
C GLN A 20 4.70 14.71 13.15
N GLY A 21 5.03 15.43 12.08
CA GLY A 21 4.86 16.86 12.05
C GLY A 21 4.95 17.44 10.65
N LYS A 22 4.75 16.59 9.65
CA LYS A 22 4.80 17.02 8.26
C LYS A 22 5.93 18.02 8.05
N ARG A 23 7.02 17.86 8.79
CA ARG A 23 8.16 18.75 8.68
C ARG A 23 9.05 18.36 7.51
N MET A 24 8.94 17.11 7.09
CA MET A 24 9.74 16.60 5.97
C MET A 24 9.21 15.25 5.49
N PHE A 25 9.87 14.69 4.49
CA PHE A 25 9.47 13.39 3.95
C PHE A 25 10.70 12.56 3.56
N GLN A 26 10.62 11.26 3.83
CA GLN A 26 11.73 10.35 3.51
C GLN A 26 11.32 9.37 2.42
N LYS A 27 12.15 9.29 1.39
CA LYS A 27 11.88 8.39 0.27
C LYS A 27 12.38 6.98 0.58
N ARG A 28 11.56 5.98 0.26
CA ARG A 28 11.92 4.59 0.50
C ARG A 28 11.34 3.68 -0.59
N TRP A 29 12.07 2.61 -0.90
CA TRP A 29 11.64 1.67 -1.92
C TRP A 29 10.48 0.82 -1.42
N VAL A 30 9.44 0.71 -2.23
CA VAL A 30 8.26 -0.08 -1.88
C VAL A 30 7.95 -1.12 -2.95
N LYS A 31 7.30 -2.20 -2.54
CA LYS A 31 6.93 -3.27 -3.46
C LYS A 31 5.78 -4.10 -2.91
N PHE A 32 4.82 -4.41 -3.77
CA PHE A 32 3.66 -5.19 -3.37
C PHE A 32 3.62 -6.53 -4.11
N ASP A 33 3.43 -7.61 -3.36
CA ASP A 33 3.38 -8.95 -3.94
C ASP A 33 1.93 -9.44 -4.02
N GLY A 34 1.17 -9.20 -2.96
CA GLY A 34 -0.21 -9.63 -2.93
C GLY A 34 -0.67 -10.00 -1.53
N LEU A 35 0.28 -10.22 -0.63
CA LEU A 35 -0.03 -10.59 0.75
C LEU A 35 0.28 -9.43 1.70
N SER A 36 1.43 -8.80 1.50
CA SER A 36 1.84 -7.68 2.34
C SER A 36 2.66 -6.68 1.54
N ILE A 37 2.97 -5.54 2.16
CA ILE A 37 3.74 -4.49 1.50
C ILE A 37 5.15 -4.43 2.07
N SER A 38 6.13 -4.79 1.24
CA SER A 38 7.53 -4.78 1.65
C SER A 38 8.24 -3.53 1.13
N TYR A 39 8.60 -2.64 2.03
CA TYR A 39 9.28 -1.41 1.66
C TYR A 39 10.53 -1.19 2.51
N TYR A 40 11.68 -1.14 1.86
CA TYR A 40 12.95 -0.95 2.55
C TYR A 40 13.49 0.46 2.32
N ASN A 41 14.47 0.84 3.13
CA ASN A 41 15.07 2.17 3.01
C ASN A 41 15.94 2.27 1.75
N ASN A 42 15.93 3.45 1.12
CA ASN A 42 16.70 3.67 -0.09
C ASN A 42 18.12 3.14 0.08
N GLU A 43 18.74 3.47 1.20
CA GLU A 43 20.10 3.03 1.47
C GLU A 43 20.12 1.60 2.01
N LYS A 44 21.22 0.89 1.77
CA LYS A 44 21.35 -0.48 2.23
C LYS A 44 21.48 -0.54 3.75
N GLU A 45 20.64 -1.36 4.37
CA GLU A 45 20.66 -1.50 5.82
C GLU A 45 20.65 -2.98 6.23
N MET A 46 21.01 -3.25 7.48
CA MET A 46 21.04 -4.62 7.98
C MET A 46 20.31 -4.71 9.32
N TYR A 47 19.68 -5.86 9.56
CA TYR A 47 18.94 -6.08 10.80
C TYR A 47 17.79 -5.09 10.93
N SER A 48 17.11 -4.83 9.82
CA SER A 48 15.99 -3.89 9.81
C SER A 48 14.71 -4.58 9.31
N LYS A 49 13.57 -4.10 9.80
CA LYS A 49 12.28 -4.67 9.40
C LYS A 49 11.31 -3.56 9.02
N GLY A 50 10.43 -3.86 8.06
CA GLY A 50 9.46 -2.88 7.61
C GLY A 50 8.49 -3.45 6.59
N ILE A 51 7.50 -4.19 7.07
CA ILE A 51 6.51 -4.80 6.19
C ILE A 51 5.10 -4.64 6.77
N ILE A 52 4.19 -4.16 5.93
CA ILE A 52 2.80 -3.97 6.35
C ILE A 52 1.91 -5.09 5.84
N PRO A 53 1.32 -5.84 6.78
CA PRO A 53 0.43 -6.96 6.45
C PRO A 53 -0.89 -6.50 5.85
N LEU A 54 -1.30 -7.14 4.76
CA LEU A 54 -2.54 -6.80 4.08
C LEU A 54 -3.72 -6.81 5.06
N SER A 55 -3.63 -7.68 6.07
CA SER A 55 -4.69 -7.80 7.07
C SER A 55 -4.81 -6.51 7.87
N ALA A 56 -3.67 -5.91 8.22
CA ALA A 56 -3.66 -4.67 8.98
C ALA A 56 -4.46 -3.58 8.28
N ILE A 57 -4.26 -3.45 6.97
CA ILE A 57 -4.96 -2.44 6.19
C ILE A 57 -6.46 -2.50 6.45
N SER A 58 -6.95 -1.54 7.24
CA SER A 58 -8.38 -1.49 7.56
C SER A 58 -9.16 -0.78 6.47
N THR A 59 -8.64 0.36 6.02
CA THR A 59 -9.29 1.15 4.98
C THR A 59 -8.29 2.03 4.25
N VAL A 60 -8.61 2.40 3.01
CA VAL A 60 -7.74 3.24 2.21
C VAL A 60 -8.50 4.44 1.65
N ARG A 61 -7.84 5.59 1.62
CA ARG A 61 -8.45 6.81 1.11
C ARG A 61 -7.41 7.73 0.49
N VAL A 62 -7.87 8.76 -0.20
CA VAL A 62 -6.98 9.71 -0.85
C VAL A 62 -6.72 10.92 0.05
N GLN A 63 -5.55 11.52 -0.10
CA GLN A 63 -5.18 12.68 0.70
C GLN A 63 -4.39 13.69 -0.14
N GLY A 64 -4.55 14.98 0.19
CA GLY A 64 -3.84 16.01 -0.54
C GLY A 64 -3.80 15.75 -2.03
N ASP A 65 -2.74 16.22 -2.68
CA ASP A 65 -2.58 16.03 -4.12
C ASP A 65 -1.62 14.88 -4.41
N ASN A 66 -2.06 13.94 -5.23
CA ASN A 66 -1.23 12.79 -5.60
C ASN A 66 -0.74 12.06 -4.35
N LYS A 67 -1.57 12.03 -3.32
CA LYS A 67 -1.22 11.36 -2.07
C LYS A 67 -2.40 10.56 -1.53
N PHE A 68 -2.14 9.70 -0.56
CA PHE A 68 -3.16 8.87 0.05
C PHE A 68 -2.77 8.44 1.45
N GLU A 69 -3.76 8.05 2.25
CA GLU A 69 -3.52 7.61 3.62
C GLU A 69 -3.99 6.18 3.82
N VAL A 70 -3.06 5.31 4.21
CA VAL A 70 -3.37 3.90 4.45
C VAL A 70 -3.47 3.60 5.94
N VAL A 71 -4.69 3.38 6.42
CA VAL A 71 -4.91 3.07 7.83
C VAL A 71 -4.53 1.63 8.15
N THR A 72 -3.78 1.45 9.23
CA THR A 72 -3.35 0.13 9.65
C THR A 72 -3.65 -0.11 11.13
N THR A 73 -4.10 -1.31 11.45
CA THR A 73 -4.41 -1.67 12.83
C THR A 73 -3.35 -1.17 13.78
N GLN A 74 -2.12 -1.05 13.28
CA GLN A 74 -1.01 -0.58 14.10
C GLN A 74 -0.96 0.94 14.14
N ARG A 75 -0.51 1.54 13.05
CA ARG A 75 -0.41 3.00 12.97
C ARG A 75 -0.62 3.47 11.53
N THR A 76 -1.61 4.34 11.33
CA THR A 76 -1.90 4.87 10.00
C THR A 76 -0.63 5.33 9.30
N PHE A 77 -0.52 5.01 8.02
CA PHE A 77 0.64 5.41 7.22
C PHE A 77 0.23 6.27 6.04
N VAL A 78 1.13 7.14 5.61
CA VAL A 78 0.86 8.03 4.49
C VAL A 78 1.89 7.83 3.37
N PHE A 79 1.42 7.42 2.21
CA PHE A 79 2.28 7.18 1.06
C PHE A 79 2.00 8.18 -0.06
N ARG A 80 3.05 8.71 -0.66
CA ARG A 80 2.92 9.68 -1.74
C ARG A 80 3.51 9.13 -3.03
N VAL A 81 2.86 9.43 -4.15
CA VAL A 81 3.33 8.98 -5.46
C VAL A 81 3.89 10.13 -6.27
N GLU A 82 4.38 9.82 -7.47
CA GLU A 82 4.96 10.84 -8.35
C GLU A 82 4.05 11.09 -9.54
N LYS A 83 3.14 10.16 -9.81
CA LYS A 83 2.21 10.29 -10.92
C LYS A 83 0.78 10.07 -10.45
N GLU A 84 -0.17 10.65 -11.18
CA GLU A 84 -1.58 10.52 -10.84
C GLU A 84 -2.07 9.08 -11.04
N GLU A 85 -1.80 8.54 -12.22
CA GLU A 85 -2.21 7.16 -12.53
C GLU A 85 -1.75 6.20 -11.44
N GLU A 86 -0.59 6.48 -10.86
CA GLU A 86 -0.03 5.63 -9.82
C GLU A 86 -0.89 5.72 -8.55
N ARG A 87 -1.16 6.94 -8.11
CA ARG A 87 -1.96 7.16 -6.91
C ARG A 87 -3.22 6.29 -6.92
N ASN A 88 -3.98 6.39 -8.00
CA ASN A 88 -5.21 5.61 -8.14
C ASN A 88 -4.90 4.12 -8.26
N ASP A 89 -3.86 3.81 -9.03
CA ASP A 89 -3.45 2.42 -9.23
C ASP A 89 -3.20 1.73 -7.90
N TRP A 90 -2.25 2.25 -7.13
CA TRP A 90 -1.91 1.68 -5.83
C TRP A 90 -3.17 1.34 -5.04
N ILE A 91 -3.98 2.36 -4.75
CA ILE A 91 -5.21 2.15 -4.00
C ILE A 91 -5.98 0.96 -4.52
N SER A 92 -6.30 0.98 -5.81
CA SER A 92 -7.04 -0.11 -6.44
C SER A 92 -6.40 -1.46 -6.12
N ILE A 93 -5.10 -1.56 -6.37
CA ILE A 93 -4.37 -2.80 -6.11
C ILE A 93 -4.64 -3.32 -4.71
N LEU A 94 -4.60 -2.41 -3.73
CA LEU A 94 -4.86 -2.79 -2.34
C LEU A 94 -6.30 -3.23 -2.16
N LEU A 95 -7.24 -2.38 -2.57
CA LEU A 95 -8.66 -2.68 -2.44
C LEU A 95 -8.98 -4.03 -3.08
N ASN A 96 -8.33 -4.33 -4.20
CA ASN A 96 -8.54 -5.59 -4.90
C ASN A 96 -8.05 -6.77 -4.07
N ALA A 97 -6.92 -6.59 -3.40
CA ALA A 97 -6.34 -7.63 -2.57
C ALA A 97 -7.05 -7.72 -1.23
N LEU A 98 -7.83 -6.69 -0.91
CA LEU A 98 -8.57 -6.65 0.35
C LEU A 98 -9.90 -7.40 0.23
N LYS A 99 -10.53 -7.29 -0.93
CA LYS A 99 -11.80 -7.96 -1.18
C LYS A 99 -11.62 -9.47 -1.23
N SER A 100 -10.46 -9.90 -1.72
CA SER A 100 -10.17 -11.33 -1.83
C SER A 100 -10.07 -11.98 -0.45
N GLN A 101 -9.40 -11.28 0.48
CA GLN A 101 -9.25 -11.79 1.83
C GLN A 101 -10.53 -11.60 2.65
N SER A 102 -11.32 -10.60 2.26
CA SER A 102 -12.57 -10.32 2.94
C SER A 102 -13.73 -10.21 1.95
N LEU A 103 -14.54 -11.26 1.88
CA LEU A 103 -15.68 -11.29 0.97
C LEU A 103 -16.77 -10.33 1.45
N THR A 104 -17.61 -9.89 0.52
CA THR A 104 -18.70 -8.98 0.84
C THR A 104 -18.21 -7.82 1.70
N SER A 105 -17.06 -7.27 1.35
CA SER A 105 -16.48 -6.17 2.08
C SER A 105 -16.93 -4.83 1.51
N GLN A 106 -16.51 -3.73 2.15
CA GLN A 106 -16.87 -2.40 1.69
C GLN A 106 -16.45 -2.18 0.24
N SER A 107 -17.43 -2.00 -0.63
CA SER A 107 -17.15 -1.78 -2.05
C SER A 107 -16.86 -0.31 -2.33
N GLN A 108 -15.85 -0.05 -3.16
CA GLN A 108 -15.48 1.32 -3.51
C GLN A 108 -16.13 1.74 -4.82
N ALA A 109 -15.92 0.94 -5.86
CA ALA A 109 -16.48 1.23 -7.17
C ALA A 109 -16.32 0.05 -8.12
N SER A 110 -17.42 -0.40 -8.69
CA SER A 110 -17.40 -1.53 -9.62
C SER A 110 -17.44 -1.05 -11.06
N GLY A 111 -16.67 -1.73 -11.92
CA GLY A 111 -16.63 -1.36 -13.33
C GLY A 111 -16.80 -2.55 -14.24
N PRO A 112 -18.04 -3.03 -14.38
CA PRO A 112 -18.36 -4.18 -15.23
C PRO A 112 -18.23 -3.85 -16.71
N SER A 113 -17.05 -4.13 -17.27
CA SER A 113 -16.81 -3.87 -18.68
C SER A 113 -15.75 -4.82 -19.23
N SER A 114 -16.07 -5.49 -20.33
CA SER A 114 -15.15 -6.43 -20.95
C SER A 114 -14.75 -5.96 -22.35
N GLY A 115 -13.46 -5.71 -22.53
CA GLY A 115 -12.97 -5.26 -23.82
C GLY A 115 -13.76 -4.08 -24.36
N GLY A 1 -10.35 1.18 -21.34
CA GLY A 1 -10.74 -0.15 -20.92
C GLY A 1 -10.04 -1.23 -21.71
N SER A 2 -9.70 -2.33 -21.05
CA SER A 2 -9.02 -3.45 -21.70
C SER A 2 -9.61 -4.78 -21.25
N SER A 3 -9.15 -5.86 -21.88
CA SER A 3 -9.63 -7.19 -21.56
C SER A 3 -8.82 -7.81 -20.42
N GLY A 4 -9.48 -8.10 -19.31
CA GLY A 4 -8.80 -8.68 -18.17
C GLY A 4 -7.93 -7.68 -17.44
N SER A 5 -8.21 -7.49 -16.15
CA SER A 5 -7.45 -6.54 -15.34
C SER A 5 -6.07 -7.11 -14.98
N SER A 6 -5.08 -6.77 -15.79
CA SER A 6 -3.72 -7.25 -15.57
C SER A 6 -3.01 -6.40 -14.52
N GLY A 7 -1.80 -6.82 -14.15
CA GLY A 7 -1.03 -6.08 -13.15
C GLY A 7 -1.68 -6.13 -11.78
N LYS A 8 -1.36 -7.15 -11.01
CA LYS A 8 -1.91 -7.31 -9.67
C LYS A 8 -0.89 -6.90 -8.62
N VAL A 9 0.13 -6.16 -9.03
CA VAL A 9 1.17 -5.70 -8.12
C VAL A 9 1.66 -4.31 -8.50
N LYS A 10 2.56 -3.76 -7.68
CA LYS A 10 3.10 -2.44 -7.93
C LYS A 10 4.42 -2.24 -7.19
N SER A 11 5.28 -1.39 -7.72
CA SER A 11 6.57 -1.11 -7.10
C SER A 11 7.08 0.27 -7.49
N GLY A 12 7.70 0.95 -6.53
CA GLY A 12 8.23 2.27 -6.79
C GLY A 12 8.58 3.02 -5.52
N TRP A 13 9.64 3.82 -5.57
CA TRP A 13 10.07 4.59 -4.41
C TRP A 13 8.95 5.48 -3.89
N LEU A 14 8.38 5.11 -2.75
CA LEU A 14 7.29 5.88 -2.15
C LEU A 14 7.80 6.69 -0.96
N ASP A 15 7.45 7.97 -0.95
CA ASP A 15 7.87 8.87 0.14
C ASP A 15 6.81 8.90 1.24
N LYS A 16 7.16 8.35 2.40
CA LYS A 16 6.24 8.32 3.53
C LYS A 16 6.64 9.36 4.57
N LEU A 17 5.93 9.36 5.70
CA LEU A 17 6.21 10.31 6.77
C LEU A 17 6.55 9.59 8.07
N SER A 18 7.83 9.32 8.27
CA SER A 18 8.29 8.63 9.47
C SER A 18 8.06 9.48 10.71
N PRO A 19 8.68 10.67 10.74
CA PRO A 19 8.55 11.60 11.86
C PRO A 19 7.16 12.22 11.95
N GLN A 20 6.73 12.51 13.18
CA GLN A 20 5.41 13.10 13.40
C GLN A 20 5.52 14.60 13.58
N GLY A 21 6.55 15.03 14.29
CA GLY A 21 6.75 16.45 14.53
C GLY A 21 6.83 17.25 13.25
N LYS A 22 8.05 17.45 12.75
CA LYS A 22 8.27 18.21 11.52
C LYS A 22 7.64 17.49 10.33
N ARG A 23 7.49 18.21 9.22
CA ARG A 23 6.90 17.64 8.02
C ARG A 23 7.98 17.34 6.98
N MET A 24 8.29 16.06 6.82
CA MET A 24 9.30 15.63 5.86
C MET A 24 8.84 14.41 5.08
N PHE A 25 9.70 13.90 4.21
CA PHE A 25 9.37 12.73 3.40
C PHE A 25 10.60 11.87 3.16
N GLN A 26 10.51 10.59 3.53
CA GLN A 26 11.61 9.66 3.36
C GLN A 26 11.40 8.77 2.14
N LYS A 27 12.31 8.86 1.18
CA LYS A 27 12.23 8.06 -0.03
C LYS A 27 12.70 6.64 0.21
N ARG A 28 11.77 5.70 0.13
CA ARG A 28 12.08 4.28 0.35
C ARG A 28 11.40 3.40 -0.69
N TRP A 29 12.15 2.48 -1.26
CA TRP A 29 11.61 1.58 -2.28
C TRP A 29 10.49 0.72 -1.70
N VAL A 30 9.41 0.58 -2.45
CA VAL A 30 8.26 -0.21 -2.02
C VAL A 30 7.84 -1.21 -3.09
N LYS A 31 7.44 -2.40 -2.66
CA LYS A 31 7.01 -3.45 -3.59
C LYS A 31 5.87 -4.26 -2.99
N PHE A 32 4.75 -4.31 -3.70
CA PHE A 32 3.59 -5.06 -3.24
C PHE A 32 3.45 -6.38 -4.00
N ASP A 33 3.35 -7.47 -3.25
CA ASP A 33 3.22 -8.79 -3.85
C ASP A 33 1.84 -9.38 -3.58
N GLY A 34 0.89 -8.52 -3.22
CA GLY A 34 -0.47 -8.96 -2.95
C GLY A 34 -0.67 -9.30 -1.48
N LEU A 35 0.26 -10.09 -0.93
CA LEU A 35 0.16 -10.49 0.47
C LEU A 35 0.46 -9.31 1.39
N SER A 36 1.65 -8.73 1.25
CA SER A 36 2.06 -7.60 2.08
C SER A 36 2.91 -6.62 1.28
N ILE A 37 3.17 -5.46 1.86
CA ILE A 37 3.97 -4.43 1.19
C ILE A 37 5.39 -4.42 1.74
N SER A 38 6.33 -4.93 0.95
CA SER A 38 7.73 -4.97 1.37
C SER A 38 8.48 -3.75 0.85
N TYR A 39 9.08 -3.00 1.77
CA TYR A 39 9.82 -1.80 1.41
C TYR A 39 11.20 -1.79 2.07
N TYR A 40 12.24 -1.56 1.27
CA TYR A 40 13.60 -1.54 1.77
C TYR A 40 14.19 -0.14 1.67
N ASN A 41 15.44 0.01 2.11
CA ASN A 41 16.12 1.29 2.06
C ASN A 41 17.24 1.28 1.03
N ASN A 42 17.76 2.46 0.71
CA ASN A 42 18.83 2.59 -0.28
C ASN A 42 20.11 1.92 0.23
N GLU A 43 21.12 1.88 -0.63
CA GLU A 43 22.40 1.26 -0.26
C GLU A 43 22.94 1.86 1.05
N LYS A 44 23.03 1.01 2.07
CA LYS A 44 23.52 1.44 3.37
C LYS A 44 24.27 0.31 4.08
N GLU A 45 25.19 0.68 4.96
CA GLU A 45 25.97 -0.31 5.70
C GLU A 45 25.10 -1.50 6.09
N MET A 46 23.91 -1.22 6.59
CA MET A 46 22.99 -2.27 7.00
C MET A 46 21.58 -1.99 6.46
N TYR A 47 20.67 -2.94 6.70
CA TYR A 47 19.30 -2.80 6.23
C TYR A 47 18.31 -2.97 7.39
N SER A 48 17.26 -2.15 7.39
CA SER A 48 16.26 -2.21 8.44
C SER A 48 14.96 -2.81 7.92
N LYS A 49 14.54 -3.91 8.53
CA LYS A 49 13.31 -4.59 8.13
C LYS A 49 12.14 -3.61 8.11
N GLY A 50 11.14 -3.91 7.28
CA GLY A 50 9.98 -3.05 7.17
C GLY A 50 8.95 -3.58 6.20
N ILE A 51 7.81 -4.04 6.71
CA ILE A 51 6.75 -4.57 5.88
C ILE A 51 5.38 -4.33 6.51
N ILE A 52 4.37 -4.19 5.66
CA ILE A 52 3.01 -3.96 6.13
C ILE A 52 2.06 -5.04 5.64
N PRO A 53 1.51 -5.82 6.58
CA PRO A 53 0.57 -6.92 6.27
C PRO A 53 -0.77 -6.39 5.77
N LEU A 54 -1.29 -7.01 4.72
CA LEU A 54 -2.56 -6.61 4.14
C LEU A 54 -3.65 -6.59 5.22
N SER A 55 -3.55 -7.50 6.18
CA SER A 55 -4.53 -7.58 7.25
C SER A 55 -4.59 -6.27 8.03
N ALA A 56 -3.43 -5.66 8.25
CA ALA A 56 -3.35 -4.40 8.97
C ALA A 56 -4.14 -3.31 8.27
N ILE A 57 -4.01 -3.25 6.95
CA ILE A 57 -4.72 -2.25 6.16
C ILE A 57 -6.23 -2.35 6.37
N SER A 58 -6.78 -1.41 7.15
CA SER A 58 -8.21 -1.40 7.43
C SER A 58 -8.97 -0.74 6.29
N THR A 59 -8.56 0.46 5.92
CA THR A 59 -9.20 1.21 4.84
C THR A 59 -8.23 2.17 4.17
N VAL A 60 -8.49 2.48 2.91
CA VAL A 60 -7.64 3.39 2.15
C VAL A 60 -8.44 4.55 1.57
N ARG A 61 -7.87 5.74 1.61
CA ARG A 61 -8.54 6.93 1.08
C ARG A 61 -7.54 7.84 0.38
N VAL A 62 -8.03 8.57 -0.62
CA VAL A 62 -7.18 9.49 -1.38
C VAL A 62 -6.76 10.68 -0.52
N GLN A 63 -5.58 11.22 -0.81
CA GLN A 63 -5.07 12.37 -0.08
C GLN A 63 -4.56 13.45 -1.03
N GLY A 64 -4.81 14.70 -0.67
CA GLY A 64 -4.38 15.81 -1.50
C GLY A 64 -4.62 15.55 -2.97
N ASP A 65 -3.54 15.55 -3.75
CA ASP A 65 -3.63 15.31 -5.19
C ASP A 65 -2.88 14.04 -5.58
N ASN A 66 -1.62 13.97 -5.20
CA ASN A 66 -0.79 12.81 -5.52
C ASN A 66 -0.37 12.08 -4.25
N LYS A 67 -1.33 11.85 -3.35
CA LYS A 67 -1.06 11.16 -2.09
C LYS A 67 -2.28 10.35 -1.66
N PHE A 68 -2.09 9.53 -0.63
CA PHE A 68 -3.16 8.69 -0.10
C PHE A 68 -2.89 8.28 1.34
N GLU A 69 -3.95 7.98 2.07
CA GLU A 69 -3.81 7.56 3.46
C GLU A 69 -4.11 6.08 3.62
N VAL A 70 -3.14 5.35 4.17
CA VAL A 70 -3.30 3.91 4.38
C VAL A 70 -3.53 3.59 5.85
N VAL A 71 -4.80 3.42 6.23
CA VAL A 71 -5.15 3.11 7.61
C VAL A 71 -4.66 1.72 8.00
N THR A 72 -4.15 1.60 9.22
CA THR A 72 -3.65 0.32 9.72
C THR A 72 -3.94 0.16 11.20
N THR A 73 -3.74 -1.05 11.72
CA THR A 73 -3.98 -1.34 13.12
C THR A 73 -3.07 -0.51 14.02
N GLN A 74 -1.76 -0.70 13.86
CA GLN A 74 -0.78 0.02 14.66
C GLN A 74 -1.03 1.52 14.58
N ARG A 75 -0.89 2.09 13.39
CA ARG A 75 -1.10 3.51 13.19
C ARG A 75 -1.10 3.86 11.70
N THR A 76 -2.21 4.42 11.23
CA THR A 76 -2.34 4.81 9.82
C THR A 76 -1.03 5.39 9.30
N PHE A 77 -0.78 5.19 8.01
CA PHE A 77 0.43 5.70 7.37
C PHE A 77 0.09 6.60 6.19
N VAL A 78 1.02 7.48 5.84
CA VAL A 78 0.82 8.40 4.72
C VAL A 78 1.92 8.24 3.68
N PHE A 79 1.55 7.76 2.50
CA PHE A 79 2.51 7.56 1.42
C PHE A 79 2.29 8.58 0.30
N ARG A 80 3.32 8.80 -0.51
CA ARG A 80 3.23 9.74 -1.61
C ARG A 80 3.80 9.13 -2.89
N VAL A 81 3.14 9.42 -4.02
CA VAL A 81 3.58 8.91 -5.31
C VAL A 81 4.27 9.99 -6.13
N GLU A 82 4.78 9.61 -7.30
CA GLU A 82 5.46 10.54 -8.18
C GLU A 82 4.53 11.05 -9.28
N LYS A 83 3.43 10.31 -9.49
CA LYS A 83 2.45 10.69 -10.51
C LYS A 83 1.03 10.48 -9.99
N GLU A 84 0.13 11.36 -10.40
CA GLU A 84 -1.27 11.27 -9.97
C GLU A 84 -1.84 9.90 -10.30
N GLU A 85 -1.50 9.38 -11.47
CA GLU A 85 -1.98 8.07 -11.89
C GLU A 85 -1.61 6.99 -10.87
N GLU A 86 -0.33 6.95 -10.52
CA GLU A 86 0.16 5.97 -9.55
C GLU A 86 -0.74 5.93 -8.32
N ARG A 87 -1.20 7.09 -7.88
CA ARG A 87 -2.06 7.19 -6.72
C ARG A 87 -3.22 6.20 -6.81
N ASN A 88 -4.06 6.39 -7.84
CA ASN A 88 -5.21 5.52 -8.04
C ASN A 88 -4.79 4.06 -8.14
N ASP A 89 -3.78 3.80 -8.97
CA ASP A 89 -3.27 2.44 -9.16
C ASP A 89 -3.08 1.75 -7.82
N TRP A 90 -2.15 2.26 -7.02
CA TRP A 90 -1.85 1.70 -5.71
C TRP A 90 -3.15 1.38 -4.96
N ILE A 91 -3.98 2.40 -4.75
CA ILE A 91 -5.25 2.21 -4.05
C ILE A 91 -6.02 1.03 -4.60
N SER A 92 -6.55 1.18 -5.82
CA SER A 92 -7.32 0.11 -6.45
C SER A 92 -6.73 -1.26 -6.13
N ILE A 93 -5.42 -1.41 -6.38
CA ILE A 93 -4.74 -2.66 -6.12
C ILE A 93 -4.99 -3.14 -4.69
N LEU A 94 -4.82 -2.23 -3.73
CA LEU A 94 -5.03 -2.56 -2.32
C LEU A 94 -6.42 -3.13 -2.10
N LEU A 95 -7.44 -2.38 -2.48
CA LEU A 95 -8.82 -2.82 -2.33
C LEU A 95 -9.02 -4.20 -2.95
N ASN A 96 -8.55 -4.36 -4.19
CA ASN A 96 -8.68 -5.63 -4.89
C ASN A 96 -8.16 -6.78 -4.04
N ALA A 97 -7.00 -6.57 -3.42
CA ALA A 97 -6.38 -7.59 -2.58
C ALA A 97 -7.22 -7.84 -1.33
N LEU A 98 -7.69 -6.76 -0.71
CA LEU A 98 -8.51 -6.88 0.49
C LEU A 98 -9.68 -7.83 0.28
N LYS A 99 -10.32 -7.71 -0.89
CA LYS A 99 -11.45 -8.56 -1.23
C LYS A 99 -11.09 -10.04 -1.05
N SER A 100 -9.85 -10.38 -1.37
CA SER A 100 -9.38 -11.76 -1.26
C SER A 100 -9.62 -12.30 0.15
N GLN A 101 -9.20 -11.54 1.14
CA GLN A 101 -9.36 -11.94 2.54
C GLN A 101 -10.75 -12.51 2.77
N SER A 102 -11.76 -11.88 2.17
CA SER A 102 -13.14 -12.32 2.32
C SER A 102 -13.24 -13.84 2.21
N LEU A 103 -12.78 -14.38 1.07
CA LEU A 103 -12.82 -15.82 0.85
C LEU A 103 -14.22 -16.38 1.10
N THR A 104 -15.22 -15.74 0.50
CA THR A 104 -16.61 -16.17 0.67
C THR A 104 -16.76 -17.64 0.33
N SER A 105 -17.41 -18.38 1.22
CA SER A 105 -17.63 -19.81 1.03
C SER A 105 -16.34 -20.49 0.57
N GLN A 106 -15.21 -19.96 1.01
CA GLN A 106 -13.91 -20.52 0.66
C GLN A 106 -12.96 -20.50 1.86
N SER A 107 -11.99 -21.42 1.86
CA SER A 107 -11.03 -21.51 2.94
C SER A 107 -9.63 -21.77 2.41
N GLN A 108 -8.68 -20.93 2.79
CA GLN A 108 -7.30 -21.08 2.35
C GLN A 108 -6.37 -21.35 3.53
N ALA A 109 -5.28 -22.06 3.27
CA ALA A 109 -4.31 -22.37 4.31
C ALA A 109 -2.93 -21.84 3.95
N SER A 110 -2.42 -20.93 4.78
CA SER A 110 -1.10 -20.34 4.56
C SER A 110 -0.48 -19.89 5.87
N GLY A 111 0.85 -19.88 5.92
CA GLY A 111 1.56 -19.47 7.12
C GLY A 111 2.56 -18.36 6.86
N PRO A 112 2.06 -17.11 6.84
CA PRO A 112 2.91 -15.94 6.60
C PRO A 112 3.85 -15.65 7.77
N SER A 113 3.77 -16.48 8.79
CA SER A 113 4.62 -16.32 9.98
C SER A 113 6.10 -16.46 9.60
N SER A 114 6.93 -15.60 10.17
CA SER A 114 8.36 -15.63 9.90
C SER A 114 8.93 -17.02 10.15
N GLY A 115 9.95 -17.38 9.37
CA GLY A 115 10.57 -18.69 9.51
C GLY A 115 11.55 -18.99 8.40
N GLY A 1 -16.40 4.95 -7.41
CA GLY A 1 -16.20 3.58 -7.86
C GLY A 1 -15.55 3.50 -9.22
N SER A 2 -15.01 2.33 -9.55
CA SER A 2 -14.35 2.11 -10.83
C SER A 2 -13.95 0.65 -11.00
N SER A 3 -13.48 0.31 -12.19
CA SER A 3 -13.07 -1.05 -12.49
C SER A 3 -11.64 -1.09 -13.03
N GLY A 4 -10.93 -2.17 -12.74
CA GLY A 4 -9.56 -2.32 -13.19
C GLY A 4 -9.26 -3.71 -13.69
N SER A 5 -9.14 -4.66 -12.77
CA SER A 5 -8.84 -6.04 -13.12
C SER A 5 -7.59 -6.12 -13.99
N SER A 6 -6.56 -5.37 -13.61
CA SER A 6 -5.31 -5.35 -14.36
C SER A 6 -4.13 -5.02 -13.45
N GLY A 7 -3.24 -5.99 -13.28
CA GLY A 7 -2.08 -5.78 -12.43
C GLY A 7 -2.39 -5.95 -10.96
N LYS A 8 -1.79 -6.93 -10.33
CA LYS A 8 -2.01 -7.20 -8.91
C LYS A 8 -0.77 -6.85 -8.10
N VAL A 9 0.18 -6.19 -8.72
CA VAL A 9 1.42 -5.79 -8.05
C VAL A 9 1.84 -4.38 -8.45
N LYS A 10 2.79 -3.82 -7.71
CA LYS A 10 3.29 -2.48 -7.99
C LYS A 10 4.52 -2.17 -7.16
N SER A 11 5.49 -1.50 -7.78
CA SER A 11 6.72 -1.14 -7.09
C SER A 11 7.24 0.22 -7.55
N GLY A 12 8.00 0.89 -6.70
CA GLY A 12 8.53 2.19 -7.03
C GLY A 12 8.92 3.00 -5.81
N TRP A 13 9.90 3.87 -5.96
CA TRP A 13 10.35 4.71 -4.86
C TRP A 13 9.23 5.60 -4.34
N LEU A 14 8.66 5.22 -3.20
CA LEU A 14 7.57 5.98 -2.60
C LEU A 14 8.06 6.81 -1.43
N ASP A 15 7.52 8.01 -1.28
CA ASP A 15 7.91 8.89 -0.17
C ASP A 15 7.09 8.59 1.07
N LYS A 16 7.68 7.84 2.00
CA LYS A 16 7.01 7.48 3.24
C LYS A 16 7.43 8.40 4.37
N LEU A 17 6.52 8.65 5.30
CA LEU A 17 6.80 9.52 6.44
C LEU A 17 6.91 8.72 7.73
N SER A 18 8.02 7.98 7.87
CA SER A 18 8.24 7.17 9.05
C SER A 18 8.59 8.04 10.26
N PRO A 19 9.69 8.78 10.15
CA PRO A 19 10.15 9.67 11.23
C PRO A 19 9.25 10.88 11.41
N GLN A 20 9.62 11.76 12.33
CA GLN A 20 8.84 12.96 12.60
C GLN A 20 9.57 14.21 12.14
N GLY A 21 8.87 15.07 11.41
CA GLY A 21 9.47 16.28 10.91
C GLY A 21 8.50 17.12 10.11
N LYS A 22 8.80 18.42 9.97
CA LYS A 22 7.94 19.32 9.22
C LYS A 22 8.01 19.02 7.72
N ARG A 23 6.89 18.58 7.17
CA ARG A 23 6.82 18.26 5.74
C ARG A 23 8.13 17.63 5.27
N MET A 24 8.65 16.69 6.04
CA MET A 24 9.89 16.01 5.70
C MET A 24 9.64 14.55 5.36
N PHE A 25 9.89 14.19 4.10
CA PHE A 25 9.68 12.82 3.64
C PHE A 25 11.02 12.16 3.30
N GLN A 26 10.99 10.84 3.17
CA GLN A 26 12.20 10.08 2.86
C GLN A 26 11.96 9.16 1.66
N LYS A 27 12.92 9.13 0.74
CA LYS A 27 12.82 8.30 -0.45
C LYS A 27 13.06 6.83 -0.09
N ARG A 28 12.00 6.02 -0.18
CA ARG A 28 12.10 4.61 0.13
C ARG A 28 11.52 3.76 -1.01
N TRP A 29 12.13 2.60 -1.24
CA TRP A 29 11.67 1.71 -2.30
C TRP A 29 10.59 0.76 -1.77
N VAL A 30 9.40 0.87 -2.34
CA VAL A 30 8.28 0.01 -1.93
C VAL A 30 7.89 -0.95 -3.05
N LYS A 31 7.53 -2.17 -2.67
CA LYS A 31 7.13 -3.18 -3.64
C LYS A 31 6.00 -4.05 -3.08
N PHE A 32 4.96 -4.23 -3.88
CA PHE A 32 3.82 -5.05 -3.46
C PHE A 32 3.77 -6.36 -4.24
N ASP A 33 3.66 -7.46 -3.51
CA ASP A 33 3.60 -8.78 -4.13
C ASP A 33 2.18 -9.30 -4.17
N GLY A 34 1.39 -8.95 -3.15
CA GLY A 34 0.01 -9.40 -3.09
C GLY A 34 -0.39 -9.84 -1.69
N LEU A 35 0.60 -10.01 -0.82
CA LEU A 35 0.34 -10.44 0.54
C LEU A 35 0.65 -9.32 1.53
N SER A 36 1.76 -8.64 1.31
CA SER A 36 2.18 -7.54 2.18
C SER A 36 3.04 -6.54 1.42
N ILE A 37 3.17 -5.34 1.97
CA ILE A 37 3.97 -4.29 1.34
C ILE A 37 5.36 -4.24 1.95
N SER A 38 6.37 -4.64 1.16
CA SER A 38 7.75 -4.64 1.62
C SER A 38 8.50 -3.42 1.09
N TYR A 39 8.87 -2.52 1.99
CA TYR A 39 9.59 -1.31 1.61
C TYR A 39 10.95 -1.25 2.29
N TYR A 40 12.00 -1.14 1.48
CA TYR A 40 13.36 -1.08 2.01
C TYR A 40 14.00 0.26 1.69
N ASN A 41 15.28 0.40 2.04
CA ASN A 41 16.01 1.64 1.79
C ASN A 41 17.50 1.36 1.61
N ASN A 42 18.21 2.33 1.05
CA ASN A 42 19.65 2.19 0.83
C ASN A 42 20.40 2.05 2.15
N GLU A 43 20.58 0.81 2.58
CA GLU A 43 21.28 0.54 3.84
C GLU A 43 22.73 1.04 3.77
N LYS A 44 23.07 1.95 4.66
CA LYS A 44 24.41 2.52 4.71
C LYS A 44 25.21 1.91 5.86
N GLU A 45 24.72 2.12 7.09
CA GLU A 45 25.40 1.60 8.28
C GLU A 45 24.58 0.48 8.91
N MET A 46 23.30 0.76 9.17
CA MET A 46 22.41 -0.23 9.77
C MET A 46 21.25 -0.55 8.85
N TYR A 47 20.40 -1.48 9.27
CA TYR A 47 19.24 -1.88 8.48
C TYR A 47 18.00 -2.04 9.36
N SER A 48 16.91 -1.41 8.93
CA SER A 48 15.66 -1.47 9.69
C SER A 48 14.56 -2.11 8.85
N LYS A 49 14.11 -3.29 9.28
CA LYS A 49 13.05 -4.00 8.56
C LYS A 49 11.76 -3.21 8.56
N GLY A 50 11.01 -3.30 7.47
CA GLY A 50 9.75 -2.58 7.36
C GLY A 50 8.79 -3.24 6.40
N ILE A 51 7.67 -3.74 6.92
CA ILE A 51 6.66 -4.40 6.11
C ILE A 51 5.27 -4.23 6.70
N ILE A 52 4.28 -4.02 5.83
CA ILE A 52 2.91 -3.84 6.27
C ILE A 52 2.02 -4.98 5.77
N PRO A 53 1.48 -5.76 6.71
CA PRO A 53 0.60 -6.89 6.38
C PRO A 53 -0.75 -6.43 5.84
N LEU A 54 -1.10 -6.92 4.65
CA LEU A 54 -2.38 -6.56 4.03
C LEU A 54 -3.52 -6.63 5.03
N SER A 55 -3.41 -7.56 5.98
CA SER A 55 -4.44 -7.73 7.00
C SER A 55 -4.59 -6.46 7.83
N ALA A 56 -3.46 -5.88 8.23
CA ALA A 56 -3.47 -4.66 9.04
C ALA A 56 -4.29 -3.57 8.36
N ILE A 57 -4.03 -3.35 7.07
CA ILE A 57 -4.73 -2.33 6.30
C ILE A 57 -6.24 -2.53 6.40
N SER A 58 -6.90 -1.65 7.14
CA SER A 58 -8.35 -1.72 7.31
C SER A 58 -9.07 -1.08 6.13
N THR A 59 -8.62 0.12 5.75
CA THR A 59 -9.22 0.83 4.64
C THR A 59 -8.27 1.87 4.07
N VAL A 60 -8.56 2.35 2.86
CA VAL A 60 -7.72 3.35 2.21
C VAL A 60 -8.56 4.49 1.66
N ARG A 61 -8.06 5.71 1.82
CA ARG A 61 -8.76 6.91 1.34
C ARG A 61 -7.78 7.91 0.73
N VAL A 62 -8.24 8.62 -0.29
CA VAL A 62 -7.41 9.61 -0.96
C VAL A 62 -7.33 10.91 -0.15
N GLN A 63 -6.19 11.58 -0.24
CA GLN A 63 -6.00 12.83 0.49
C GLN A 63 -5.93 14.02 -0.47
N GLY A 64 -6.33 15.19 0.01
CA GLY A 64 -6.31 16.37 -0.82
C GLY A 64 -5.10 16.42 -1.74
N ASP A 65 -3.93 16.63 -1.16
CA ASP A 65 -2.69 16.69 -1.92
C ASP A 65 -2.47 15.40 -2.71
N ASN A 66 -1.34 15.32 -3.41
CA ASN A 66 -1.01 14.14 -4.20
C ASN A 66 -0.52 13.00 -3.31
N LYS A 67 -1.33 12.65 -2.32
CA LYS A 67 -0.98 11.57 -1.40
C LYS A 67 -2.23 10.81 -0.96
N PHE A 68 -2.01 9.65 -0.35
CA PHE A 68 -3.12 8.82 0.12
C PHE A 68 -2.84 8.28 1.52
N GLU A 69 -3.90 8.08 2.30
CA GLU A 69 -3.76 7.58 3.66
C GLU A 69 -4.14 6.09 3.73
N VAL A 70 -3.37 5.32 4.48
CA VAL A 70 -3.62 3.89 4.63
C VAL A 70 -3.85 3.53 6.09
N VAL A 71 -5.11 3.35 6.46
CA VAL A 71 -5.46 2.99 7.83
C VAL A 71 -5.15 1.53 8.12
N THR A 72 -4.57 1.26 9.29
CA THR A 72 -4.23 -0.09 9.68
C THR A 72 -5.06 -0.55 10.88
N THR A 73 -4.76 -1.74 11.39
CA THR A 73 -5.47 -2.30 12.53
C THR A 73 -5.89 -1.20 13.50
N GLN A 74 -4.93 -0.37 13.89
CA GLN A 74 -5.20 0.73 14.83
C GLN A 74 -4.57 2.02 14.33
N ARG A 75 -3.28 1.98 14.03
CA ARG A 75 -2.56 3.15 13.56
C ARG A 75 -2.83 3.39 12.06
N THR A 76 -2.22 4.44 11.52
CA THR A 76 -2.41 4.77 10.11
C THR A 76 -1.09 5.20 9.47
N PHE A 77 -0.93 4.86 8.20
CA PHE A 77 0.30 5.21 7.47
C PHE A 77 0.00 6.22 6.37
N VAL A 78 1.06 6.85 5.87
CA VAL A 78 0.92 7.85 4.81
C VAL A 78 1.94 7.63 3.70
N PHE A 79 1.47 7.67 2.45
CA PHE A 79 2.35 7.48 1.31
C PHE A 79 2.14 8.57 0.27
N ARG A 80 3.22 8.95 -0.42
CA ARG A 80 3.16 9.99 -1.43
C ARG A 80 3.59 9.44 -2.79
N VAL A 81 2.81 9.75 -3.83
CA VAL A 81 3.12 9.29 -5.17
C VAL A 81 3.76 10.41 -5.99
N GLU A 82 4.31 10.04 -7.14
CA GLU A 82 4.96 11.00 -8.03
C GLU A 82 4.08 11.33 -9.23
N LYS A 83 3.20 10.39 -9.58
CA LYS A 83 2.31 10.58 -10.71
C LYS A 83 0.84 10.50 -10.27
N GLU A 84 -0.06 10.90 -11.15
CA GLU A 84 -1.49 10.87 -10.85
C GLU A 84 -2.04 9.45 -10.96
N GLU A 85 -1.84 8.84 -12.12
CA GLU A 85 -2.31 7.48 -12.36
C GLU A 85 -1.91 6.55 -11.22
N GLU A 86 -0.67 6.69 -10.76
CA GLU A 86 -0.16 5.87 -9.67
C GLU A 86 -1.12 5.89 -8.48
N ARG A 87 -1.43 7.08 -8.00
CA ARG A 87 -2.33 7.23 -6.86
C ARG A 87 -3.43 6.17 -6.89
N ASN A 88 -4.23 6.17 -7.95
CA ASN A 88 -5.31 5.21 -8.10
C ASN A 88 -4.77 3.78 -8.14
N ASP A 89 -3.74 3.56 -8.96
CA ASP A 89 -3.13 2.25 -9.08
C ASP A 89 -2.89 1.63 -7.71
N TRP A 90 -2.00 2.23 -6.94
CA TRP A 90 -1.67 1.74 -5.61
C TRP A 90 -2.93 1.35 -4.85
N ILE A 91 -3.82 2.32 -4.65
CA ILE A 91 -5.08 2.07 -3.95
C ILE A 91 -5.81 0.86 -4.52
N SER A 92 -6.31 1.01 -5.74
CA SER A 92 -7.03 -0.07 -6.40
C SER A 92 -6.40 -1.42 -6.08
N ILE A 93 -5.09 -1.52 -6.25
CA ILE A 93 -4.37 -2.75 -5.97
C ILE A 93 -4.60 -3.21 -4.53
N LEU A 94 -4.56 -2.26 -3.61
CA LEU A 94 -4.76 -2.56 -2.19
C LEU A 94 -6.19 -3.06 -1.94
N LEU A 95 -7.16 -2.18 -2.18
CA LEU A 95 -8.56 -2.53 -1.98
C LEU A 95 -8.88 -3.87 -2.61
N ASN A 96 -8.49 -4.04 -3.87
CA ASN A 96 -8.74 -5.29 -4.60
C ASN A 96 -8.12 -6.48 -3.87
N ALA A 97 -6.98 -6.24 -3.22
CA ALA A 97 -6.30 -7.29 -2.48
C ALA A 97 -6.94 -7.51 -1.11
N LEU A 98 -7.72 -6.53 -0.66
CA LEU A 98 -8.40 -6.62 0.63
C LEU A 98 -9.72 -7.36 0.49
N LYS A 99 -10.37 -7.19 -0.65
CA LYS A 99 -11.65 -7.85 -0.90
C LYS A 99 -11.47 -9.36 -1.05
N SER A 100 -10.30 -9.76 -1.53
CA SER A 100 -10.00 -11.18 -1.71
C SER A 100 -9.99 -11.91 -0.37
N GLN A 101 -9.37 -11.31 0.62
CA GLN A 101 -9.28 -11.90 1.95
C GLN A 101 -10.61 -12.52 2.35
N SER A 102 -11.70 -11.82 2.04
CA SER A 102 -13.03 -12.30 2.38
C SER A 102 -13.67 -13.03 1.19
N LEU A 103 -14.11 -14.26 1.44
CA LEU A 103 -14.73 -15.07 0.39
C LEU A 103 -16.19 -15.32 0.69
N THR A 104 -16.90 -15.92 -0.25
CA THR A 104 -18.31 -16.22 -0.09
C THR A 104 -18.64 -17.64 -0.54
N SER A 105 -19.46 -18.34 0.25
CA SER A 105 -19.84 -19.71 -0.06
C SER A 105 -20.85 -19.74 -1.21
N GLN A 106 -21.90 -18.93 -1.08
CA GLN A 106 -22.93 -18.87 -2.10
C GLN A 106 -22.33 -18.71 -3.49
N SER A 107 -22.70 -19.61 -4.40
CA SER A 107 -22.19 -19.58 -5.76
C SER A 107 -20.66 -19.57 -5.77
N GLN A 108 -20.07 -20.54 -5.05
CA GLN A 108 -18.63 -20.65 -4.98
C GLN A 108 -18.03 -20.97 -6.34
N ALA A 109 -17.02 -20.20 -6.74
CA ALA A 109 -16.36 -20.40 -8.02
C ALA A 109 -17.37 -20.41 -9.16
N SER A 110 -18.31 -19.46 -9.13
CA SER A 110 -19.33 -19.36 -10.15
C SER A 110 -19.10 -18.14 -11.05
N GLY A 111 -18.83 -18.40 -12.33
CA GLY A 111 -18.59 -17.31 -13.25
C GLY A 111 -19.83 -16.92 -14.02
N PRO A 112 -19.94 -15.63 -14.37
CA PRO A 112 -21.08 -15.10 -15.11
C PRO A 112 -21.13 -15.59 -16.55
N SER A 113 -22.30 -16.05 -16.97
CA SER A 113 -22.47 -16.56 -18.33
C SER A 113 -22.90 -15.45 -19.28
N SER A 114 -21.97 -14.98 -20.11
CA SER A 114 -22.25 -13.92 -21.05
C SER A 114 -23.21 -14.39 -22.13
N GLY A 115 -22.76 -15.35 -22.94
CA GLY A 115 -23.58 -15.87 -24.00
C GLY A 115 -24.42 -17.05 -23.55
N GLY A 1 -13.06 3.05 -12.61
CA GLY A 1 -12.24 1.86 -12.56
C GLY A 1 -12.50 0.92 -13.72
N SER A 2 -12.49 1.46 -14.94
CA SER A 2 -12.74 0.67 -16.14
C SER A 2 -11.68 -0.42 -16.29
N SER A 3 -12.11 -1.59 -16.76
CA SER A 3 -11.21 -2.72 -16.96
C SER A 3 -9.95 -2.28 -17.69
N GLY A 4 -8.84 -2.98 -17.42
CA GLY A 4 -7.58 -2.65 -18.07
C GLY A 4 -6.63 -3.83 -18.09
N SER A 5 -5.33 -3.52 -18.23
CA SER A 5 -4.31 -4.57 -18.28
C SER A 5 -4.31 -5.38 -16.98
N SER A 6 -3.60 -6.50 -17.01
CA SER A 6 -3.51 -7.37 -15.83
C SER A 6 -2.35 -6.95 -14.93
N GLY A 7 -2.65 -6.69 -13.66
CA GLY A 7 -1.62 -6.29 -12.72
C GLY A 7 -2.10 -6.33 -11.28
N LYS A 8 -1.59 -7.28 -10.52
CA LYS A 8 -1.97 -7.43 -9.12
C LYS A 8 -0.84 -7.00 -8.19
N VAL A 9 0.12 -6.28 -8.75
CA VAL A 9 1.27 -5.79 -7.99
C VAL A 9 1.74 -4.43 -8.48
N LYS A 10 2.71 -3.85 -7.78
CA LYS A 10 3.25 -2.55 -8.16
C LYS A 10 4.56 -2.27 -7.42
N SER A 11 5.43 -1.50 -8.04
CA SER A 11 6.72 -1.16 -7.45
C SER A 11 7.21 0.18 -7.97
N GLY A 12 7.59 1.06 -7.04
CA GLY A 12 8.08 2.38 -7.42
C GLY A 12 8.56 3.19 -6.24
N TRP A 13 9.26 4.28 -6.51
CA TRP A 13 9.77 5.14 -5.45
C TRP A 13 8.64 5.88 -4.75
N LEU A 14 8.30 5.43 -3.54
CA LEU A 14 7.23 6.05 -2.77
C LEU A 14 7.80 6.77 -1.54
N ASP A 15 7.20 7.91 -1.21
CA ASP A 15 7.63 8.70 -0.06
C ASP A 15 6.83 8.34 1.18
N LYS A 16 7.47 8.38 2.33
CA LYS A 16 6.81 8.06 3.60
C LYS A 16 6.95 9.21 4.59
N LEU A 17 5.87 9.47 5.34
CA LEU A 17 5.88 10.54 6.33
C LEU A 17 6.87 10.26 7.44
N SER A 18 8.09 10.78 7.30
CA SER A 18 9.13 10.56 8.29
C SER A 18 9.85 11.88 8.61
N PRO A 19 9.08 12.88 9.06
CA PRO A 19 9.62 14.20 9.40
C PRO A 19 10.48 14.16 10.67
N GLN A 20 11.70 14.68 10.55
CA GLN A 20 12.61 14.70 11.69
C GLN A 20 13.18 16.10 11.90
N GLY A 21 12.32 17.11 11.78
CA GLY A 21 12.75 18.48 11.97
C GLY A 21 12.75 19.26 10.67
N LYS A 22 13.88 19.24 9.97
CA LYS A 22 14.00 19.96 8.70
C LYS A 22 13.30 19.20 7.58
N ARG A 23 13.63 17.92 7.43
CA ARG A 23 13.03 17.09 6.40
C ARG A 23 11.59 16.74 6.75
N MET A 24 10.82 16.30 5.75
CA MET A 24 9.43 15.94 5.95
C MET A 24 9.17 14.50 5.49
N PHE A 25 9.47 14.23 4.22
CA PHE A 25 9.27 12.91 3.66
C PHE A 25 10.60 12.18 3.48
N GLN A 26 10.53 10.86 3.33
CA GLN A 26 11.74 10.05 3.15
C GLN A 26 11.54 9.02 2.05
N LYS A 27 12.43 9.04 1.06
CA LYS A 27 12.35 8.10 -0.06
C LYS A 27 12.79 6.71 0.38
N ARG A 28 11.91 5.73 0.18
CA ARG A 28 12.21 4.35 0.56
C ARG A 28 11.56 3.38 -0.43
N TRP A 29 12.39 2.58 -1.09
CA TRP A 29 11.90 1.60 -2.05
C TRP A 29 10.70 0.84 -1.49
N VAL A 30 9.74 0.54 -2.36
CA VAL A 30 8.54 -0.20 -1.95
C VAL A 30 8.12 -1.21 -3.01
N LYS A 31 7.59 -2.34 -2.57
CA LYS A 31 7.15 -3.38 -3.49
C LYS A 31 5.97 -4.15 -2.90
N PHE A 32 5.00 -4.49 -3.74
CA PHE A 32 3.83 -5.23 -3.31
C PHE A 32 3.65 -6.51 -4.13
N ASP A 33 3.16 -7.56 -3.48
CA ASP A 33 2.93 -8.84 -4.16
C ASP A 33 1.49 -9.31 -3.97
N GLY A 34 0.97 -9.14 -2.76
CA GLY A 34 -0.38 -9.54 -2.47
C GLY A 34 -0.59 -9.86 -1.01
N LEU A 35 0.45 -10.35 -0.36
CA LEU A 35 0.38 -10.70 1.06
C LEU A 35 0.68 -9.49 1.93
N SER A 36 1.77 -8.80 1.62
CA SER A 36 2.18 -7.62 2.38
C SER A 36 3.02 -6.68 1.52
N ILE A 37 3.37 -5.53 2.08
CA ILE A 37 4.17 -4.54 1.37
C ILE A 37 5.59 -4.47 1.93
N SER A 38 6.57 -4.86 1.14
CA SER A 38 7.96 -4.83 1.57
C SER A 38 8.66 -3.59 1.04
N TYR A 39 9.15 -2.76 1.96
CA TYR A 39 9.85 -1.54 1.60
C TYR A 39 11.24 -1.49 2.22
N TYR A 40 12.25 -1.35 1.37
CA TYR A 40 13.65 -1.30 1.84
C TYR A 40 14.30 0.03 1.46
N ASN A 41 15.47 0.28 2.03
CA ASN A 41 16.20 1.51 1.74
C ASN A 41 16.81 1.47 0.34
N ASN A 42 17.33 2.61 -0.10
CA ASN A 42 17.93 2.71 -1.43
C ASN A 42 19.46 2.73 -1.32
N GLU A 43 19.97 3.68 -0.54
CA GLU A 43 21.41 3.80 -0.35
C GLU A 43 21.85 3.17 0.96
N LYS A 44 21.08 3.41 2.01
CA LYS A 44 21.39 2.85 3.33
C LYS A 44 21.26 1.34 3.32
N GLU A 45 22.32 0.66 2.91
CA GLU A 45 22.32 -0.80 2.86
C GLU A 45 22.29 -1.40 4.26
N MET A 46 21.09 -1.71 4.75
CA MET A 46 20.93 -2.28 6.08
C MET A 46 19.80 -3.31 6.09
N TYR A 47 19.70 -4.05 7.19
CA TYR A 47 18.67 -5.07 7.33
C TYR A 47 17.40 -4.48 7.94
N SER A 48 17.04 -3.27 7.49
CA SER A 48 15.85 -2.60 7.99
C SER A 48 14.62 -3.48 7.84
N LYS A 49 14.00 -3.84 8.95
CA LYS A 49 12.81 -4.68 8.94
C LYS A 49 11.55 -3.83 8.83
N GLY A 50 11.19 -3.46 7.61
CA GLY A 50 10.00 -2.66 7.40
C GLY A 50 9.01 -3.32 6.44
N ILE A 51 7.92 -3.83 6.99
CA ILE A 51 6.91 -4.49 6.19
C ILE A 51 5.51 -4.21 6.73
N ILE A 52 4.51 -4.23 5.85
CA ILE A 52 3.14 -3.98 6.24
C ILE A 52 2.22 -5.11 5.77
N PRO A 53 1.67 -5.86 6.73
CA PRO A 53 0.77 -6.98 6.45
C PRO A 53 -0.58 -6.51 5.91
N LEU A 54 -0.95 -7.03 4.75
CA LEU A 54 -2.23 -6.67 4.12
C LEU A 54 -3.36 -6.70 5.14
N SER A 55 -3.34 -7.71 6.02
CA SER A 55 -4.37 -7.86 7.03
C SER A 55 -4.47 -6.60 7.89
N ALA A 56 -3.32 -6.04 8.27
CA ALA A 56 -3.28 -4.84 9.08
C ALA A 56 -4.07 -3.71 8.43
N ILE A 57 -3.84 -3.50 7.14
CA ILE A 57 -4.53 -2.44 6.41
C ILE A 57 -6.04 -2.56 6.59
N SER A 58 -6.64 -1.57 7.25
CA SER A 58 -8.08 -1.56 7.48
C SER A 58 -8.81 -0.91 6.31
N THR A 59 -8.43 0.32 6.00
CA THR A 59 -9.06 1.05 4.90
C THR A 59 -8.07 2.02 4.25
N VAL A 60 -8.47 2.58 3.11
CA VAL A 60 -7.62 3.53 2.40
C VAL A 60 -8.43 4.70 1.87
N ARG A 61 -7.84 5.89 1.92
CA ARG A 61 -8.51 7.10 1.45
C ARG A 61 -7.50 8.12 0.94
N VAL A 62 -7.74 8.64 -0.26
CA VAL A 62 -6.85 9.63 -0.85
C VAL A 62 -6.88 10.95 -0.08
N GLN A 63 -5.70 11.46 0.24
CA GLN A 63 -5.59 12.71 0.98
C GLN A 63 -4.71 13.71 0.24
N GLY A 64 -5.04 14.99 0.37
CA GLY A 64 -4.26 16.03 -0.30
C GLY A 64 -4.15 15.79 -1.79
N ASP A 65 -2.98 16.07 -2.34
CA ASP A 65 -2.74 15.88 -3.77
C ASP A 65 -1.71 14.79 -4.01
N ASN A 66 -2.01 13.89 -4.94
CA ASN A 66 -1.12 12.79 -5.28
C ASN A 66 -0.64 12.09 -4.01
N LYS A 67 -1.55 11.87 -3.07
CA LYS A 67 -1.22 11.20 -1.81
C LYS A 67 -2.41 10.39 -1.31
N PHE A 68 -2.13 9.46 -0.39
CA PHE A 68 -3.18 8.61 0.17
C PHE A 68 -2.83 8.19 1.60
N GLU A 69 -3.84 7.86 2.38
CA GLU A 69 -3.64 7.44 3.76
C GLU A 69 -3.93 5.96 3.94
N VAL A 70 -2.93 5.22 4.40
CA VAL A 70 -3.08 3.78 4.60
C VAL A 70 -3.32 3.46 6.08
N VAL A 71 -4.59 3.37 6.46
CA VAL A 71 -4.96 3.07 7.84
C VAL A 71 -4.79 1.59 8.14
N THR A 72 -4.21 1.28 9.30
CA THR A 72 -3.98 -0.10 9.71
C THR A 72 -4.99 -0.53 10.76
N THR A 73 -4.89 -1.78 11.19
CA THR A 73 -5.79 -2.31 12.20
C THR A 73 -6.09 -1.28 13.28
N GLN A 74 -5.06 -0.52 13.65
CA GLN A 74 -5.21 0.50 14.68
C GLN A 74 -4.54 1.80 14.25
N ARG A 75 -3.22 1.76 14.06
CA ARG A 75 -2.46 2.93 13.65
C ARG A 75 -2.80 3.32 12.22
N THR A 76 -2.21 4.42 11.75
CA THR A 76 -2.45 4.89 10.40
C THR A 76 -1.16 5.38 9.75
N PHE A 77 -0.92 4.95 8.52
CA PHE A 77 0.28 5.34 7.80
C PHE A 77 -0.06 6.29 6.65
N VAL A 78 0.97 6.86 6.03
CA VAL A 78 0.79 7.79 4.92
C VAL A 78 1.83 7.57 3.84
N PHE A 79 1.42 7.74 2.58
CA PHE A 79 2.32 7.57 1.46
C PHE A 79 2.07 8.61 0.38
N ARG A 80 3.02 8.78 -0.53
CA ARG A 80 2.90 9.75 -1.61
C ARG A 80 3.41 9.16 -2.93
N VAL A 81 2.67 9.41 -4.00
CA VAL A 81 3.04 8.91 -5.31
C VAL A 81 3.80 9.97 -6.11
N GLU A 82 4.23 9.60 -7.31
CA GLU A 82 4.96 10.53 -8.16
C GLU A 82 4.14 10.90 -9.39
N LYS A 83 3.13 10.10 -9.69
CA LYS A 83 2.26 10.34 -10.84
C LYS A 83 0.79 10.20 -10.45
N GLU A 84 -0.09 10.78 -11.26
CA GLU A 84 -1.52 10.72 -10.99
C GLU A 84 -2.03 9.28 -11.08
N GLU A 85 -1.76 8.63 -12.21
CA GLU A 85 -2.19 7.25 -12.42
C GLU A 85 -1.71 6.36 -11.28
N GLU A 86 -0.50 6.61 -10.80
CA GLU A 86 0.07 5.83 -9.72
C GLU A 86 -0.86 5.79 -8.52
N ARG A 87 -1.43 6.94 -8.17
CA ARG A 87 -2.35 7.03 -7.04
C ARG A 87 -3.46 5.99 -7.15
N ASN A 88 -4.22 6.06 -8.24
CA ASN A 88 -5.32 5.13 -8.47
C ASN A 88 -4.81 3.69 -8.52
N ASP A 89 -3.73 3.48 -9.27
CA ASP A 89 -3.15 2.14 -9.39
C ASP A 89 -2.86 1.54 -8.02
N TRP A 90 -2.04 2.23 -7.23
CA TRP A 90 -1.70 1.76 -5.90
C TRP A 90 -2.95 1.41 -5.10
N ILE A 91 -3.76 2.43 -4.83
CA ILE A 91 -4.99 2.24 -4.06
C ILE A 91 -5.78 1.04 -4.59
N SER A 92 -6.13 1.10 -5.88
CA SER A 92 -6.89 0.02 -6.51
C SER A 92 -6.32 -1.34 -6.13
N ILE A 93 -5.00 -1.49 -6.27
CA ILE A 93 -4.34 -2.74 -5.94
C ILE A 93 -4.62 -3.16 -4.50
N LEU A 94 -4.40 -2.23 -3.57
CA LEU A 94 -4.64 -2.51 -2.16
C LEU A 94 -6.08 -2.93 -1.92
N LEU A 95 -7.01 -2.09 -2.35
CA LEU A 95 -8.43 -2.38 -2.19
C LEU A 95 -8.79 -3.75 -2.78
N ASN A 96 -8.33 -3.99 -4.00
CA ASN A 96 -8.60 -5.26 -4.67
C ASN A 96 -8.22 -6.44 -3.78
N ALA A 97 -7.05 -6.34 -3.14
CA ALA A 97 -6.58 -7.40 -2.25
C ALA A 97 -7.56 -7.62 -1.10
N LEU A 98 -7.91 -6.54 -0.40
CA LEU A 98 -8.83 -6.62 0.72
C LEU A 98 -10.09 -7.39 0.34
N LYS A 99 -10.58 -7.14 -0.87
CA LYS A 99 -11.79 -7.80 -1.36
C LYS A 99 -11.56 -9.31 -1.47
N SER A 100 -10.41 -9.69 -2.02
CA SER A 100 -10.09 -11.11 -2.18
C SER A 100 -10.01 -11.81 -0.83
N GLN A 101 -9.12 -11.33 0.03
CA GLN A 101 -8.95 -11.91 1.36
C GLN A 101 -10.28 -11.99 2.10
N SER A 102 -11.05 -10.91 2.03
CA SER A 102 -12.34 -10.86 2.69
C SER A 102 -13.05 -12.21 2.63
N LEU A 103 -12.99 -12.85 1.46
CA LEU A 103 -13.61 -14.15 1.27
C LEU A 103 -13.17 -15.14 2.35
N THR A 104 -14.13 -15.77 3.00
CA THR A 104 -13.84 -16.73 4.06
C THR A 104 -12.77 -16.20 5.01
N SER A 105 -12.90 -14.93 5.38
CA SER A 105 -11.94 -14.31 6.29
C SER A 105 -12.38 -14.45 7.73
N GLN A 106 -11.49 -14.13 8.66
CA GLN A 106 -11.78 -14.23 10.08
C GLN A 106 -11.43 -12.92 10.80
N SER A 107 -12.43 -12.07 10.96
CA SER A 107 -12.23 -10.78 11.62
C SER A 107 -13.09 -10.69 12.88
N GLN A 108 -12.50 -11.00 14.03
CA GLN A 108 -13.21 -10.95 15.29
C GLN A 108 -12.25 -11.16 16.47
N ALA A 109 -12.80 -11.09 17.69
CA ALA A 109 -11.99 -11.28 18.88
C ALA A 109 -12.52 -12.43 19.73
N SER A 110 -12.91 -13.52 19.07
CA SER A 110 -13.44 -14.68 19.76
C SER A 110 -14.56 -14.28 20.72
N GLY A 111 -15.44 -13.40 20.25
CA GLY A 111 -16.54 -12.95 21.09
C GLY A 111 -17.08 -11.59 20.65
N PRO A 112 -18.06 -11.61 19.74
CA PRO A 112 -18.67 -10.38 19.22
C PRO A 112 -19.52 -9.67 20.27
N SER A 113 -19.13 -8.45 20.62
CA SER A 113 -19.85 -7.67 21.62
C SER A 113 -21.02 -6.93 20.98
N SER A 114 -22.23 -7.24 21.42
CA SER A 114 -23.43 -6.62 20.90
C SER A 114 -24.42 -6.31 22.02
N GLY A 115 -25.22 -5.25 21.83
CA GLY A 115 -26.19 -4.88 22.83
C GLY A 115 -27.36 -4.12 22.23
N GLY A 1 -17.86 0.38 -7.95
CA GLY A 1 -17.24 0.43 -9.26
C GLY A 1 -15.78 0.05 -9.23
N SER A 2 -15.31 -0.62 -10.30
CA SER A 2 -13.93 -1.05 -10.38
C SER A 2 -13.42 -0.96 -11.81
N SER A 3 -12.14 -0.62 -11.96
CA SER A 3 -11.53 -0.49 -13.28
C SER A 3 -10.90 -1.81 -13.71
N GLY A 4 -10.52 -1.88 -14.99
CA GLY A 4 -9.91 -3.09 -15.51
C GLY A 4 -8.43 -2.93 -15.78
N SER A 5 -7.60 -3.41 -14.85
CA SER A 5 -6.16 -3.31 -14.99
C SER A 5 -5.52 -4.70 -14.98
N SER A 6 -4.26 -4.76 -15.43
CA SER A 6 -3.53 -6.02 -15.47
C SER A 6 -2.40 -6.03 -14.45
N GLY A 7 -2.24 -7.15 -13.76
CA GLY A 7 -1.19 -7.27 -12.76
C GLY A 7 -1.70 -7.01 -11.36
N LYS A 8 -1.37 -7.92 -10.44
CA LYS A 8 -1.80 -7.79 -9.05
C LYS A 8 -0.64 -7.34 -8.17
N VAL A 9 0.44 -6.89 -8.81
CA VAL A 9 1.61 -6.42 -8.08
C VAL A 9 2.06 -5.05 -8.57
N LYS A 10 2.88 -4.37 -7.77
CA LYS A 10 3.38 -3.05 -8.12
C LYS A 10 4.60 -2.70 -7.29
N SER A 11 5.49 -1.90 -7.88
CA SER A 11 6.71 -1.48 -7.19
C SER A 11 7.22 -0.15 -7.75
N GLY A 12 7.46 0.81 -6.86
CA GLY A 12 7.95 2.11 -7.28
C GLY A 12 8.50 2.92 -6.12
N TRP A 13 9.16 4.01 -6.44
CA TRP A 13 9.74 4.89 -5.42
C TRP A 13 8.66 5.74 -4.76
N LEU A 14 8.32 5.40 -3.52
CA LEU A 14 7.30 6.14 -2.77
C LEU A 14 7.93 6.98 -1.67
N ASP A 15 7.19 7.96 -1.19
CA ASP A 15 7.68 8.84 -0.12
C ASP A 15 6.78 8.74 1.11
N LYS A 16 7.38 8.38 2.25
CA LYS A 16 6.65 8.26 3.50
C LYS A 16 6.92 9.44 4.41
N LEU A 17 6.01 9.67 5.36
CA LEU A 17 6.15 10.77 6.30
C LEU A 17 6.69 10.28 7.64
N SER A 18 8.00 10.04 7.70
CA SER A 18 8.63 9.56 8.92
C SER A 18 8.44 10.56 10.06
N PRO A 19 8.91 11.79 9.84
CA PRO A 19 8.80 12.87 10.84
C PRO A 19 7.36 13.33 11.03
N GLN A 20 7.00 13.63 12.28
CA GLN A 20 5.65 14.09 12.59
C GLN A 20 5.53 15.59 12.39
N GLY A 21 4.38 16.02 11.86
CA GLY A 21 4.16 17.43 11.62
C GLY A 21 5.39 18.13 11.05
N LYS A 22 5.83 17.68 9.88
CA LYS A 22 7.00 18.27 9.24
C LYS A 22 6.97 18.01 7.73
N ARG A 23 7.30 19.05 6.96
CA ARG A 23 7.32 18.95 5.51
C ARG A 23 8.55 18.21 5.03
N MET A 24 8.55 16.88 5.17
CA MET A 24 9.67 16.06 4.75
C MET A 24 9.29 14.58 4.73
N PHE A 25 9.60 13.91 3.62
CA PHE A 25 9.29 12.49 3.48
C PHE A 25 10.54 11.69 3.11
N GLN A 26 10.60 10.45 3.58
CA GLN A 26 11.74 9.58 3.31
C GLN A 26 11.57 8.88 1.98
N LYS A 27 12.69 8.59 1.31
CA LYS A 27 12.68 7.92 0.03
C LYS A 27 13.19 6.49 0.15
N ARG A 28 12.27 5.53 0.16
CA ARG A 28 12.63 4.13 0.28
C ARG A 28 11.93 3.29 -0.79
N TRP A 29 12.59 2.21 -1.20
CA TRP A 29 12.03 1.33 -2.23
C TRP A 29 10.88 0.51 -1.68
N VAL A 30 9.78 0.46 -2.41
CA VAL A 30 8.59 -0.29 -2.00
C VAL A 30 8.21 -1.33 -3.04
N LYS A 31 7.59 -2.42 -2.59
CA LYS A 31 7.18 -3.49 -3.48
C LYS A 31 5.95 -4.20 -2.93
N PHE A 32 5.02 -4.54 -3.82
CA PHE A 32 3.80 -5.24 -3.42
C PHE A 32 3.70 -6.59 -4.10
N ASP A 33 3.54 -7.64 -3.29
CA ASP A 33 3.43 -9.00 -3.82
C ASP A 33 1.98 -9.47 -3.80
N GLY A 34 1.08 -8.60 -3.35
CA GLY A 34 -0.32 -8.95 -3.28
C GLY A 34 -0.76 -9.37 -1.88
N LEU A 35 0.22 -9.76 -1.06
CA LEU A 35 -0.07 -10.17 0.31
C LEU A 35 0.32 -9.09 1.30
N SER A 36 1.47 -8.46 1.07
CA SER A 36 1.97 -7.40 1.94
C SER A 36 2.86 -6.44 1.18
N ILE A 37 3.08 -5.27 1.76
CA ILE A 37 3.93 -4.25 1.13
C ILE A 37 5.28 -4.16 1.83
N SER A 38 6.28 -4.78 1.23
CA SER A 38 7.63 -4.76 1.80
C SER A 38 8.48 -3.67 1.15
N TYR A 39 9.06 -2.82 1.98
CA TYR A 39 9.89 -1.72 1.49
C TYR A 39 11.31 -1.83 2.06
N TYR A 40 12.30 -1.72 1.19
CA TYR A 40 13.69 -1.80 1.61
C TYR A 40 14.43 -0.50 1.28
N ASN A 41 15.72 -0.47 1.58
CA ASN A 41 16.55 0.71 1.33
C ASN A 41 17.64 0.41 0.30
N ASN A 42 17.51 1.01 -0.87
CA ASN A 42 18.48 0.80 -1.94
C ASN A 42 19.90 1.12 -1.46
N GLU A 43 20.69 0.07 -1.24
CA GLU A 43 22.06 0.24 -0.78
C GLU A 43 22.79 -1.10 -0.75
N LYS A 44 24.12 -1.04 -0.76
CA LYS A 44 24.94 -2.24 -0.74
C LYS A 44 25.04 -2.82 0.67
N GLU A 45 23.91 -3.33 1.16
CA GLU A 45 23.87 -3.92 2.50
C GLU A 45 22.72 -4.91 2.62
N MET A 46 22.87 -5.87 3.53
CA MET A 46 21.84 -6.89 3.74
C MET A 46 20.99 -6.53 4.95
N TYR A 47 19.88 -5.84 4.72
CA TYR A 47 18.98 -5.44 5.79
C TYR A 47 17.54 -5.44 5.31
N SER A 48 16.72 -6.30 5.91
CA SER A 48 15.31 -6.39 5.55
C SER A 48 14.41 -6.18 6.77
N LYS A 49 13.86 -4.99 6.87
CA LYS A 49 12.98 -4.65 7.99
C LYS A 49 12.02 -3.52 7.62
N GLY A 50 10.75 -3.87 7.43
CA GLY A 50 9.76 -2.88 7.06
C GLY A 50 8.75 -3.40 6.07
N ILE A 51 7.66 -3.95 6.58
CA ILE A 51 6.60 -4.50 5.72
C ILE A 51 5.23 -4.31 6.35
N ILE A 52 4.24 -4.02 5.52
CA ILE A 52 2.87 -3.82 5.99
C ILE A 52 1.95 -4.93 5.51
N PRO A 53 1.43 -5.74 6.45
CA PRO A 53 0.53 -6.85 6.14
C PRO A 53 -0.83 -6.36 5.66
N LEU A 54 -1.25 -6.85 4.50
CA LEU A 54 -2.54 -6.47 3.94
C LEU A 54 -3.64 -6.56 4.98
N SER A 55 -3.50 -7.52 5.90
CA SER A 55 -4.49 -7.72 6.96
C SER A 55 -4.62 -6.47 7.82
N ALA A 56 -3.49 -5.80 8.05
CA ALA A 56 -3.49 -4.59 8.86
C ALA A 56 -4.36 -3.50 8.24
N ILE A 57 -4.24 -3.34 6.92
CA ILE A 57 -5.03 -2.34 6.20
C ILE A 57 -6.52 -2.53 6.44
N SER A 58 -7.12 -1.59 7.15
CA SER A 58 -8.55 -1.66 7.43
C SER A 58 -9.36 -0.91 6.38
N THR A 59 -8.75 0.14 5.82
CA THR A 59 -9.42 0.94 4.80
C THR A 59 -8.45 1.92 4.15
N VAL A 60 -8.71 2.27 2.90
CA VAL A 60 -7.87 3.19 2.16
C VAL A 60 -8.67 4.39 1.66
N ARG A 61 -8.04 5.56 1.70
CA ARG A 61 -8.69 6.78 1.24
C ARG A 61 -7.71 7.69 0.52
N VAL A 62 -8.18 8.36 -0.54
CA VAL A 62 -7.35 9.26 -1.32
C VAL A 62 -7.22 10.62 -0.63
N GLN A 63 -6.08 11.28 -0.85
CA GLN A 63 -5.83 12.59 -0.26
C GLN A 63 -5.91 13.68 -1.32
N GLY A 64 -6.34 14.87 -0.91
CA GLY A 64 -6.46 15.98 -1.83
C GLY A 64 -5.12 16.63 -2.12
N ASP A 65 -4.05 15.96 -1.73
CA ASP A 65 -2.69 16.48 -1.95
C ASP A 65 -1.79 15.41 -2.54
N ASN A 66 -2.10 14.97 -3.76
CA ASN A 66 -1.32 13.95 -4.43
C ASN A 66 -0.81 12.92 -3.44
N LYS A 67 -1.62 12.60 -2.44
CA LYS A 67 -1.26 11.62 -1.43
C LYS A 67 -2.44 10.74 -1.06
N PHE A 68 -2.21 9.75 -0.19
CA PHE A 68 -3.25 8.84 0.23
C PHE A 68 -2.98 8.32 1.64
N GLU A 69 -4.05 8.16 2.42
CA GLU A 69 -3.92 7.67 3.79
C GLU A 69 -4.26 6.19 3.87
N VAL A 70 -3.41 5.43 4.57
CA VAL A 70 -3.62 4.00 4.73
C VAL A 70 -3.86 3.64 6.18
N VAL A 71 -5.11 3.29 6.51
CA VAL A 71 -5.48 2.91 7.87
C VAL A 71 -5.03 1.49 8.19
N THR A 72 -4.26 1.34 9.26
CA THR A 72 -3.76 0.03 9.67
C THR A 72 -3.97 -0.18 11.17
N THR A 73 -3.87 -1.44 11.60
CA THR A 73 -4.04 -1.78 13.00
C THR A 73 -3.06 -1.00 13.88
N GLN A 74 -1.77 -1.20 13.65
CA GLN A 74 -0.73 -0.52 14.42
C GLN A 74 -1.04 0.97 14.53
N ARG A 75 -0.98 1.67 13.40
CA ARG A 75 -1.25 3.10 13.37
C ARG A 75 -1.44 3.60 11.94
N THR A 76 -2.25 4.65 11.78
CA THR A 76 -2.51 5.21 10.47
C THR A 76 -1.22 5.72 9.82
N PHE A 77 -1.03 5.39 8.55
CA PHE A 77 0.15 5.82 7.80
C PHE A 77 -0.22 6.81 6.71
N VAL A 78 0.79 7.43 6.11
CA VAL A 78 0.58 8.39 5.04
C VAL A 78 1.71 8.33 4.02
N PHE A 79 1.38 7.90 2.81
CA PHE A 79 2.36 7.79 1.73
C PHE A 79 2.15 8.89 0.70
N ARG A 80 3.09 9.00 -0.24
CA ARG A 80 3.02 10.01 -1.29
C ARG A 80 3.51 9.45 -2.61
N VAL A 81 2.95 9.97 -3.71
CA VAL A 81 3.35 9.53 -5.05
C VAL A 81 3.84 10.70 -5.88
N GLU A 82 4.35 10.39 -7.08
CA GLU A 82 4.86 11.41 -7.98
C GLU A 82 3.83 11.77 -9.05
N LYS A 83 3.07 10.76 -9.48
CA LYS A 83 2.04 10.96 -10.50
C LYS A 83 0.66 10.62 -9.95
N GLU A 84 -0.36 11.29 -10.46
CA GLU A 84 -1.73 11.05 -10.02
C GLU A 84 -2.15 9.62 -10.31
N GLU A 85 -1.86 9.16 -11.53
CA GLU A 85 -2.21 7.80 -11.94
C GLU A 85 -1.71 6.78 -10.92
N GLU A 86 -0.47 6.97 -10.46
CA GLU A 86 0.13 6.07 -9.49
C GLU A 86 -0.73 5.97 -8.23
N ARG A 87 -1.21 7.13 -7.76
CA ARG A 87 -2.04 7.17 -6.56
C ARG A 87 -3.20 6.21 -6.67
N ASN A 88 -3.97 6.31 -7.76
CA ASN A 88 -5.11 5.45 -7.98
C ASN A 88 -4.68 4.00 -8.17
N ASP A 89 -3.64 3.80 -8.98
CA ASP A 89 -3.12 2.47 -9.25
C ASP A 89 -2.81 1.74 -7.94
N TRP A 90 -1.93 2.33 -7.14
CA TRP A 90 -1.55 1.72 -5.86
C TRP A 90 -2.78 1.26 -5.09
N ILE A 91 -3.61 2.21 -4.68
CA ILE A 91 -4.82 1.91 -3.93
C ILE A 91 -5.62 0.81 -4.60
N SER A 92 -6.05 1.07 -5.83
CA SER A 92 -6.83 0.10 -6.58
C SER A 92 -6.32 -1.32 -6.36
N ILE A 93 -4.99 -1.46 -6.35
CA ILE A 93 -4.37 -2.76 -6.14
C ILE A 93 -4.62 -3.27 -4.73
N LEU A 94 -4.56 -2.35 -3.76
CA LEU A 94 -4.79 -2.71 -2.37
C LEU A 94 -6.24 -3.14 -2.14
N LEU A 95 -7.16 -2.27 -2.52
CA LEU A 95 -8.59 -2.56 -2.36
C LEU A 95 -8.95 -3.89 -3.02
N ASN A 96 -8.44 -4.11 -4.23
CA ASN A 96 -8.71 -5.34 -4.96
C ASN A 96 -8.24 -6.56 -4.19
N ALA A 97 -7.07 -6.44 -3.57
CA ALA A 97 -6.50 -7.53 -2.78
C ALA A 97 -7.29 -7.74 -1.50
N LEU A 98 -7.69 -6.65 -0.86
CA LEU A 98 -8.45 -6.71 0.38
C LEU A 98 -9.70 -7.56 0.21
N LYS A 99 -10.41 -7.35 -0.90
CA LYS A 99 -11.62 -8.10 -1.18
C LYS A 99 -11.41 -9.60 -0.97
N SER A 100 -10.15 -10.03 -1.12
CA SER A 100 -9.81 -11.44 -0.94
C SER A 100 -9.83 -11.82 0.53
N GLN A 101 -9.12 -11.05 1.35
CA GLN A 101 -9.05 -11.30 2.79
C GLN A 101 -10.37 -10.94 3.46
N SER A 102 -11.30 -10.40 2.69
CA SER A 102 -12.60 -10.01 3.22
C SER A 102 -13.61 -11.14 3.08
N LEU A 103 -13.73 -11.94 4.14
CA LEU A 103 -14.67 -13.06 4.15
C LEU A 103 -15.39 -13.16 5.49
N THR A 104 -16.42 -14.01 5.54
CA THR A 104 -17.19 -14.20 6.76
C THR A 104 -17.25 -12.92 7.57
N SER A 105 -17.45 -11.80 6.89
CA SER A 105 -17.54 -10.50 7.55
C SER A 105 -18.99 -10.07 7.72
N GLN A 106 -19.20 -8.98 8.43
CA GLN A 106 -20.54 -8.46 8.67
C GLN A 106 -21.04 -7.66 7.47
N SER A 107 -21.06 -8.31 6.31
CA SER A 107 -21.52 -7.65 5.09
C SER A 107 -21.70 -8.67 3.97
N GLN A 108 -22.45 -8.28 2.94
CA GLN A 108 -22.71 -9.16 1.80
C GLN A 108 -21.90 -8.72 0.58
N ALA A 109 -20.71 -9.29 0.44
CA ALA A 109 -19.84 -8.97 -0.69
C ALA A 109 -19.31 -10.22 -1.36
N SER A 110 -20.05 -10.73 -2.34
CA SER A 110 -19.65 -11.93 -3.05
C SER A 110 -18.36 -11.70 -3.83
N GLY A 111 -17.35 -12.52 -3.55
CA GLY A 111 -16.07 -12.39 -4.24
C GLY A 111 -15.85 -13.49 -5.26
N PRO A 112 -15.18 -13.14 -6.36
CA PRO A 112 -14.87 -14.10 -7.43
C PRO A 112 -13.85 -15.15 -7.02
N SER A 113 -13.98 -16.35 -7.58
CA SER A 113 -13.06 -17.43 -7.26
C SER A 113 -11.69 -17.20 -7.89
N SER A 114 -10.73 -16.77 -7.07
CA SER A 114 -9.39 -16.51 -7.54
C SER A 114 -8.37 -17.44 -6.88
N GLY A 115 -8.46 -17.56 -5.56
CA GLY A 115 -7.56 -18.42 -4.83
C GLY A 115 -7.30 -17.93 -3.42
N GLY A 1 -19.48 -12.71 -19.25
CA GLY A 1 -18.74 -11.51 -18.86
C GLY A 1 -17.30 -11.82 -18.52
N SER A 2 -16.49 -12.09 -19.54
CA SER A 2 -15.08 -12.41 -19.33
C SER A 2 -14.25 -11.13 -19.20
N SER A 3 -14.03 -10.70 -17.96
CA SER A 3 -13.25 -9.50 -17.70
C SER A 3 -11.87 -9.84 -17.17
N GLY A 4 -10.85 -9.53 -17.96
CA GLY A 4 -9.48 -9.82 -17.56
C GLY A 4 -8.72 -8.57 -17.17
N SER A 5 -8.06 -8.62 -16.01
CA SER A 5 -7.29 -7.48 -15.52
C SER A 5 -5.97 -7.94 -14.92
N SER A 6 -4.87 -7.59 -15.58
CA SER A 6 -3.54 -7.96 -15.13
C SER A 6 -2.93 -6.86 -14.26
N GLY A 7 -1.80 -7.15 -13.63
CA GLY A 7 -1.14 -6.18 -12.79
C GLY A 7 -1.61 -6.24 -11.35
N LYS A 8 -1.35 -7.36 -10.69
CA LYS A 8 -1.75 -7.54 -9.30
C LYS A 8 -0.65 -7.07 -8.35
N VAL A 9 0.40 -6.49 -8.91
CA VAL A 9 1.52 -5.99 -8.12
C VAL A 9 1.97 -4.62 -8.60
N LYS A 10 2.87 -4.00 -7.84
CA LYS A 10 3.39 -2.69 -8.19
C LYS A 10 4.54 -2.30 -7.28
N SER A 11 5.50 -1.55 -7.83
CA SER A 11 6.66 -1.11 -7.05
C SER A 11 7.19 0.22 -7.58
N GLY A 12 7.69 1.05 -6.67
CA GLY A 12 8.21 2.35 -7.05
C GLY A 12 8.61 3.19 -5.85
N TRP A 13 9.44 4.20 -6.09
CA TRP A 13 9.90 5.08 -5.03
C TRP A 13 8.74 5.88 -4.44
N LEU A 14 8.49 5.68 -3.14
CA LEU A 14 7.40 6.38 -2.46
C LEU A 14 7.93 7.15 -1.26
N ASP A 15 7.52 8.41 -1.14
CA ASP A 15 7.95 9.26 -0.04
C ASP A 15 7.21 8.89 1.25
N LYS A 16 7.88 8.12 2.11
CA LYS A 16 7.29 7.70 3.37
C LYS A 16 7.57 8.71 4.46
N LEU A 17 6.62 8.87 5.37
CA LEU A 17 6.76 9.81 6.48
C LEU A 17 7.07 9.08 7.79
N SER A 18 8.29 8.56 7.90
CA SER A 18 8.70 7.82 9.09
C SER A 18 8.88 8.77 10.27
N PRO A 19 9.79 9.75 10.12
CA PRO A 19 10.06 10.74 11.15
C PRO A 19 8.91 11.71 11.36
N GLN A 20 8.90 12.37 12.52
CA GLN A 20 7.85 13.33 12.85
C GLN A 20 8.44 14.67 13.25
N GLY A 21 7.66 15.73 13.06
CA GLY A 21 8.13 17.06 13.41
C GLY A 21 8.42 17.91 12.19
N LYS A 22 9.46 17.56 11.45
CA LYS A 22 9.84 18.29 10.25
C LYS A 22 9.00 17.85 9.05
N ARG A 23 9.11 18.60 7.96
CA ARG A 23 8.36 18.29 6.75
C ARG A 23 9.10 17.27 5.89
N MET A 24 10.41 17.47 5.76
CA MET A 24 11.24 16.57 4.97
C MET A 24 10.75 15.13 5.09
N PHE A 25 10.52 14.49 3.95
CA PHE A 25 10.05 13.11 3.93
C PHE A 25 11.22 12.14 3.83
N GLN A 26 10.91 10.84 3.88
CA GLN A 26 11.94 9.81 3.79
C GLN A 26 11.74 8.93 2.57
N LYS A 27 12.74 8.91 1.69
CA LYS A 27 12.66 8.12 0.47
C LYS A 27 13.02 6.66 0.75
N ARG A 28 12.07 5.77 0.51
CA ARG A 28 12.28 4.34 0.73
C ARG A 28 11.55 3.51 -0.32
N TRP A 29 12.24 2.53 -0.87
CA TRP A 29 11.66 1.65 -1.88
C TRP A 29 10.47 0.88 -1.33
N VAL A 30 9.43 0.75 -2.14
CA VAL A 30 8.23 0.02 -1.72
C VAL A 30 7.75 -0.93 -2.81
N LYS A 31 7.39 -2.14 -2.41
CA LYS A 31 6.90 -3.14 -3.35
C LYS A 31 5.75 -3.95 -2.75
N PHE A 32 4.88 -4.46 -3.62
CA PHE A 32 3.73 -5.23 -3.18
C PHE A 32 3.67 -6.57 -3.92
N ASP A 33 3.16 -7.59 -3.23
CA ASP A 33 3.04 -8.92 -3.83
C ASP A 33 1.60 -9.41 -3.79
N GLY A 34 0.93 -9.18 -2.66
CA GLY A 34 -0.45 -9.60 -2.53
C GLY A 34 -0.83 -9.89 -1.08
N LEU A 35 0.18 -10.17 -0.26
CA LEU A 35 -0.05 -10.47 1.15
C LEU A 35 0.38 -9.30 2.03
N SER A 36 1.53 -8.70 1.70
CA SER A 36 2.06 -7.58 2.47
C SER A 36 2.95 -6.70 1.59
N ILE A 37 3.27 -5.52 2.09
CA ILE A 37 4.13 -4.60 1.37
C ILE A 37 5.53 -4.55 1.96
N SER A 38 6.52 -4.97 1.19
CA SER A 38 7.91 -4.97 1.65
C SER A 38 8.63 -3.71 1.19
N TYR A 39 9.00 -2.86 2.14
CA TYR A 39 9.70 -1.62 1.83
C TYR A 39 11.09 -1.61 2.45
N TYR A 40 12.10 -1.38 1.63
CA TYR A 40 13.48 -1.35 2.10
C TYR A 40 14.07 0.05 1.95
N ASN A 41 15.24 0.25 2.56
CA ASN A 41 15.91 1.55 2.49
C ASN A 41 16.71 1.69 1.20
N ASN A 42 16.49 2.80 0.50
CA ASN A 42 17.19 3.05 -0.76
C ASN A 42 18.61 2.49 -0.72
N GLU A 43 19.26 2.64 0.42
CA GLU A 43 20.63 2.14 0.59
C GLU A 43 20.63 0.72 1.13
N LYS A 44 20.15 0.56 2.36
CA LYS A 44 20.10 -0.75 3.00
C LYS A 44 18.95 -1.58 2.44
N GLU A 45 19.24 -2.39 1.43
CA GLU A 45 18.23 -3.23 0.81
C GLU A 45 18.44 -4.69 1.19
N MET A 46 19.62 -5.22 0.90
CA MET A 46 19.94 -6.61 1.21
C MET A 46 19.49 -6.96 2.63
N TYR A 47 19.71 -6.04 3.56
CA TYR A 47 19.33 -6.26 4.95
C TYR A 47 18.54 -5.07 5.49
N SER A 48 17.30 -5.31 5.87
CA SER A 48 16.44 -4.26 6.41
C SER A 48 15.11 -4.84 6.91
N LYS A 49 14.46 -4.11 7.81
CA LYS A 49 13.19 -4.55 8.36
C LYS A 49 12.08 -3.54 8.06
N GLY A 50 10.84 -3.95 8.27
CA GLY A 50 9.71 -3.06 8.01
C GLY A 50 8.79 -3.60 6.94
N ILE A 51 7.64 -4.11 7.35
CA ILE A 51 6.66 -4.66 6.41
C ILE A 51 5.24 -4.39 6.88
N ILE A 52 4.34 -4.13 5.92
CA ILE A 52 2.95 -3.85 6.24
C ILE A 52 2.05 -4.99 5.76
N PRO A 53 1.45 -5.71 6.72
CA PRO A 53 0.55 -6.83 6.42
C PRO A 53 -0.76 -6.37 5.80
N LEU A 54 -1.10 -6.94 4.64
CA LEU A 54 -2.33 -6.59 3.95
C LEU A 54 -3.50 -6.55 4.91
N SER A 55 -3.46 -7.38 5.94
CA SER A 55 -4.52 -7.45 6.93
C SER A 55 -4.66 -6.11 7.66
N ALA A 56 -3.52 -5.52 8.01
CA ALA A 56 -3.51 -4.24 8.71
C ALA A 56 -4.33 -3.20 7.96
N ILE A 57 -4.14 -3.12 6.65
CA ILE A 57 -4.87 -2.17 5.83
C ILE A 57 -6.38 -2.33 6.01
N SER A 58 -6.97 -1.48 6.84
CA SER A 58 -8.40 -1.52 7.10
C SER A 58 -9.18 -0.83 5.99
N THR A 59 -8.73 0.37 5.62
CA THR A 59 -9.37 1.14 4.57
C THR A 59 -8.42 2.15 3.95
N VAL A 60 -8.60 2.43 2.67
CA VAL A 60 -7.75 3.37 1.95
C VAL A 60 -8.56 4.54 1.41
N ARG A 61 -8.02 5.74 1.54
CA ARG A 61 -8.70 6.94 1.07
C ARG A 61 -7.70 7.98 0.56
N VAL A 62 -8.09 8.74 -0.45
CA VAL A 62 -7.22 9.76 -1.02
C VAL A 62 -7.21 11.02 -0.15
N GLN A 63 -6.04 11.63 -0.01
CA GLN A 63 -5.89 12.83 0.79
C GLN A 63 -4.78 13.72 0.24
N GLY A 64 -4.99 15.03 0.30
CA GLY A 64 -4.00 15.96 -0.20
C GLY A 64 -3.76 15.81 -1.69
N ASP A 65 -2.56 16.20 -2.13
CA ASP A 65 -2.20 16.09 -3.54
C ASP A 65 -1.24 14.93 -3.77
N ASN A 66 -1.55 14.10 -4.75
CA ASN A 66 -0.72 12.95 -5.08
C ASN A 66 -0.34 12.17 -3.82
N LYS A 67 -1.28 12.08 -2.88
CA LYS A 67 -1.06 11.37 -1.63
C LYS A 67 -2.31 10.63 -1.19
N PHE A 68 -2.15 9.68 -0.27
CA PHE A 68 -3.27 8.90 0.23
C PHE A 68 -3.01 8.44 1.67
N GLU A 69 -4.09 8.15 2.39
CA GLU A 69 -3.98 7.72 3.78
C GLU A 69 -4.24 6.22 3.89
N VAL A 70 -3.24 5.48 4.35
CA VAL A 70 -3.37 4.03 4.51
C VAL A 70 -3.66 3.66 5.96
N VAL A 71 -4.94 3.50 6.27
CA VAL A 71 -5.37 3.14 7.62
C VAL A 71 -4.93 1.72 7.97
N THR A 72 -3.98 1.62 8.90
CA THR A 72 -3.47 0.32 9.33
C THR A 72 -3.79 0.06 10.80
N THR A 73 -3.67 -1.19 11.21
CA THR A 73 -3.95 -1.57 12.59
C THR A 73 -2.91 -0.98 13.55
N GLN A 74 -1.65 -1.09 13.17
CA GLN A 74 -0.57 -0.56 14.00
C GLN A 74 -0.64 0.96 14.10
N ARG A 75 -0.63 1.63 12.94
CA ARG A 75 -0.69 3.08 12.90
C ARG A 75 -0.78 3.58 11.47
N THR A 76 -1.85 4.32 11.16
CA THR A 76 -2.04 4.85 9.82
C THR A 76 -0.72 5.24 9.18
N PHE A 77 -0.60 4.98 7.88
CA PHE A 77 0.62 5.29 7.15
C PHE A 77 0.32 6.23 5.99
N VAL A 78 1.17 7.25 5.82
CA VAL A 78 0.99 8.23 4.75
C VAL A 78 2.01 7.99 3.62
N PHE A 79 1.51 7.87 2.41
CA PHE A 79 2.37 7.65 1.25
C PHE A 79 2.10 8.70 0.16
N ARG A 80 3.12 8.96 -0.65
CA ARG A 80 2.99 9.93 -1.73
C ARG A 80 3.47 9.34 -3.05
N VAL A 81 2.69 9.58 -4.11
CA VAL A 81 3.02 9.08 -5.43
C VAL A 81 3.69 10.14 -6.29
N GLU A 82 4.11 9.77 -7.48
CA GLU A 82 4.77 10.70 -8.39
C GLU A 82 3.80 11.21 -9.46
N LYS A 83 2.84 10.35 -9.83
CA LYS A 83 1.85 10.70 -10.83
C LYS A 83 0.44 10.36 -10.35
N GLU A 84 -0.53 11.18 -10.73
CA GLU A 84 -1.92 10.96 -10.33
C GLU A 84 -2.35 9.53 -10.63
N GLU A 85 -2.23 9.14 -11.90
CA GLU A 85 -2.62 7.79 -12.32
C GLU A 85 -2.23 6.77 -11.26
N GLU A 86 -0.98 6.82 -10.82
CA GLU A 86 -0.49 5.88 -9.81
C GLU A 86 -1.38 5.90 -8.57
N ARG A 87 -1.68 7.10 -8.07
CA ARG A 87 -2.53 7.24 -6.89
C ARG A 87 -3.66 6.23 -6.92
N ASN A 88 -4.42 6.22 -8.01
CA ASN A 88 -5.54 5.30 -8.15
C ASN A 88 -5.06 3.85 -8.24
N ASP A 89 -3.97 3.65 -8.98
CA ASP A 89 -3.41 2.31 -9.15
C ASP A 89 -3.17 1.65 -7.79
N TRP A 90 -2.28 2.23 -7.00
CA TRP A 90 -1.97 1.70 -5.68
C TRP A 90 -3.24 1.34 -4.91
N ILE A 91 -4.06 2.36 -4.64
CA ILE A 91 -5.31 2.15 -3.92
C ILE A 91 -6.10 0.98 -4.50
N SER A 92 -6.21 0.95 -5.83
CA SER A 92 -6.93 -0.11 -6.51
C SER A 92 -6.34 -1.48 -6.18
N ILE A 93 -5.02 -1.58 -6.29
CA ILE A 93 -4.33 -2.83 -6.00
C ILE A 93 -4.66 -3.33 -4.59
N LEU A 94 -4.64 -2.42 -3.63
CA LEU A 94 -4.93 -2.76 -2.24
C LEU A 94 -6.37 -3.27 -2.11
N LEU A 95 -7.32 -2.50 -2.61
CA LEU A 95 -8.73 -2.86 -2.54
C LEU A 95 -8.95 -4.25 -3.15
N ASN A 96 -8.43 -4.46 -4.35
CA ASN A 96 -8.56 -5.74 -5.04
C ASN A 96 -8.12 -6.89 -4.13
N ALA A 97 -7.07 -6.66 -3.35
CA ALA A 97 -6.55 -7.67 -2.45
C ALA A 97 -7.47 -7.85 -1.24
N LEU A 98 -7.76 -6.75 -0.56
CA LEU A 98 -8.63 -6.79 0.61
C LEU A 98 -9.94 -7.49 0.29
N LYS A 99 -10.33 -7.46 -0.97
CA LYS A 99 -11.57 -8.10 -1.42
C LYS A 99 -11.44 -9.62 -1.42
N SER A 100 -10.22 -10.10 -1.64
CA SER A 100 -9.95 -11.52 -1.67
C SER A 100 -9.76 -12.07 -0.26
N GLN A 101 -8.99 -11.36 0.55
CA GLN A 101 -8.73 -11.76 1.92
C GLN A 101 -9.89 -11.40 2.83
N SER A 102 -10.81 -10.58 2.32
CA SER A 102 -11.97 -10.15 3.08
C SER A 102 -13.12 -9.76 2.16
N LEU A 103 -14.29 -10.35 2.40
CA LEU A 103 -15.47 -10.06 1.59
C LEU A 103 -16.50 -9.28 2.39
N THR A 104 -17.52 -8.78 1.69
CA THR A 104 -18.58 -8.01 2.33
C THR A 104 -19.89 -8.14 1.58
N SER A 105 -20.99 -8.26 2.32
CA SER A 105 -22.31 -8.40 1.71
C SER A 105 -22.92 -7.04 1.42
N GLN A 106 -22.46 -6.41 0.34
CA GLN A 106 -22.95 -5.10 -0.05
C GLN A 106 -23.14 -5.03 -1.57
N SER A 107 -24.13 -4.24 -2.00
CA SER A 107 -24.41 -4.08 -3.41
C SER A 107 -23.16 -3.66 -4.18
N GLN A 108 -22.48 -4.63 -4.77
CA GLN A 108 -21.26 -4.37 -5.53
C GLN A 108 -21.59 -3.69 -6.85
N ALA A 109 -20.63 -2.94 -7.38
CA ALA A 109 -20.82 -2.23 -8.64
C ALA A 109 -20.43 -3.11 -9.83
N SER A 110 -21.21 -3.03 -10.90
CA SER A 110 -20.96 -3.82 -12.10
C SER A 110 -19.62 -3.44 -12.72
N GLY A 111 -18.77 -4.44 -12.93
CA GLY A 111 -17.47 -4.20 -13.53
C GLY A 111 -17.35 -4.76 -14.93
N PRO A 112 -18.13 -4.19 -15.87
CA PRO A 112 -18.12 -4.63 -17.27
C PRO A 112 -16.82 -4.27 -17.99
N SER A 113 -16.37 -5.18 -18.84
CA SER A 113 -15.13 -4.97 -19.59
C SER A 113 -15.42 -4.82 -21.08
N SER A 114 -15.21 -3.61 -21.60
CA SER A 114 -15.45 -3.33 -23.01
C SER A 114 -14.52 -2.24 -23.52
N GLY A 115 -13.65 -2.60 -24.47
CA GLY A 115 -12.71 -1.63 -25.01
C GLY A 115 -11.65 -1.22 -24.03
N GLY A 1 -6.74 -3.97 -21.40
CA GLY A 1 -8.02 -3.36 -21.67
C GLY A 1 -8.21 -2.04 -20.95
N SER A 2 -8.66 -1.03 -21.67
CA SER A 2 -8.88 0.29 -21.10
C SER A 2 -9.71 0.20 -19.83
N SER A 3 -10.88 -0.43 -19.93
CA SER A 3 -11.77 -0.59 -18.79
C SER A 3 -11.63 -1.98 -18.17
N GLY A 4 -11.15 -2.01 -16.94
CA GLY A 4 -10.96 -3.27 -16.25
C GLY A 4 -9.82 -3.24 -15.26
N SER A 5 -9.76 -4.24 -14.38
CA SER A 5 -8.72 -4.31 -13.37
C SER A 5 -7.61 -5.26 -13.80
N SER A 6 -6.45 -4.69 -14.14
CA SER A 6 -5.31 -5.49 -14.58
C SER A 6 -4.09 -5.22 -13.70
N GLY A 7 -3.35 -6.28 -13.39
CA GLY A 7 -2.17 -6.14 -12.56
C GLY A 7 -2.50 -6.11 -11.08
N LYS A 8 -1.80 -6.92 -10.29
CA LYS A 8 -2.03 -6.97 -8.85
C LYS A 8 -0.75 -6.62 -8.09
N VAL A 9 0.27 -6.22 -8.82
CA VAL A 9 1.55 -5.85 -8.21
C VAL A 9 2.00 -4.46 -8.67
N LYS A 10 2.94 -3.89 -7.94
CA LYS A 10 3.46 -2.56 -8.27
C LYS A 10 4.72 -2.26 -7.47
N SER A 11 5.69 -1.62 -8.11
CA SER A 11 6.95 -1.26 -7.46
C SER A 11 7.43 0.11 -7.92
N GLY A 12 7.59 1.02 -6.96
CA GLY A 12 8.05 2.36 -7.28
C GLY A 12 8.60 3.09 -6.07
N TRP A 13 9.34 4.16 -6.32
CA TRP A 13 9.92 4.95 -5.23
C TRP A 13 8.88 5.87 -4.60
N LEU A 14 8.34 5.44 -3.47
CA LEU A 14 7.33 6.22 -2.76
C LEU A 14 7.93 6.86 -1.50
N ASP A 15 7.20 7.81 -0.94
CA ASP A 15 7.65 8.50 0.27
C ASP A 15 6.98 7.92 1.50
N LYS A 16 7.73 7.87 2.61
CA LYS A 16 7.22 7.34 3.86
C LYS A 16 7.49 8.30 5.02
N LEU A 17 6.52 9.18 5.28
CA LEU A 17 6.65 10.15 6.36
C LEU A 17 6.60 9.46 7.72
N SER A 18 7.64 8.71 8.05
CA SER A 18 7.70 8.01 9.32
C SER A 18 7.99 8.97 10.48
N PRO A 19 9.15 9.66 10.39
CA PRO A 19 9.56 10.62 11.41
C PRO A 19 8.70 11.88 11.41
N GLN A 20 9.20 12.93 12.06
CA GLN A 20 8.47 14.18 12.13
C GLN A 20 9.39 15.32 12.60
N GLY A 21 9.06 16.54 12.19
CA GLY A 21 9.87 17.69 12.58
C GLY A 21 10.60 18.31 11.40
N LYS A 22 11.92 18.40 11.52
CA LYS A 22 12.74 18.96 10.46
C LYS A 22 12.82 18.03 9.26
N ARG A 23 12.77 16.73 9.53
CA ARG A 23 12.83 15.73 8.48
C ARG A 23 11.75 14.66 8.67
N MET A 24 10.59 14.91 8.07
CA MET A 24 9.47 13.96 8.18
C MET A 24 9.36 13.12 6.91
N PHE A 25 9.38 13.78 5.76
CA PHE A 25 9.27 13.09 4.47
C PHE A 25 10.59 12.39 4.13
N GLN A 26 10.54 11.07 4.00
CA GLN A 26 11.73 10.30 3.67
C GLN A 26 11.53 9.54 2.35
N LYS A 27 12.59 8.88 1.90
CA LYS A 27 12.55 8.12 0.65
C LYS A 27 12.92 6.66 0.89
N ARG A 28 12.00 5.76 0.56
CA ARG A 28 12.23 4.34 0.74
C ARG A 28 11.54 3.54 -0.36
N TRP A 29 12.28 2.60 -0.96
CA TRP A 29 11.75 1.77 -2.03
C TRP A 29 10.56 0.94 -1.53
N VAL A 30 9.57 0.77 -2.38
CA VAL A 30 8.38 -0.01 -2.04
C VAL A 30 8.09 -1.07 -3.09
N LYS A 31 7.49 -2.18 -2.65
CA LYS A 31 7.16 -3.27 -3.56
C LYS A 31 6.03 -4.12 -2.99
N PHE A 32 4.99 -4.32 -3.78
CA PHE A 32 3.84 -5.12 -3.36
C PHE A 32 3.84 -6.48 -4.04
N ASP A 33 3.52 -7.52 -3.28
CA ASP A 33 3.48 -8.88 -3.81
C ASP A 33 2.08 -9.48 -3.66
N GLY A 34 1.17 -8.70 -3.09
CA GLY A 34 -0.19 -9.18 -2.90
C GLY A 34 -0.48 -9.56 -1.46
N LEU A 35 0.52 -10.11 -0.79
CA LEU A 35 0.37 -10.52 0.61
C LEU A 35 0.62 -9.35 1.56
N SER A 36 1.77 -8.71 1.42
CA SER A 36 2.12 -7.57 2.26
C SER A 36 2.98 -6.57 1.49
N ILE A 37 3.28 -5.45 2.13
CA ILE A 37 4.10 -4.41 1.51
C ILE A 37 5.48 -4.33 2.15
N SER A 38 6.50 -4.66 1.37
CA SER A 38 7.87 -4.64 1.86
C SER A 38 8.66 -3.48 1.25
N TYR A 39 9.20 -2.62 2.09
CA TYR A 39 9.97 -1.46 1.62
C TYR A 39 11.38 -1.48 2.21
N TYR A 40 12.35 -1.10 1.38
CA TYR A 40 13.74 -1.07 1.82
C TYR A 40 14.46 0.14 1.24
N ASN A 41 15.70 0.34 1.67
CA ASN A 41 16.52 1.47 1.20
C ASN A 41 17.29 1.07 -0.06
N ASN A 42 17.83 2.08 -0.74
CA ASN A 42 18.60 1.84 -1.96
C ASN A 42 20.00 1.34 -1.62
N GLU A 43 20.38 1.47 -0.35
CA GLU A 43 21.70 1.02 0.10
C GLU A 43 21.64 -0.40 0.63
N LYS A 44 20.74 -0.63 1.58
CA LYS A 44 20.58 -1.96 2.17
C LYS A 44 21.94 -2.57 2.52
N GLU A 45 22.89 -1.71 2.88
CA GLU A 45 24.23 -2.17 3.23
C GLU A 45 24.28 -2.65 4.67
N MET A 46 23.10 -2.83 5.27
CA MET A 46 23.02 -3.28 6.66
C MET A 46 21.62 -3.83 6.96
N TYR A 47 21.57 -4.83 7.84
CA TYR A 47 20.30 -5.45 8.20
C TYR A 47 19.20 -4.40 8.34
N SER A 48 18.03 -4.69 7.78
CA SER A 48 16.90 -3.77 7.83
C SER A 48 15.59 -4.53 8.01
N LYS A 49 14.57 -3.83 8.48
CA LYS A 49 13.26 -4.43 8.69
C LYS A 49 12.14 -3.42 8.46
N GLY A 50 10.97 -3.92 8.09
CA GLY A 50 9.84 -3.03 7.84
C GLY A 50 8.88 -3.60 6.81
N ILE A 51 7.71 -4.02 7.27
CA ILE A 51 6.71 -4.58 6.36
C ILE A 51 5.30 -4.33 6.89
N ILE A 52 4.34 -4.16 5.98
CA ILE A 52 2.96 -3.91 6.35
C ILE A 52 2.04 -5.02 5.83
N PRO A 53 1.47 -5.79 6.77
CA PRO A 53 0.57 -6.89 6.44
C PRO A 53 -0.76 -6.41 5.87
N LEU A 54 -1.18 -7.01 4.77
CA LEU A 54 -2.44 -6.63 4.12
C LEU A 54 -3.58 -6.60 5.14
N SER A 55 -3.59 -7.59 6.03
CA SER A 55 -4.63 -7.67 7.05
C SER A 55 -4.75 -6.36 7.82
N ALA A 56 -3.62 -5.84 8.26
CA ALA A 56 -3.58 -4.59 9.01
C ALA A 56 -4.38 -3.51 8.30
N ILE A 57 -4.11 -3.33 7.01
CA ILE A 57 -4.81 -2.33 6.21
C ILE A 57 -6.32 -2.48 6.32
N SER A 58 -6.96 -1.47 6.91
CA SER A 58 -8.41 -1.50 7.09
C SER A 58 -9.11 -0.84 5.90
N THR A 59 -8.74 0.41 5.63
CA THR A 59 -9.34 1.16 4.52
C THR A 59 -8.39 2.24 4.03
N VAL A 60 -8.40 2.47 2.71
CA VAL A 60 -7.54 3.49 2.11
C VAL A 60 -8.37 4.65 1.57
N ARG A 61 -7.88 5.87 1.77
CA ARG A 61 -8.57 7.06 1.31
C ARG A 61 -7.61 8.00 0.57
N VAL A 62 -8.17 8.91 -0.22
CA VAL A 62 -7.36 9.86 -0.97
C VAL A 62 -7.36 11.22 -0.30
N GLN A 63 -6.17 11.83 -0.23
CA GLN A 63 -6.03 13.14 0.39
C GLN A 63 -5.97 14.24 -0.67
N GLY A 64 -6.09 15.48 -0.22
CA GLY A 64 -6.05 16.61 -1.15
C GLY A 64 -5.10 16.38 -2.29
N ASP A 65 -3.84 16.78 -2.11
CA ASP A 65 -2.82 16.61 -3.14
C ASP A 65 -2.77 15.16 -3.63
N ASN A 66 -1.82 14.88 -4.50
CA ASN A 66 -1.66 13.53 -5.04
C ASN A 66 -1.08 12.58 -3.99
N LYS A 67 -1.85 12.33 -2.95
CA LYS A 67 -1.41 11.43 -1.88
C LYS A 67 -2.59 10.63 -1.33
N PHE A 68 -2.28 9.66 -0.46
CA PHE A 68 -3.32 8.83 0.14
C PHE A 68 -2.86 8.30 1.50
N GLU A 69 -3.83 7.88 2.31
CA GLU A 69 -3.53 7.35 3.63
C GLU A 69 -3.99 5.90 3.76
N VAL A 70 -3.20 5.10 4.47
CA VAL A 70 -3.52 3.69 4.66
C VAL A 70 -3.80 3.39 6.12
N VAL A 71 -5.07 3.44 6.50
CA VAL A 71 -5.48 3.16 7.87
C VAL A 71 -5.14 1.74 8.27
N THR A 72 -4.54 1.58 9.45
CA THR A 72 -4.17 0.27 9.95
C THR A 72 -4.45 0.15 11.45
N THR A 73 -4.32 -1.08 11.97
CA THR A 73 -4.56 -1.32 13.39
C THR A 73 -3.44 -0.75 14.25
N GLN A 74 -2.21 -0.88 13.77
CA GLN A 74 -1.05 -0.37 14.49
C GLN A 74 -1.04 1.15 14.51
N ARG A 75 -0.89 1.75 13.33
CA ARG A 75 -0.86 3.21 13.21
C ARG A 75 -1.02 3.63 11.75
N THR A 76 -1.83 4.67 11.53
CA THR A 76 -2.06 5.16 10.18
C THR A 76 -0.76 5.51 9.48
N PHE A 77 -0.64 5.11 8.22
CA PHE A 77 0.56 5.37 7.44
C PHE A 77 0.28 6.33 6.29
N VAL A 78 1.33 6.92 5.74
CA VAL A 78 1.19 7.86 4.64
C VAL A 78 2.07 7.47 3.46
N PHE A 79 1.47 7.37 2.28
CA PHE A 79 2.21 7.00 1.08
C PHE A 79 1.82 7.89 -0.09
N ARG A 80 2.82 8.38 -0.82
CA ARG A 80 2.59 9.26 -1.96
C ARG A 80 2.90 8.54 -3.27
N VAL A 81 2.46 9.11 -4.37
CA VAL A 81 2.70 8.53 -5.69
C VAL A 81 3.57 9.44 -6.55
N GLU A 82 3.93 8.96 -7.73
CA GLU A 82 4.77 9.73 -8.65
C GLU A 82 3.93 10.36 -9.76
N LYS A 83 2.74 9.81 -9.96
CA LYS A 83 1.84 10.32 -10.99
C LYS A 83 0.38 10.20 -10.55
N GLU A 84 -0.51 10.91 -11.25
CA GLU A 84 -1.92 10.87 -10.93
C GLU A 84 -2.51 9.48 -11.15
N GLU A 85 -2.06 8.83 -12.22
CA GLU A 85 -2.54 7.49 -12.54
C GLU A 85 -2.17 6.50 -11.44
N GLU A 86 -0.97 6.65 -10.89
CA GLU A 86 -0.51 5.78 -9.82
C GLU A 86 -1.47 5.78 -8.64
N ARG A 87 -1.72 6.96 -8.09
CA ARG A 87 -2.62 7.10 -6.96
C ARG A 87 -3.78 6.12 -7.06
N ASN A 88 -4.55 6.24 -8.13
CA ASN A 88 -5.70 5.36 -8.34
C ASN A 88 -5.27 3.89 -8.36
N ASP A 89 -4.11 3.63 -8.96
CA ASP A 89 -3.59 2.27 -9.04
C ASP A 89 -3.25 1.74 -7.65
N TRP A 90 -2.17 2.28 -7.06
CA TRP A 90 -1.74 1.86 -5.74
C TRP A 90 -2.93 1.55 -4.84
N ILE A 91 -3.96 2.39 -4.92
CA ILE A 91 -5.15 2.21 -4.12
C ILE A 91 -6.01 1.06 -4.66
N SER A 92 -6.19 1.03 -5.98
CA SER A 92 -6.98 0.00 -6.62
C SER A 92 -6.39 -1.38 -6.34
N ILE A 93 -5.07 -1.44 -6.23
CA ILE A 93 -4.38 -2.71 -5.97
C ILE A 93 -4.66 -3.20 -4.55
N LEU A 94 -4.34 -2.36 -3.57
CA LEU A 94 -4.56 -2.71 -2.17
C LEU A 94 -6.01 -3.12 -1.92
N LEU A 95 -6.94 -2.24 -2.29
CA LEU A 95 -8.36 -2.51 -2.12
C LEU A 95 -8.72 -3.88 -2.67
N ASN A 96 -8.37 -4.12 -3.93
CA ASN A 96 -8.66 -5.40 -4.57
C ASN A 96 -8.05 -6.56 -3.78
N ALA A 97 -6.87 -6.33 -3.22
CA ALA A 97 -6.19 -7.34 -2.43
C ALA A 97 -6.91 -7.60 -1.11
N LEU A 98 -7.81 -6.69 -0.75
CA LEU A 98 -8.57 -6.82 0.49
C LEU A 98 -9.88 -7.55 0.25
N LYS A 99 -10.56 -7.20 -0.83
CA LYS A 99 -11.83 -7.83 -1.17
C LYS A 99 -11.64 -9.32 -1.44
N SER A 100 -10.52 -9.67 -2.04
CA SER A 100 -10.22 -11.06 -2.35
C SER A 100 -10.23 -11.91 -1.09
N GLN A 101 -9.68 -11.38 0.00
CA GLN A 101 -9.63 -12.09 1.26
C GLN A 101 -10.99 -12.68 1.61
N SER A 102 -12.03 -11.88 1.46
CA SER A 102 -13.39 -12.33 1.76
C SER A 102 -13.68 -13.68 1.11
N LEU A 103 -13.48 -13.74 -0.20
CA LEU A 103 -13.72 -14.96 -0.96
C LEU A 103 -12.95 -16.13 -0.35
N THR A 104 -13.44 -17.35 -0.59
CA THR A 104 -12.79 -18.55 -0.07
C THR A 104 -11.28 -18.51 -0.28
N SER A 105 -10.53 -19.04 0.68
CA SER A 105 -9.08 -19.06 0.58
C SER A 105 -8.48 -19.89 1.72
N GLN A 106 -7.21 -20.27 1.57
CA GLN A 106 -6.52 -21.05 2.57
C GLN A 106 -5.92 -20.16 3.65
N SER A 107 -6.67 -19.15 4.05
CA SER A 107 -6.21 -18.21 5.08
C SER A 107 -7.03 -18.36 6.36
N GLN A 108 -6.34 -18.31 7.50
CA GLN A 108 -7.00 -18.44 8.80
C GLN A 108 -7.33 -17.07 9.38
N ALA A 109 -8.48 -16.53 9.00
CA ALA A 109 -8.91 -15.23 9.50
C ALA A 109 -10.35 -15.28 10.00
N SER A 110 -10.73 -14.27 10.78
CA SER A 110 -12.07 -14.20 11.33
C SER A 110 -12.56 -12.75 11.38
N GLY A 111 -13.87 -12.57 11.16
CA GLY A 111 -14.44 -11.24 11.19
C GLY A 111 -14.97 -10.81 9.83
N PRO A 112 -16.05 -10.02 9.84
CA PRO A 112 -16.67 -9.52 8.60
C PRO A 112 -15.81 -8.49 7.89
N SER A 113 -16.28 -8.02 6.74
CA SER A 113 -15.54 -7.03 5.96
C SER A 113 -16.43 -5.84 5.63
N SER A 114 -15.81 -4.78 5.12
CA SER A 114 -16.56 -3.57 4.77
C SER A 114 -17.13 -2.89 6.01
N GLY A 115 -16.32 -2.82 7.07
CA GLY A 115 -16.76 -2.21 8.30
C GLY A 115 -16.71 -3.16 9.48
N GLY A 1 -20.21 -2.81 -9.33
CA GLY A 1 -19.74 -3.98 -10.04
C GLY A 1 -18.46 -3.72 -10.81
N SER A 2 -17.70 -4.77 -11.09
CA SER A 2 -16.45 -4.65 -11.82
C SER A 2 -16.16 -5.92 -12.61
N SER A 3 -15.68 -5.75 -13.84
CA SER A 3 -15.35 -6.88 -14.70
C SER A 3 -13.97 -6.72 -15.31
N GLY A 4 -12.97 -7.30 -14.67
CA GLY A 4 -11.61 -7.21 -15.16
C GLY A 4 -10.66 -6.63 -14.14
N SER A 5 -9.38 -6.98 -14.27
CA SER A 5 -8.35 -6.49 -13.34
C SER A 5 -6.97 -6.57 -13.96
N SER A 6 -6.40 -5.42 -14.28
CA SER A 6 -5.07 -5.35 -14.90
C SER A 6 -4.05 -4.82 -13.90
N GLY A 7 -3.19 -5.70 -13.41
CA GLY A 7 -2.16 -5.31 -12.47
C GLY A 7 -2.59 -5.52 -11.03
N LYS A 8 -1.94 -6.43 -10.33
CA LYS A 8 -2.26 -6.72 -8.95
C LYS A 8 -1.08 -6.40 -8.04
N VAL A 9 -0.05 -5.79 -8.61
CA VAL A 9 1.14 -5.42 -7.84
C VAL A 9 1.69 -4.07 -8.30
N LYS A 10 2.62 -3.52 -7.52
CA LYS A 10 3.22 -2.24 -7.85
C LYS A 10 4.52 -2.04 -7.07
N SER A 11 5.54 -1.51 -7.73
CA SER A 11 6.83 -1.26 -7.10
C SER A 11 7.46 0.02 -7.62
N GLY A 12 7.66 0.99 -6.74
CA GLY A 12 8.25 2.25 -7.13
C GLY A 12 8.85 3.00 -5.95
N TRP A 13 9.04 4.30 -6.12
CA TRP A 13 9.62 5.13 -5.07
C TRP A 13 8.52 5.92 -4.34
N LEU A 14 8.23 5.52 -3.11
CA LEU A 14 7.20 6.19 -2.31
C LEU A 14 7.82 6.80 -1.06
N ASP A 15 7.37 8.02 -0.73
CA ASP A 15 7.88 8.72 0.45
C ASP A 15 7.07 8.34 1.69
N LYS A 16 7.76 7.80 2.69
CA LYS A 16 7.10 7.39 3.94
C LYS A 16 7.02 8.56 4.91
N LEU A 17 5.80 8.98 5.22
CA LEU A 17 5.59 10.09 6.15
C LEU A 17 6.15 9.76 7.53
N SER A 18 7.48 9.82 7.65
CA SER A 18 8.14 9.53 8.92
C SER A 18 8.20 10.77 9.80
N PRO A 19 9.01 11.75 9.36
CA PRO A 19 9.17 13.01 10.11
C PRO A 19 7.91 13.88 10.06
N GLN A 20 8.05 15.13 10.51
CA GLN A 20 6.93 16.05 10.52
C GLN A 20 7.25 17.33 9.76
N GLY A 21 6.71 17.46 8.56
CA GLY A 21 6.96 18.63 7.75
C GLY A 21 6.48 18.46 6.31
N LYS A 22 6.48 19.56 5.56
CA LYS A 22 6.04 19.53 4.17
C LYS A 22 7.22 19.34 3.23
N ARG A 23 7.82 18.16 3.28
CA ARG A 23 8.96 17.85 2.42
C ARG A 23 9.09 16.34 2.20
N MET A 24 10.04 15.96 1.35
CA MET A 24 10.26 14.54 1.05
C MET A 24 10.42 13.74 2.34
N PHE A 25 9.30 13.30 2.91
CA PHE A 25 9.32 12.52 4.14
C PHE A 25 10.53 11.59 4.17
N GLN A 26 10.47 10.52 3.36
CA GLN A 26 11.57 9.56 3.30
C GLN A 26 11.43 8.67 2.08
N LYS A 27 12.36 8.84 1.13
CA LYS A 27 12.35 8.05 -0.09
C LYS A 27 12.81 6.62 0.17
N ARG A 28 11.93 5.65 -0.09
CA ARG A 28 12.26 4.25 0.12
C ARG A 28 11.50 3.37 -0.86
N TRP A 29 12.21 2.42 -1.46
CA TRP A 29 11.60 1.50 -2.43
C TRP A 29 10.51 0.66 -1.76
N VAL A 30 9.33 0.66 -2.37
CA VAL A 30 8.20 -0.11 -1.84
C VAL A 30 7.71 -1.12 -2.87
N LYS A 31 7.21 -2.25 -2.37
CA LYS A 31 6.69 -3.31 -3.24
C LYS A 31 5.46 -3.96 -2.63
N PHE A 32 4.57 -4.46 -3.48
CA PHE A 32 3.35 -5.11 -3.02
C PHE A 32 3.09 -6.39 -3.82
N ASP A 33 3.00 -7.51 -3.11
CA ASP A 33 2.75 -8.80 -3.74
C ASP A 33 1.40 -9.36 -3.32
N GLY A 34 0.60 -8.53 -2.66
CA GLY A 34 -0.72 -8.96 -2.22
C GLY A 34 -0.72 -9.38 -0.75
N LEU A 35 0.29 -10.14 -0.35
CA LEU A 35 0.40 -10.61 1.02
C LEU A 35 0.73 -9.45 1.96
N SER A 36 1.82 -8.75 1.66
CA SER A 36 2.24 -7.62 2.49
C SER A 36 3.04 -6.62 1.67
N ILE A 37 3.36 -5.48 2.26
CA ILE A 37 4.12 -4.44 1.59
C ILE A 37 5.48 -4.23 2.25
N SER A 38 6.52 -4.75 1.61
CA SER A 38 7.88 -4.63 2.14
C SER A 38 8.67 -3.60 1.35
N TYR A 39 9.32 -2.68 2.08
CA TYR A 39 10.11 -1.63 1.44
C TYR A 39 11.58 -1.75 1.84
N TYR A 40 12.46 -1.64 0.86
CA TYR A 40 13.90 -1.73 1.11
C TYR A 40 14.63 -0.55 0.50
N ASN A 41 15.93 -0.46 0.77
CA ASN A 41 16.75 0.63 0.26
C ASN A 41 17.73 0.12 -0.80
N ASN A 42 17.88 0.89 -1.88
CA ASN A 42 18.78 0.52 -2.96
C ASN A 42 20.16 0.17 -2.42
N GLU A 43 20.81 1.15 -1.80
CA GLU A 43 22.15 0.95 -1.24
C GLU A 43 22.19 -0.30 -0.37
N LYS A 44 23.33 -0.98 -0.36
CA LYS A 44 23.50 -2.19 0.43
C LYS A 44 22.72 -2.10 1.75
N GLU A 45 22.21 -3.22 2.21
CA GLU A 45 21.45 -3.27 3.45
C GLU A 45 21.65 -4.60 4.16
N MET A 46 21.43 -4.60 5.47
CA MET A 46 21.58 -5.81 6.28
C MET A 46 20.38 -6.02 7.19
N TYR A 47 19.79 -7.21 7.13
CA TYR A 47 18.63 -7.53 7.95
C TYR A 47 17.71 -6.31 8.09
N SER A 48 17.37 -5.72 6.95
CA SER A 48 16.49 -4.55 6.95
C SER A 48 15.09 -4.91 7.44
N LYS A 49 14.37 -3.91 7.93
CA LYS A 49 13.02 -4.13 8.43
C LYS A 49 12.07 -3.05 7.91
N GLY A 50 10.77 -3.35 7.92
CA GLY A 50 9.78 -2.40 7.45
C GLY A 50 8.81 -3.02 6.46
N ILE A 51 7.72 -3.59 6.98
CA ILE A 51 6.72 -4.22 6.14
C ILE A 51 5.31 -4.00 6.71
N ILE A 52 4.32 -3.98 5.82
CA ILE A 52 2.94 -3.79 6.24
C ILE A 52 2.05 -4.93 5.74
N PRO A 53 1.53 -5.72 6.69
CA PRO A 53 0.66 -6.86 6.38
C PRO A 53 -0.70 -6.41 5.86
N LEU A 54 -1.07 -6.89 4.67
CA LEU A 54 -2.35 -6.55 4.07
C LEU A 54 -3.46 -6.54 5.11
N SER A 55 -3.45 -7.53 5.99
CA SER A 55 -4.46 -7.63 7.04
C SER A 55 -4.63 -6.29 7.76
N ALA A 56 -3.51 -5.71 8.19
CA ALA A 56 -3.55 -4.43 8.88
C ALA A 56 -4.36 -3.40 8.12
N ILE A 57 -4.09 -3.30 6.82
CA ILE A 57 -4.80 -2.35 5.97
C ILE A 57 -6.31 -2.47 6.14
N SER A 58 -6.90 -1.51 6.83
CA SER A 58 -8.34 -1.52 7.07
C SER A 58 -9.09 -0.91 5.89
N THR A 59 -8.58 0.21 5.39
CA THR A 59 -9.20 0.90 4.27
C THR A 59 -8.30 2.00 3.73
N VAL A 60 -8.49 2.36 2.46
CA VAL A 60 -7.68 3.40 1.84
C VAL A 60 -8.54 4.61 1.48
N ARG A 61 -8.03 5.80 1.77
CA ARG A 61 -8.74 7.04 1.49
C ARG A 61 -7.78 8.12 0.98
N VAL A 62 -8.09 8.65 -0.20
CA VAL A 62 -7.25 9.69 -0.80
C VAL A 62 -7.09 10.87 0.15
N GLN A 63 -5.88 11.42 0.19
CA GLN A 63 -5.59 12.55 1.06
C GLN A 63 -4.69 13.57 0.35
N GLY A 64 -4.62 14.78 0.89
CA GLY A 64 -3.79 15.81 0.30
C GLY A 64 -3.78 15.74 -1.21
N ASP A 65 -2.71 16.24 -1.82
CA ASP A 65 -2.57 16.23 -3.27
C ASP A 65 -1.78 15.02 -3.74
N ASN A 66 -2.25 14.38 -4.79
CA ASN A 66 -1.59 13.20 -5.34
C ASN A 66 -1.05 12.31 -4.23
N LYS A 67 -1.83 12.20 -3.15
CA LYS A 67 -1.43 11.38 -2.00
C LYS A 67 -2.61 10.55 -1.49
N PHE A 68 -2.31 9.55 -0.68
CA PHE A 68 -3.36 8.68 -0.13
C PHE A 68 -2.97 8.21 1.28
N GLU A 69 -3.98 8.03 2.13
CA GLU A 69 -3.75 7.58 3.49
C GLU A 69 -4.15 6.12 3.66
N VAL A 70 -3.17 5.28 3.97
CA VAL A 70 -3.42 3.86 4.16
C VAL A 70 -3.69 3.54 5.63
N VAL A 71 -4.96 3.37 5.97
CA VAL A 71 -5.35 3.07 7.34
C VAL A 71 -4.88 1.68 7.74
N THR A 72 -4.25 1.58 8.92
CA THR A 72 -3.75 0.31 9.41
C THR A 72 -4.01 0.16 10.91
N THR A 73 -4.05 -1.07 11.38
CA THR A 73 -4.28 -1.35 12.80
C THR A 73 -3.21 -0.72 13.67
N GLN A 74 -1.95 -1.02 13.36
CA GLN A 74 -0.83 -0.47 14.11
C GLN A 74 -0.88 1.05 14.15
N ARG A 75 -0.79 1.66 12.98
CA ARG A 75 -0.82 3.12 12.87
C ARG A 75 -0.95 3.56 11.41
N THR A 76 -1.96 4.38 11.14
CA THR A 76 -2.19 4.87 9.79
C THR A 76 -0.89 5.29 9.13
N PHE A 77 -0.70 4.88 7.87
CA PHE A 77 0.51 5.21 7.12
C PHE A 77 0.16 6.04 5.89
N VAL A 78 1.02 7.00 5.57
CA VAL A 78 0.81 7.86 4.41
C VAL A 78 1.86 7.60 3.34
N PHE A 79 1.44 7.62 2.09
CA PHE A 79 2.35 7.39 0.97
C PHE A 79 2.18 8.46 -0.11
N ARG A 80 3.29 8.93 -0.65
CA ARG A 80 3.27 9.96 -1.67
C ARG A 80 3.85 9.43 -2.98
N VAL A 81 3.18 9.74 -4.09
CA VAL A 81 3.63 9.30 -5.40
C VAL A 81 4.09 10.47 -6.25
N GLU A 82 4.87 10.18 -7.29
CA GLU A 82 5.39 11.21 -8.18
C GLU A 82 4.31 11.65 -9.17
N LYS A 83 3.29 10.82 -9.34
CA LYS A 83 2.19 11.12 -10.26
C LYS A 83 0.86 10.64 -9.70
N GLU A 84 -0.20 11.38 -9.99
CA GLU A 84 -1.53 11.02 -9.51
C GLU A 84 -1.88 9.58 -9.91
N GLU A 85 -1.77 9.29 -11.20
CA GLU A 85 -2.08 7.96 -11.71
C GLU A 85 -1.66 6.89 -10.71
N GLU A 86 -0.45 7.03 -10.17
CA GLU A 86 0.07 6.07 -9.21
C GLU A 86 -0.80 6.03 -7.95
N ARG A 87 -1.18 7.22 -7.47
CA ARG A 87 -2.00 7.32 -6.28
C ARG A 87 -3.28 6.49 -6.42
N ASN A 88 -3.92 6.61 -7.58
CA ASN A 88 -5.15 5.87 -7.85
C ASN A 88 -4.86 4.39 -8.07
N ASP A 89 -3.77 4.10 -8.76
CA ASP A 89 -3.38 2.72 -9.03
C ASP A 89 -3.18 1.95 -7.74
N TRP A 90 -2.17 2.34 -6.96
CA TRP A 90 -1.88 1.68 -5.70
C TRP A 90 -3.17 1.30 -4.96
N ILE A 91 -4.03 2.29 -4.77
CA ILE A 91 -5.31 2.05 -4.10
C ILE A 91 -6.06 0.88 -4.72
N SER A 92 -6.44 1.04 -5.98
CA SER A 92 -7.18 -0.01 -6.69
C SER A 92 -6.54 -1.37 -6.46
N ILE A 93 -5.21 -1.42 -6.47
CA ILE A 93 -4.48 -2.66 -6.26
C ILE A 93 -4.72 -3.20 -4.85
N LEU A 94 -4.38 -2.39 -3.85
CA LEU A 94 -4.56 -2.80 -2.46
C LEU A 94 -5.98 -3.31 -2.21
N LEU A 95 -6.96 -2.52 -2.62
CA LEU A 95 -8.36 -2.90 -2.45
C LEU A 95 -8.63 -4.29 -3.04
N ASN A 96 -8.25 -4.47 -4.30
CA ASN A 96 -8.45 -5.75 -4.98
C ASN A 96 -7.98 -6.91 -4.09
N ALA A 97 -6.86 -6.71 -3.41
CA ALA A 97 -6.32 -7.74 -2.53
C ALA A 97 -7.16 -7.88 -1.27
N LEU A 98 -7.60 -6.75 -0.72
CA LEU A 98 -8.41 -6.74 0.48
C LEU A 98 -9.68 -7.55 0.29
N LYS A 99 -10.33 -7.37 -0.86
CA LYS A 99 -11.56 -8.08 -1.17
C LYS A 99 -11.42 -9.57 -0.86
N SER A 100 -10.24 -10.12 -1.14
CA SER A 100 -9.97 -11.53 -0.89
C SER A 100 -10.16 -11.87 0.58
N GLN A 101 -9.55 -11.07 1.45
CA GLN A 101 -9.65 -11.28 2.89
C GLN A 101 -11.09 -11.58 3.30
N SER A 102 -12.04 -11.03 2.54
CA SER A 102 -13.45 -11.23 2.83
C SER A 102 -13.91 -12.61 2.37
N LEU A 103 -15.16 -12.95 2.67
CA LEU A 103 -15.72 -14.23 2.28
C LEU A 103 -14.68 -15.34 2.40
N THR A 104 -14.00 -15.39 3.54
CA THR A 104 -12.98 -16.41 3.78
C THR A 104 -13.59 -17.70 4.30
N SER A 105 -12.87 -18.81 4.13
CA SER A 105 -13.35 -20.10 4.58
C SER A 105 -13.75 -20.06 6.04
N GLN A 106 -13.04 -19.26 6.83
CA GLN A 106 -13.33 -19.12 8.25
C GLN A 106 -14.49 -18.16 8.49
N SER A 107 -14.98 -18.13 9.71
CA SER A 107 -16.10 -17.25 10.06
C SER A 107 -15.78 -15.81 9.70
N GLN A 108 -16.69 -15.18 8.95
CA GLN A 108 -16.51 -13.80 8.54
C GLN A 108 -17.84 -13.06 8.50
N ALA A 109 -17.79 -11.76 8.21
CA ALA A 109 -19.00 -10.95 8.14
C ALA A 109 -18.76 -9.69 7.31
N SER A 110 -19.44 -9.60 6.17
CA SER A 110 -19.30 -8.45 5.29
C SER A 110 -20.66 -8.05 4.70
N GLY A 111 -20.66 -6.96 3.94
CA GLY A 111 -21.89 -6.49 3.33
C GLY A 111 -21.64 -5.49 2.21
N PRO A 112 -21.40 -6.02 1.00
CA PRO A 112 -21.14 -5.19 -0.18
C PRO A 112 -22.38 -4.43 -0.64
N SER A 113 -22.21 -3.59 -1.65
CA SER A 113 -23.32 -2.80 -2.19
C SER A 113 -23.06 -2.41 -3.64
N SER A 114 -24.02 -1.71 -4.24
CA SER A 114 -23.90 -1.28 -5.63
C SER A 114 -23.91 -2.49 -6.56
N GLY A 115 -24.85 -3.40 -6.35
CA GLY A 115 -24.95 -4.59 -7.18
C GLY A 115 -24.10 -5.72 -6.67
N GLY A 1 -9.08 9.30 -17.12
CA GLY A 1 -9.42 8.15 -17.92
C GLY A 1 -8.34 7.08 -17.90
N SER A 2 -8.22 6.35 -19.01
CA SER A 2 -7.23 5.29 -19.11
C SER A 2 -7.30 4.35 -17.90
N SER A 3 -8.52 4.03 -17.48
CA SER A 3 -8.73 3.15 -16.33
C SER A 3 -8.92 1.71 -16.77
N GLY A 4 -7.82 0.96 -16.81
CA GLY A 4 -7.88 -0.43 -17.22
C GLY A 4 -7.11 -1.35 -16.29
N SER A 5 -7.84 -2.19 -15.56
CA SER A 5 -7.21 -3.11 -14.61
C SER A 5 -6.10 -3.91 -15.30
N SER A 6 -4.86 -3.58 -14.99
CA SER A 6 -3.71 -4.25 -15.57
C SER A 6 -2.54 -4.26 -14.61
N GLY A 7 -2.21 -5.44 -14.08
CA GLY A 7 -1.10 -5.57 -13.16
C GLY A 7 -1.57 -5.76 -11.73
N LYS A 8 -1.38 -6.97 -11.20
CA LYS A 8 -1.78 -7.28 -9.84
C LYS A 8 -0.70 -6.90 -8.85
N VAL A 9 0.35 -6.25 -9.34
CA VAL A 9 1.45 -5.81 -8.50
C VAL A 9 1.86 -4.37 -8.81
N LYS A 10 2.68 -3.79 -7.95
CA LYS A 10 3.14 -2.42 -8.13
C LYS A 10 4.34 -2.12 -7.23
N SER A 11 5.32 -1.41 -7.77
CA SER A 11 6.51 -1.06 -7.01
C SER A 11 7.11 0.24 -7.52
N GLY A 12 7.20 1.23 -6.63
CA GLY A 12 7.75 2.52 -7.01
C GLY A 12 8.28 3.30 -5.81
N TRP A 13 9.01 4.37 -6.08
CA TRP A 13 9.57 5.20 -5.01
C TRP A 13 8.48 6.00 -4.31
N LEU A 14 8.20 5.63 -3.06
CA LEU A 14 7.16 6.31 -2.28
C LEU A 14 7.79 7.06 -1.11
N ASP A 15 7.02 7.96 -0.52
CA ASP A 15 7.49 8.75 0.62
C ASP A 15 6.82 8.30 1.90
N LYS A 16 7.60 7.73 2.81
CA LYS A 16 7.08 7.25 4.09
C LYS A 16 7.05 8.38 5.11
N LEU A 17 5.88 8.98 5.28
CA LEU A 17 5.71 10.08 6.23
C LEU A 17 5.96 9.61 7.65
N SER A 18 7.24 9.41 7.98
CA SER A 18 7.62 8.96 9.32
C SER A 18 7.48 10.09 10.34
N PRO A 19 8.24 11.17 10.12
CA PRO A 19 8.23 12.33 11.01
C PRO A 19 6.92 13.12 10.91
N GLN A 20 6.83 14.20 11.67
CA GLN A 20 5.63 15.04 11.67
C GLN A 20 5.98 16.49 11.36
N GLY A 21 5.66 16.92 10.14
CA GLY A 21 5.94 18.29 9.73
C GLY A 21 7.24 18.40 8.96
N LYS A 22 7.25 17.89 7.73
CA LYS A 22 8.44 17.94 6.89
C LYS A 22 8.09 17.63 5.44
N ARG A 23 8.27 18.62 4.57
CA ARG A 23 7.98 18.46 3.15
C ARG A 23 8.32 17.05 2.68
N MET A 24 9.62 16.75 2.61
CA MET A 24 10.08 15.45 2.18
C MET A 24 10.38 14.55 3.38
N PHE A 25 9.31 14.06 4.02
CA PHE A 25 9.46 13.19 5.19
C PHE A 25 10.67 12.28 5.03
N GLN A 26 10.56 11.31 4.14
CA GLN A 26 11.65 10.37 3.89
C GLN A 26 11.47 9.65 2.57
N LYS A 27 12.42 8.79 2.22
CA LYS A 27 12.37 8.04 0.98
C LYS A 27 12.67 6.56 1.22
N ARG A 28 11.85 5.69 0.63
CA ARG A 28 12.02 4.25 0.78
C ARG A 28 11.28 3.50 -0.33
N TRP A 29 11.98 2.56 -0.96
CA TRP A 29 11.38 1.77 -2.03
C TRP A 29 10.24 0.92 -1.51
N VAL A 30 9.13 0.89 -2.25
CA VAL A 30 7.97 0.12 -1.86
C VAL A 30 7.55 -0.86 -2.95
N LYS A 31 7.08 -2.03 -2.55
CA LYS A 31 6.65 -3.05 -3.50
C LYS A 31 5.48 -3.86 -2.95
N PHE A 32 4.72 -4.48 -3.85
CA PHE A 32 3.57 -5.28 -3.44
C PHE A 32 3.58 -6.64 -4.15
N ASP A 33 3.19 -7.67 -3.43
CA ASP A 33 3.15 -9.02 -3.99
C ASP A 33 1.72 -9.55 -4.05
N GLY A 34 0.97 -9.32 -2.96
CA GLY A 34 -0.40 -9.79 -2.92
C GLY A 34 -0.82 -10.19 -1.51
N LEU A 35 0.14 -10.26 -0.61
CA LEU A 35 -0.14 -10.63 0.78
C LEU A 35 0.27 -9.52 1.74
N SER A 36 1.40 -8.89 1.46
CA SER A 36 1.90 -7.80 2.30
C SER A 36 2.77 -6.84 1.49
N ILE A 37 2.94 -5.63 2.01
CA ILE A 37 3.75 -4.63 1.33
C ILE A 37 5.15 -4.56 1.93
N SER A 38 6.16 -4.86 1.11
CA SER A 38 7.54 -4.84 1.55
C SER A 38 8.27 -3.61 1.01
N TYR A 39 8.73 -2.76 1.92
CA TYR A 39 9.43 -1.54 1.52
C TYR A 39 10.82 -1.49 2.17
N TYR A 40 11.83 -1.21 1.35
CA TYR A 40 13.20 -1.13 1.84
C TYR A 40 13.83 0.21 1.49
N ASN A 41 14.84 0.60 2.25
CA ASN A 41 15.53 1.87 2.03
C ASN A 41 16.73 1.68 1.09
N ASN A 42 17.31 2.79 0.66
CA ASN A 42 18.47 2.75 -0.23
C ASN A 42 19.74 2.39 0.55
N GLU A 43 19.94 3.06 1.67
CA GLU A 43 21.11 2.82 2.50
C GLU A 43 21.27 1.33 2.81
N LYS A 44 22.51 0.85 2.78
CA LYS A 44 22.78 -0.55 3.06
C LYS A 44 21.92 -1.07 4.20
N GLU A 45 21.49 -2.33 4.09
CA GLU A 45 20.65 -2.94 5.12
C GLU A 45 21.32 -2.85 6.49
N MET A 46 20.74 -2.06 7.37
CA MET A 46 21.28 -1.89 8.72
C MET A 46 20.28 -2.38 9.76
N TYR A 47 20.05 -3.68 9.79
CA TYR A 47 19.11 -4.28 10.74
C TYR A 47 17.83 -3.46 10.83
N SER A 48 17.41 -2.90 9.71
CA SER A 48 16.20 -2.08 9.67
C SER A 48 15.24 -2.59 8.60
N LYS A 49 14.38 -3.53 8.99
CA LYS A 49 13.40 -4.10 8.07
C LYS A 49 12.03 -3.47 8.27
N GLY A 50 11.15 -3.65 7.30
CA GLY A 50 9.81 -3.10 7.39
C GLY A 50 8.84 -3.76 6.44
N ILE A 51 7.75 -4.30 6.99
CA ILE A 51 6.74 -4.98 6.18
C ILE A 51 5.34 -4.72 6.73
N ILE A 52 4.42 -4.36 5.83
CA ILE A 52 3.05 -4.08 6.23
C ILE A 52 2.12 -5.22 5.80
N PRO A 53 1.55 -5.93 6.77
CA PRO A 53 0.64 -7.05 6.52
C PRO A 53 -0.70 -6.58 5.96
N LEU A 54 -1.07 -7.10 4.80
CA LEU A 54 -2.33 -6.74 4.17
C LEU A 54 -3.47 -6.75 5.18
N SER A 55 -3.35 -7.60 6.19
CA SER A 55 -4.38 -7.71 7.23
C SER A 55 -4.53 -6.40 7.98
N ALA A 56 -3.40 -5.79 8.34
CA ALA A 56 -3.41 -4.53 9.06
C ALA A 56 -4.21 -3.47 8.32
N ILE A 57 -4.04 -3.42 6.99
CA ILE A 57 -4.76 -2.46 6.18
C ILE A 57 -6.27 -2.57 6.38
N SER A 58 -6.87 -1.50 6.87
CA SER A 58 -8.31 -1.47 7.12
C SER A 58 -9.04 -0.79 5.98
N THR A 59 -8.55 0.38 5.58
CA THR A 59 -9.17 1.14 4.49
C THR A 59 -8.21 2.19 3.94
N VAL A 60 -8.42 2.58 2.70
CA VAL A 60 -7.57 3.58 2.05
C VAL A 60 -8.39 4.79 1.61
N ARG A 61 -7.75 5.96 1.62
CA ARG A 61 -8.42 7.19 1.22
C ARG A 61 -7.43 8.15 0.55
N VAL A 62 -7.91 8.90 -0.43
CA VAL A 62 -7.08 9.86 -1.14
C VAL A 62 -6.95 11.16 -0.37
N GLN A 63 -5.75 11.74 -0.39
CA GLN A 63 -5.50 12.99 0.33
C GLN A 63 -4.74 13.97 -0.56
N GLY A 64 -4.76 15.24 -0.18
CA GLY A 64 -4.06 16.26 -0.95
C GLY A 64 -4.44 16.23 -2.42
N ASP A 65 -3.45 16.06 -3.29
CA ASP A 65 -3.68 16.01 -4.72
C ASP A 65 -3.13 14.72 -5.33
N ASN A 66 -1.90 14.38 -4.95
CA ASN A 66 -1.26 13.18 -5.45
C ASN A 66 -0.75 12.30 -4.30
N LYS A 67 -1.48 12.32 -3.19
CA LYS A 67 -1.11 11.54 -2.02
C LYS A 67 -2.29 10.72 -1.51
N PHE A 68 -2.01 9.78 -0.63
CA PHE A 68 -3.06 8.93 -0.06
C PHE A 68 -2.68 8.47 1.35
N GLU A 69 -3.68 8.03 2.11
CA GLU A 69 -3.46 7.56 3.46
C GLU A 69 -3.87 6.10 3.62
N VAL A 70 -2.99 5.31 4.24
CA VAL A 70 -3.26 3.89 4.45
C VAL A 70 -3.51 3.59 5.92
N VAL A 71 -4.78 3.51 6.29
CA VAL A 71 -5.16 3.23 7.67
C VAL A 71 -4.85 1.79 8.04
N THR A 72 -3.95 1.60 9.00
CA THR A 72 -3.57 0.26 9.45
C THR A 72 -3.95 0.05 10.91
N THR A 73 -4.25 -1.20 11.26
CA THR A 73 -4.62 -1.54 12.62
C THR A 73 -3.50 -1.21 13.61
N GLN A 74 -2.32 -0.93 13.06
CA GLN A 74 -1.17 -0.58 13.90
C GLN A 74 -0.97 0.93 13.97
N ARG A 75 -0.55 1.51 12.85
CA ARG A 75 -0.32 2.95 12.78
C ARG A 75 -0.50 3.47 11.36
N THR A 76 -1.44 4.40 11.19
CA THR A 76 -1.72 4.97 9.88
C THR A 76 -0.43 5.50 9.22
N PHE A 77 -0.28 5.20 7.94
CA PHE A 77 0.90 5.64 7.19
C PHE A 77 0.50 6.44 5.95
N VAL A 78 1.32 7.42 5.60
CA VAL A 78 1.04 8.24 4.43
C VAL A 78 2.03 7.94 3.30
N PHE A 79 1.49 7.54 2.15
CA PHE A 79 2.31 7.22 1.00
C PHE A 79 2.06 8.18 -0.15
N ARG A 80 3.13 8.70 -0.73
CA ARG A 80 3.02 9.64 -1.84
C ARG A 80 3.55 9.04 -3.13
N VAL A 81 2.88 9.34 -4.24
CA VAL A 81 3.28 8.83 -5.54
C VAL A 81 3.95 9.91 -6.39
N GLU A 82 4.57 9.50 -7.49
CA GLU A 82 5.25 10.44 -8.39
C GLU A 82 4.30 10.92 -9.48
N LYS A 83 3.23 10.17 -9.69
CA LYS A 83 2.24 10.52 -10.71
C LYS A 83 0.84 10.13 -10.28
N GLU A 84 -0.10 11.06 -10.41
CA GLU A 84 -1.49 10.80 -10.02
C GLU A 84 -1.91 9.40 -10.43
N GLU A 85 -1.78 9.10 -11.72
CA GLU A 85 -2.15 7.79 -12.24
C GLU A 85 -1.80 6.69 -11.26
N GLU A 86 -0.55 6.70 -10.78
CA GLU A 86 -0.09 5.70 -9.83
C GLU A 86 -1.02 5.61 -8.63
N ARG A 87 -1.35 6.76 -8.05
CA ARG A 87 -2.23 6.81 -6.90
C ARG A 87 -3.42 5.87 -7.08
N ASN A 88 -4.20 6.11 -8.13
CA ASN A 88 -5.37 5.29 -8.41
C ASN A 88 -4.99 3.81 -8.52
N ASP A 89 -3.85 3.56 -9.14
CA ASP A 89 -3.37 2.19 -9.32
C ASP A 89 -3.11 1.53 -7.96
N TRP A 90 -2.17 2.08 -7.22
CA TRP A 90 -1.82 1.55 -5.90
C TRP A 90 -3.07 1.26 -5.09
N ILE A 91 -3.94 2.26 -4.96
CA ILE A 91 -5.18 2.11 -4.21
C ILE A 91 -6.02 0.96 -4.76
N SER A 92 -6.20 0.95 -6.08
CA SER A 92 -7.00 -0.08 -6.74
C SER A 92 -6.47 -1.47 -6.38
N ILE A 93 -5.14 -1.59 -6.34
CA ILE A 93 -4.51 -2.86 -6.01
C ILE A 93 -4.75 -3.25 -4.56
N LEU A 94 -4.55 -2.28 -3.65
CA LEU A 94 -4.75 -2.52 -2.23
C LEU A 94 -6.19 -2.95 -1.94
N LEU A 95 -7.13 -2.16 -2.42
CA LEU A 95 -8.56 -2.46 -2.21
C LEU A 95 -8.91 -3.81 -2.81
N ASN A 96 -8.26 -4.16 -3.92
CA ASN A 96 -8.52 -5.44 -4.57
C ASN A 96 -7.86 -6.58 -3.82
N ALA A 97 -6.93 -6.25 -2.94
CA ALA A 97 -6.24 -7.25 -2.14
C ALA A 97 -6.96 -7.50 -0.82
N LEU A 98 -7.77 -6.53 -0.41
CA LEU A 98 -8.53 -6.66 0.84
C LEU A 98 -9.80 -7.46 0.63
N LYS A 99 -10.23 -7.58 -0.62
CA LYS A 99 -11.43 -8.33 -0.96
C LYS A 99 -11.12 -9.81 -1.11
N SER A 100 -9.89 -10.12 -1.51
CA SER A 100 -9.47 -11.51 -1.69
C SER A 100 -9.24 -12.19 -0.34
N GLN A 101 -8.82 -11.41 0.65
CA GLN A 101 -8.57 -11.94 1.98
C GLN A 101 -9.84 -11.89 2.84
N SER A 102 -10.85 -11.20 2.33
CA SER A 102 -12.12 -11.07 3.05
C SER A 102 -12.88 -12.39 3.05
N LEU A 103 -12.52 -13.28 2.14
CA LEU A 103 -13.16 -14.58 2.03
C LEU A 103 -12.72 -15.50 3.16
N THR A 104 -13.70 -16.13 3.82
CA THR A 104 -13.41 -17.05 4.91
C THR A 104 -12.24 -17.95 4.58
N SER A 105 -11.18 -17.86 5.39
CA SER A 105 -9.99 -18.68 5.18
C SER A 105 -9.67 -19.50 6.42
N GLN A 106 -8.91 -20.57 6.23
CA GLN A 106 -8.54 -21.45 7.33
C GLN A 106 -7.54 -20.77 8.26
N SER A 107 -8.05 -20.09 9.28
CA SER A 107 -7.20 -19.39 10.23
C SER A 107 -7.98 -19.01 11.48
N GLN A 108 -7.33 -19.09 12.64
CA GLN A 108 -7.97 -18.76 13.91
C GLN A 108 -8.34 -17.29 13.96
N ALA A 109 -9.47 -16.99 14.58
CA ALA A 109 -9.94 -15.62 14.70
C ALA A 109 -10.96 -15.48 15.82
N SER A 110 -10.84 -14.42 16.62
CA SER A 110 -11.75 -14.18 17.73
C SER A 110 -12.39 -12.80 17.61
N GLY A 111 -13.61 -12.67 18.10
CA GLY A 111 -14.32 -11.40 18.05
C GLY A 111 -14.54 -10.93 16.63
N PRO A 112 -15.60 -11.43 15.98
CA PRO A 112 -15.94 -11.06 14.60
C PRO A 112 -16.44 -9.62 14.50
N SER A 113 -16.45 -8.91 15.63
CA SER A 113 -16.90 -7.53 15.66
C SER A 113 -15.84 -6.63 16.26
N SER A 114 -15.70 -5.42 15.70
CA SER A 114 -14.72 -4.46 16.18
C SER A 114 -15.28 -3.63 17.32
N GLY A 115 -16.50 -3.12 17.13
CA GLY A 115 -17.13 -2.30 18.15
C GLY A 115 -17.70 -1.02 17.60
N GLY A 1 -12.87 -4.08 -24.13
CA GLY A 1 -12.87 -4.44 -22.72
C GLY A 1 -11.47 -4.56 -22.15
N SER A 2 -10.90 -3.44 -21.72
CA SER A 2 -9.56 -3.42 -21.16
C SER A 2 -9.52 -4.14 -19.83
N SER A 3 -9.20 -5.44 -19.87
CA SER A 3 -9.12 -6.25 -18.66
C SER A 3 -8.23 -7.47 -18.89
N GLY A 4 -7.16 -7.57 -18.10
CA GLY A 4 -6.25 -8.69 -18.22
C GLY A 4 -6.23 -9.56 -16.98
N SER A 5 -5.26 -10.45 -16.90
CA SER A 5 -5.14 -11.36 -15.76
C SER A 5 -3.96 -10.95 -14.87
N SER A 6 -2.84 -10.63 -15.49
CA SER A 6 -1.64 -10.23 -14.76
C SER A 6 -1.75 -8.78 -14.29
N GLY A 7 -1.22 -8.51 -13.10
CA GLY A 7 -1.27 -7.16 -12.56
C GLY A 7 -1.74 -7.14 -11.13
N LYS A 8 -1.15 -7.99 -10.29
CA LYS A 8 -1.50 -8.06 -8.88
C LYS A 8 -0.36 -7.57 -8.00
N VAL A 9 0.63 -6.94 -8.62
CA VAL A 9 1.79 -6.43 -7.90
C VAL A 9 2.15 -5.04 -8.38
N LYS A 10 3.06 -4.38 -7.65
CA LYS A 10 3.51 -3.04 -8.00
C LYS A 10 4.66 -2.59 -7.11
N SER A 11 5.61 -1.87 -7.68
CA SER A 11 6.76 -1.38 -6.94
C SER A 11 7.27 -0.07 -7.52
N GLY A 12 7.54 0.90 -6.64
CA GLY A 12 8.03 2.19 -7.09
C GLY A 12 8.54 3.03 -5.94
N TRP A 13 9.52 3.88 -6.24
CA TRP A 13 10.11 4.75 -5.21
C TRP A 13 9.08 5.73 -4.67
N LEU A 14 8.61 5.47 -3.45
CA LEU A 14 7.62 6.32 -2.81
C LEU A 14 8.14 6.88 -1.50
N ASP A 15 7.50 7.94 -1.00
CA ASP A 15 7.90 8.56 0.25
C ASP A 15 7.12 7.97 1.42
N LYS A 16 7.85 7.39 2.38
CA LYS A 16 7.22 6.79 3.55
C LYS A 16 7.32 7.71 4.75
N LEU A 17 6.18 8.01 5.36
CA LEU A 17 6.13 8.88 6.53
C LEU A 17 6.14 8.07 7.82
N SER A 18 7.18 8.27 8.64
CA SER A 18 7.30 7.55 9.90
C SER A 18 7.63 6.08 9.66
N PRO A 19 8.71 5.84 8.90
CA PRO A 19 9.15 4.48 8.58
C PRO A 19 9.71 3.75 9.80
N GLN A 20 9.94 4.50 10.88
CA GLN A 20 10.48 3.93 12.10
C GLN A 20 9.68 4.38 13.32
N GLY A 21 9.62 5.69 13.53
CA GLY A 21 8.87 6.23 14.65
C GLY A 21 8.32 7.61 14.37
N LYS A 22 9.16 8.49 13.85
CA LYS A 22 8.74 9.85 13.53
C LYS A 22 9.81 10.57 12.72
N ARG A 23 9.46 10.99 11.51
CA ARG A 23 10.40 11.69 10.64
C ARG A 23 9.71 12.15 9.36
N MET A 24 10.27 13.17 8.72
CA MET A 24 9.71 13.72 7.49
C MET A 24 9.66 12.64 6.40
N PHE A 25 9.01 12.97 5.28
CA PHE A 25 8.89 12.04 4.17
C PHE A 25 10.24 11.39 3.85
N GLN A 26 10.43 10.17 4.32
CA GLN A 26 11.68 9.45 4.09
C GLN A 26 11.56 8.55 2.87
N LYS A 27 12.14 9.00 1.76
CA LYS A 27 12.10 8.24 0.51
C LYS A 27 12.45 6.77 0.76
N ARG A 28 11.62 5.87 0.25
CA ARG A 28 11.83 4.45 0.42
C ARG A 28 11.08 3.65 -0.64
N TRP A 29 11.76 2.69 -1.26
CA TRP A 29 11.16 1.86 -2.30
C TRP A 29 10.12 0.93 -1.69
N VAL A 30 8.92 0.93 -2.28
CA VAL A 30 7.84 0.07 -1.81
C VAL A 30 7.53 -1.03 -2.81
N LYS A 31 7.29 -2.24 -2.30
CA LYS A 31 6.98 -3.38 -3.16
C LYS A 31 5.77 -4.14 -2.63
N PHE A 32 4.96 -4.65 -3.55
CA PHE A 32 3.76 -5.39 -3.18
C PHE A 32 3.70 -6.74 -3.91
N ASP A 33 3.55 -7.81 -3.15
CA ASP A 33 3.47 -9.15 -3.72
C ASP A 33 2.12 -9.78 -3.45
N GLY A 34 1.09 -8.95 -3.33
CA GLY A 34 -0.24 -9.45 -3.07
C GLY A 34 -0.50 -9.70 -1.59
N LEU A 35 0.44 -10.40 -0.95
CA LEU A 35 0.31 -10.72 0.46
C LEU A 35 0.50 -9.46 1.31
N SER A 36 1.70 -8.90 1.26
CA SER A 36 2.01 -7.69 2.04
C SER A 36 2.88 -6.74 1.23
N ILE A 37 3.07 -5.54 1.75
CA ILE A 37 3.89 -4.53 1.08
C ILE A 37 5.27 -4.42 1.74
N SER A 38 6.29 -4.90 1.05
CA SER A 38 7.65 -4.85 1.56
C SER A 38 8.44 -3.71 0.93
N TYR A 39 8.82 -2.73 1.74
CA TYR A 39 9.57 -1.58 1.25
C TYR A 39 11.03 -1.64 1.73
N TYR A 40 11.94 -1.31 0.83
CA TYR A 40 13.37 -1.31 1.15
C TYR A 40 14.01 0.03 0.84
N ASN A 41 15.30 0.13 1.12
CA ASN A 41 16.03 1.37 0.87
C ASN A 41 17.16 1.13 -0.12
N ASN A 42 17.84 2.21 -0.51
CA ASN A 42 18.94 2.12 -1.46
C ASN A 42 19.92 1.02 -1.06
N GLU A 43 20.93 0.79 -1.90
CA GLU A 43 21.93 -0.24 -1.62
C GLU A 43 22.74 0.11 -0.39
N LYS A 44 22.27 -0.33 0.77
CA LYS A 44 22.96 -0.06 2.03
C LYS A 44 22.43 -0.97 3.13
N GLU A 45 23.07 -0.90 4.31
CA GLU A 45 22.66 -1.72 5.44
C GLU A 45 22.07 -0.85 6.55
N MET A 46 21.26 0.12 6.15
CA MET A 46 20.62 1.03 7.10
C MET A 46 19.68 0.27 8.03
N TYR A 47 18.72 -0.44 7.43
CA TYR A 47 17.76 -1.22 8.20
C TYR A 47 17.16 -2.34 7.36
N SER A 48 17.09 -3.53 7.93
CA SER A 48 16.54 -4.68 7.23
C SER A 48 15.15 -5.02 7.75
N LYS A 49 14.33 -4.00 7.93
CA LYS A 49 12.96 -4.18 8.42
C LYS A 49 12.01 -3.16 7.80
N GLY A 50 10.76 -3.54 7.63
CA GLY A 50 9.78 -2.64 7.06
C GLY A 50 8.80 -3.36 6.14
N ILE A 51 7.71 -3.86 6.72
CA ILE A 51 6.69 -4.57 5.96
C ILE A 51 5.30 -4.24 6.46
N ILE A 52 4.36 -4.07 5.53
CA ILE A 52 2.99 -3.75 5.88
C ILE A 52 2.04 -4.90 5.51
N PRO A 53 1.48 -5.56 6.53
CA PRO A 53 0.56 -6.68 6.33
C PRO A 53 -0.78 -6.23 5.75
N LEU A 54 -1.19 -6.86 4.65
CA LEU A 54 -2.45 -6.53 4.01
C LEU A 54 -3.58 -6.41 5.03
N SER A 55 -3.58 -7.33 6.01
CA SER A 55 -4.60 -7.34 7.05
C SER A 55 -4.71 -5.97 7.71
N ALA A 56 -3.57 -5.40 8.08
CA ALA A 56 -3.55 -4.08 8.71
C ALA A 56 -4.39 -3.08 7.94
N ILE A 57 -4.15 -2.99 6.64
CA ILE A 57 -4.89 -2.07 5.78
C ILE A 57 -6.38 -2.17 6.04
N SER A 58 -6.87 -1.33 6.95
CA SER A 58 -8.30 -1.31 7.29
C SER A 58 -9.10 -0.62 6.19
N THR A 59 -8.59 0.51 5.72
CA THR A 59 -9.27 1.28 4.68
C THR A 59 -8.34 2.33 4.08
N VAL A 60 -8.56 2.65 2.80
CA VAL A 60 -7.74 3.64 2.12
C VAL A 60 -8.60 4.79 1.60
N ARG A 61 -8.06 6.00 1.68
CA ARG A 61 -8.78 7.19 1.23
C ARG A 61 -7.80 8.24 0.71
N VAL A 62 -8.15 8.85 -0.42
CA VAL A 62 -7.31 9.88 -1.03
C VAL A 62 -7.30 11.15 -0.20
N GLN A 63 -6.12 11.70 0.03
CA GLN A 63 -5.97 12.92 0.82
C GLN A 63 -4.89 13.82 0.24
N GLY A 64 -5.18 15.12 0.15
CA GLY A 64 -4.22 16.06 -0.39
C GLY A 64 -4.04 15.92 -1.89
N ASP A 65 -2.88 16.33 -2.38
CA ASP A 65 -2.59 16.24 -3.81
C ASP A 65 -1.66 15.06 -4.11
N ASN A 66 -2.04 14.25 -5.09
CA ASN A 66 -1.26 13.08 -5.47
C ASN A 66 -0.81 12.30 -4.24
N LYS A 67 -1.73 12.15 -3.28
CA LYS A 67 -1.42 11.41 -2.05
C LYS A 67 -2.66 10.68 -1.54
N PHE A 68 -2.45 9.71 -0.68
CA PHE A 68 -3.55 8.93 -0.12
C PHE A 68 -3.27 8.56 1.34
N GLU A 69 -4.26 7.97 2.00
CA GLU A 69 -4.13 7.58 3.40
C GLU A 69 -4.36 6.08 3.56
N VAL A 70 -3.44 5.42 4.27
CA VAL A 70 -3.54 3.99 4.50
C VAL A 70 -3.74 3.68 5.99
N VAL A 71 -4.96 3.38 6.37
CA VAL A 71 -5.28 3.06 7.76
C VAL A 71 -4.81 1.66 8.13
N THR A 72 -4.10 1.56 9.24
CA THR A 72 -3.58 0.27 9.71
C THR A 72 -3.75 0.12 11.22
N THR A 73 -3.58 -1.10 11.71
CA THR A 73 -3.72 -1.36 13.14
C THR A 73 -2.69 -0.56 13.94
N GLN A 74 -1.42 -0.80 13.66
CA GLN A 74 -0.34 -0.09 14.36
C GLN A 74 -0.59 1.41 14.36
N ARG A 75 -0.60 2.00 13.18
CA ARG A 75 -0.81 3.44 13.03
C ARG A 75 -0.96 3.82 11.57
N THR A 76 -1.92 4.71 11.28
CA THR A 76 -2.16 5.16 9.92
C THR A 76 -0.91 5.76 9.30
N PHE A 77 -0.70 5.50 8.03
CA PHE A 77 0.47 6.03 7.32
C PHE A 77 0.04 6.88 6.13
N VAL A 78 1.00 7.63 5.58
CA VAL A 78 0.72 8.50 4.44
C VAL A 78 1.76 8.31 3.35
N PHE A 79 1.30 7.87 2.18
CA PHE A 79 2.20 7.64 1.04
C PHE A 79 2.04 8.74 0.00
N ARG A 80 3.12 9.02 -0.72
CA ARG A 80 3.09 10.05 -1.76
C ARG A 80 3.63 9.50 -3.08
N VAL A 81 2.84 9.67 -4.14
CA VAL A 81 3.24 9.19 -5.46
C VAL A 81 3.83 10.33 -6.30
N GLU A 82 4.36 9.98 -7.47
CA GLU A 82 4.96 10.96 -8.35
C GLU A 82 3.94 11.49 -9.35
N LYS A 83 2.88 10.73 -9.56
CA LYS A 83 1.82 11.12 -10.49
C LYS A 83 0.45 10.69 -9.97
N GLU A 84 -0.60 11.33 -10.46
CA GLU A 84 -1.96 11.02 -10.05
C GLU A 84 -2.27 9.54 -10.32
N GLU A 85 -2.08 9.11 -11.56
CA GLU A 85 -2.34 7.74 -11.94
C GLU A 85 -1.89 6.77 -10.85
N GLU A 86 -0.63 6.89 -10.43
CA GLU A 86 -0.08 6.03 -9.39
C GLU A 86 -0.99 6.01 -8.17
N ARG A 87 -1.55 7.16 -7.83
CA ARG A 87 -2.44 7.27 -6.67
C ARG A 87 -3.58 6.26 -6.78
N ASN A 88 -4.32 6.32 -7.89
CA ASN A 88 -5.43 5.41 -8.11
C ASN A 88 -4.95 3.96 -8.23
N ASP A 89 -3.87 3.77 -8.98
CA ASP A 89 -3.31 2.45 -9.18
C ASP A 89 -3.01 1.78 -7.83
N TRP A 90 -2.12 2.39 -7.05
CA TRP A 90 -1.75 1.87 -5.74
C TRP A 90 -2.99 1.54 -4.92
N ILE A 91 -3.80 2.56 -4.66
CA ILE A 91 -5.02 2.37 -3.87
C ILE A 91 -5.85 1.21 -4.40
N SER A 92 -6.03 1.17 -5.72
CA SER A 92 -6.80 0.11 -6.35
C SER A 92 -6.24 -1.26 -5.98
N ILE A 93 -4.98 -1.49 -6.29
CA ILE A 93 -4.33 -2.75 -5.99
C ILE A 93 -4.64 -3.22 -4.57
N LEU A 94 -4.45 -2.32 -3.61
CA LEU A 94 -4.72 -2.63 -2.21
C LEU A 94 -6.16 -3.12 -2.03
N LEU A 95 -7.11 -2.26 -2.36
CA LEU A 95 -8.52 -2.60 -2.24
C LEU A 95 -8.82 -3.95 -2.89
N ASN A 96 -8.37 -4.11 -4.13
CA ASN A 96 -8.58 -5.36 -4.86
C ASN A 96 -8.07 -6.55 -4.06
N ALA A 97 -6.89 -6.41 -3.48
CA ALA A 97 -6.29 -7.47 -2.68
C ALA A 97 -7.09 -7.74 -1.41
N LEU A 98 -7.46 -6.66 -0.72
CA LEU A 98 -8.24 -6.77 0.51
C LEU A 98 -9.41 -7.74 0.33
N LYS A 99 -10.08 -7.63 -0.81
CA LYS A 99 -11.22 -8.50 -1.10
C LYS A 99 -10.83 -9.97 -0.98
N SER A 100 -9.69 -10.32 -1.56
CA SER A 100 -9.20 -11.70 -1.51
C SER A 100 -9.17 -12.22 -0.07
N GLN A 101 -8.54 -11.46 0.81
CA GLN A 101 -8.45 -11.85 2.21
C GLN A 101 -9.79 -11.67 2.92
N SER A 102 -10.62 -10.80 2.38
CA SER A 102 -11.94 -10.54 2.95
C SER A 102 -13.04 -11.01 2.02
N LEU A 103 -13.46 -12.26 2.18
CA LEU A 103 -14.51 -12.84 1.34
C LEU A 103 -14.88 -14.24 1.82
N THR A 104 -16.18 -14.51 1.93
CA THR A 104 -16.66 -15.81 2.37
C THR A 104 -16.61 -16.82 1.23
N SER A 105 -16.21 -18.05 1.56
CA SER A 105 -16.12 -19.11 0.56
C SER A 105 -17.51 -19.50 0.06
N GLN A 106 -17.58 -19.83 -1.23
CA GLN A 106 -18.85 -20.22 -1.84
C GLN A 106 -18.69 -21.53 -2.62
N SER A 107 -19.56 -22.49 -2.31
CA SER A 107 -19.51 -23.80 -2.97
C SER A 107 -19.26 -23.64 -4.47
N GLN A 108 -18.08 -24.07 -4.91
CA GLN A 108 -17.72 -23.97 -6.32
C GLN A 108 -16.41 -24.73 -6.59
N ALA A 109 -16.02 -24.76 -7.86
CA ALA A 109 -14.79 -25.44 -8.26
C ALA A 109 -14.37 -25.03 -9.67
N SER A 110 -13.33 -24.20 -9.75
CA SER A 110 -12.82 -23.73 -11.03
C SER A 110 -12.48 -24.91 -11.94
N GLY A 111 -13.37 -25.21 -12.89
CA GLY A 111 -13.13 -26.30 -13.81
C GLY A 111 -11.94 -26.06 -14.70
N PRO A 112 -11.00 -27.02 -14.71
CA PRO A 112 -9.78 -26.93 -15.53
C PRO A 112 -10.07 -27.07 -17.02
N SER A 113 -9.02 -27.09 -17.83
CA SER A 113 -9.16 -27.21 -19.27
C SER A 113 -7.80 -27.36 -19.95
N SER A 114 -7.66 -28.41 -20.74
CA SER A 114 -6.41 -28.67 -21.44
C SER A 114 -6.38 -27.97 -22.80
N GLY A 115 -7.44 -28.16 -23.57
CA GLY A 115 -7.52 -27.53 -24.88
C GLY A 115 -6.19 -27.48 -25.59
N GLY A 1 -14.95 6.92 -14.30
CA GLY A 1 -14.71 5.67 -14.99
C GLY A 1 -13.30 5.15 -14.78
N SER A 2 -13.19 3.87 -14.43
CA SER A 2 -11.89 3.26 -14.18
C SER A 2 -11.95 1.75 -14.44
N SER A 3 -10.79 1.18 -14.80
CA SER A 3 -10.71 -0.25 -15.09
C SER A 3 -9.32 -0.79 -14.75
N GLY A 4 -9.20 -2.11 -14.70
CA GLY A 4 -7.93 -2.74 -14.38
C GLY A 4 -8.07 -4.19 -14.01
N SER A 5 -8.17 -5.05 -15.02
CA SER A 5 -8.33 -6.49 -14.79
C SER A 5 -7.05 -7.07 -14.20
N SER A 6 -5.94 -6.93 -14.95
CA SER A 6 -4.65 -7.46 -14.50
C SER A 6 -3.89 -6.41 -13.69
N GLY A 7 -3.97 -6.52 -12.38
CA GLY A 7 -3.28 -5.57 -11.51
C GLY A 7 -3.43 -5.90 -10.04
N LYS A 8 -2.49 -6.69 -9.51
CA LYS A 8 -2.53 -7.08 -8.11
C LYS A 8 -1.22 -6.71 -7.41
N VAL A 9 -0.27 -6.19 -8.18
CA VAL A 9 1.02 -5.79 -7.63
C VAL A 9 1.42 -4.41 -8.11
N LYS A 10 2.43 -3.82 -7.47
CA LYS A 10 2.91 -2.50 -7.82
C LYS A 10 4.17 -2.14 -7.04
N SER A 11 5.09 -1.46 -7.70
CA SER A 11 6.35 -1.05 -7.07
C SER A 11 6.86 0.27 -7.65
N GLY A 12 7.21 1.19 -6.77
CA GLY A 12 7.71 2.48 -7.22
C GLY A 12 8.29 3.30 -6.09
N TRP A 13 8.73 4.52 -6.39
CA TRP A 13 9.32 5.40 -5.40
C TRP A 13 8.23 6.04 -4.54
N LEU A 14 7.97 5.46 -3.38
CA LEU A 14 6.96 5.98 -2.47
C LEU A 14 7.60 6.72 -1.30
N ASP A 15 7.21 7.98 -1.13
CA ASP A 15 7.75 8.81 -0.05
C ASP A 15 6.92 8.66 1.22
N LYS A 16 7.57 8.34 2.32
CA LYS A 16 6.89 8.17 3.60
C LYS A 16 7.13 9.37 4.51
N LEU A 17 6.19 9.62 5.41
CA LEU A 17 6.30 10.74 6.34
C LEU A 17 7.23 10.39 7.50
N SER A 18 8.43 10.93 7.47
CA SER A 18 9.41 10.68 8.52
C SER A 18 9.13 11.54 9.75
N PRO A 19 9.29 12.87 9.59
CA PRO A 19 9.06 13.82 10.67
C PRO A 19 7.58 13.94 11.03
N GLN A 20 7.29 14.00 12.33
CA GLN A 20 5.92 14.11 12.81
C GLN A 20 5.10 15.00 11.89
N GLY A 21 5.44 16.28 11.85
CA GLY A 21 4.72 17.21 11.00
C GLY A 21 5.13 17.12 9.54
N LYS A 22 4.31 17.67 8.66
CA LYS A 22 4.60 17.65 7.23
C LYS A 22 5.64 18.69 6.87
N ARG A 23 6.90 18.29 6.86
CA ARG A 23 7.99 19.20 6.53
C ARG A 23 8.91 18.58 5.47
N MET A 24 9.42 17.39 5.77
CA MET A 24 10.32 16.69 4.84
C MET A 24 9.83 15.27 4.60
N PHE A 25 10.14 14.74 3.42
CA PHE A 25 9.75 13.38 3.05
C PHE A 25 10.96 12.48 2.86
N GLN A 26 10.81 11.22 3.22
CA GLN A 26 11.91 10.25 3.10
C GLN A 26 11.58 9.21 2.03
N LYS A 27 12.50 9.05 1.08
CA LYS A 27 12.32 8.08 0.00
C LYS A 27 12.53 6.66 0.51
N ARG A 28 11.77 5.72 -0.04
CA ARG A 28 11.88 4.32 0.35
C ARG A 28 11.40 3.40 -0.77
N TRP A 29 12.13 2.32 -0.99
CA TRP A 29 11.78 1.36 -2.03
C TRP A 29 10.67 0.43 -1.56
N VAL A 30 9.46 0.63 -2.07
CA VAL A 30 8.32 -0.18 -1.70
C VAL A 30 7.88 -1.07 -2.85
N LYS A 31 7.51 -2.31 -2.54
CA LYS A 31 7.06 -3.26 -3.55
C LYS A 31 5.93 -4.12 -3.03
N PHE A 32 4.88 -4.26 -3.81
CA PHE A 32 3.72 -5.06 -3.43
C PHE A 32 3.71 -6.39 -4.18
N ASP A 33 3.74 -7.49 -3.43
CA ASP A 33 3.73 -8.82 -4.01
C ASP A 33 2.32 -9.42 -3.99
N GLY A 34 1.41 -8.74 -3.31
CA GLY A 34 0.04 -9.21 -3.22
C GLY A 34 -0.35 -9.59 -1.81
N LEU A 35 0.58 -10.17 -1.08
CA LEU A 35 0.33 -10.59 0.30
C LEU A 35 0.51 -9.42 1.27
N SER A 36 1.66 -8.76 1.18
CA SER A 36 1.95 -7.62 2.04
C SER A 36 2.89 -6.64 1.35
N ILE A 37 3.08 -5.47 1.96
CA ILE A 37 3.95 -4.45 1.40
C ILE A 37 5.29 -4.41 2.12
N SER A 38 6.36 -4.78 1.41
CA SER A 38 7.69 -4.79 1.99
C SER A 38 8.54 -3.64 1.45
N TYR A 39 9.18 -2.90 2.34
CA TYR A 39 10.02 -1.77 1.96
C TYR A 39 11.48 -2.04 2.28
N TYR A 40 12.36 -1.21 1.74
CA TYR A 40 13.79 -1.35 1.97
C TYR A 40 14.52 -0.04 1.70
N ASN A 41 15.55 0.24 2.50
CA ASN A 41 16.33 1.45 2.35
C ASN A 41 17.33 1.32 1.22
N ASN A 42 16.85 0.92 0.05
CA ASN A 42 17.70 0.75 -1.12
C ASN A 42 19.01 0.05 -0.75
N GLU A 43 18.92 -0.92 0.16
CA GLU A 43 20.09 -1.66 0.60
C GLU A 43 19.70 -3.03 1.16
N LYS A 44 20.50 -4.04 0.83
CA LYS A 44 20.24 -5.39 1.28
C LYS A 44 20.69 -5.58 2.73
N GLU A 45 19.82 -5.24 3.67
CA GLU A 45 20.13 -5.37 5.08
C GLU A 45 19.10 -6.26 5.79
N MET A 46 19.57 -7.04 6.75
CA MET A 46 18.70 -7.92 7.51
C MET A 46 17.92 -7.15 8.57
N TYR A 47 18.65 -6.56 9.51
CA TYR A 47 18.04 -5.80 10.59
C TYR A 47 17.10 -4.73 10.03
N SER A 48 16.54 -3.92 10.93
CA SER A 48 15.63 -2.86 10.53
C SER A 48 14.47 -3.43 9.71
N LYS A 49 14.03 -4.63 10.07
CA LYS A 49 12.93 -5.28 9.37
C LYS A 49 11.66 -4.44 9.44
N GLY A 50 11.01 -4.25 8.30
CA GLY A 50 9.79 -3.46 8.27
C GLY A 50 8.88 -3.86 7.12
N ILE A 51 7.72 -4.41 7.46
CA ILE A 51 6.76 -4.84 6.45
C ILE A 51 5.32 -4.61 6.91
N ILE A 52 4.46 -4.20 5.99
CA ILE A 52 3.06 -3.95 6.30
C ILE A 52 2.17 -5.06 5.78
N PRO A 53 1.55 -5.82 6.70
CA PRO A 53 0.66 -6.92 6.34
C PRO A 53 -0.64 -6.44 5.73
N LEU A 54 -1.13 -7.17 4.73
CA LEU A 54 -2.37 -6.81 4.05
C LEU A 54 -3.53 -6.76 5.05
N SER A 55 -3.52 -7.69 6.01
CA SER A 55 -4.57 -7.75 7.02
C SER A 55 -4.73 -6.41 7.73
N ALA A 56 -3.60 -5.84 8.14
CA ALA A 56 -3.60 -4.55 8.83
C ALA A 56 -4.40 -3.51 8.06
N ILE A 57 -4.20 -3.47 6.75
CA ILE A 57 -4.91 -2.52 5.90
C ILE A 57 -6.42 -2.71 6.00
N SER A 58 -7.07 -1.76 6.69
CA SER A 58 -8.52 -1.81 6.87
C SER A 58 -9.23 -1.06 5.76
N THR A 59 -8.62 0.02 5.30
CA THR A 59 -9.19 0.83 4.23
C THR A 59 -8.18 1.84 3.70
N VAL A 60 -8.27 2.12 2.40
CA VAL A 60 -7.37 3.07 1.77
C VAL A 60 -8.12 4.25 1.17
N ARG A 61 -7.57 5.44 1.31
CA ARG A 61 -8.19 6.65 0.80
C ARG A 61 -7.13 7.65 0.29
N VAL A 62 -7.59 8.68 -0.41
CA VAL A 62 -6.69 9.69 -0.94
C VAL A 62 -6.36 10.75 0.12
N GLN A 63 -5.17 11.33 0.01
CA GLN A 63 -4.73 12.34 0.95
C GLN A 63 -4.13 13.55 0.22
N GLY A 64 -4.36 14.74 0.75
CA GLY A 64 -3.84 15.95 0.14
C GLY A 64 -3.84 15.87 -1.38
N ASP A 65 -2.75 16.28 -2.00
CA ASP A 65 -2.64 16.26 -3.45
C ASP A 65 -1.59 15.25 -3.90
N ASN A 66 -1.99 14.33 -4.77
CA ASN A 66 -1.08 13.31 -5.28
C ASN A 66 -0.54 12.45 -4.14
N LYS A 67 -1.38 12.21 -3.14
CA LYS A 67 -0.98 11.40 -1.99
C LYS A 67 -2.14 10.52 -1.52
N PHE A 68 -1.85 9.58 -0.63
CA PHE A 68 -2.87 8.68 -0.10
C PHE A 68 -2.51 8.23 1.32
N GLU A 69 -3.52 7.89 2.09
CA GLU A 69 -3.32 7.44 3.46
C GLU A 69 -3.75 5.98 3.63
N VAL A 70 -2.94 5.21 4.35
CA VAL A 70 -3.23 3.80 4.58
C VAL A 70 -3.66 3.56 6.02
N VAL A 71 -4.92 3.19 6.21
CA VAL A 71 -5.45 2.93 7.54
C VAL A 71 -5.09 1.52 8.00
N THR A 72 -4.20 1.43 8.98
CA THR A 72 -3.76 0.15 9.52
C THR A 72 -4.10 0.04 11.00
N THR A 73 -4.22 -1.20 11.49
CA THR A 73 -4.53 -1.44 12.89
C THR A 73 -3.56 -0.72 13.81
N GLN A 74 -2.28 -1.07 13.70
CA GLN A 74 -1.25 -0.46 14.53
C GLN A 74 -1.41 1.06 14.56
N ARG A 75 -1.32 1.68 13.38
CA ARG A 75 -1.45 3.12 13.27
C ARG A 75 -1.47 3.56 11.81
N THR A 76 -2.39 4.47 11.48
CA THR A 76 -2.52 4.96 10.12
C THR A 76 -1.20 5.54 9.61
N PHE A 77 -0.83 5.18 8.39
CA PHE A 77 0.41 5.66 7.79
C PHE A 77 0.12 6.62 6.65
N VAL A 78 1.18 7.14 6.03
CA VAL A 78 1.05 8.07 4.92
C VAL A 78 2.05 7.76 3.82
N PHE A 79 1.60 7.86 2.57
CA PHE A 79 2.45 7.59 1.42
C PHE A 79 2.19 8.59 0.29
N ARG A 80 3.26 9.00 -0.39
CA ARG A 80 3.14 9.95 -1.47
C ARG A 80 3.63 9.34 -2.78
N VAL A 81 3.02 9.74 -3.89
CA VAL A 81 3.39 9.23 -5.21
C VAL A 81 3.97 10.34 -6.08
N GLU A 82 4.42 9.97 -7.28
CA GLU A 82 5.00 10.93 -8.20
C GLU A 82 4.00 11.28 -9.32
N LYS A 83 3.27 10.27 -9.77
CA LYS A 83 2.28 10.46 -10.83
C LYS A 83 0.87 10.18 -10.32
N GLU A 84 -0.09 10.96 -10.79
CA GLU A 84 -1.49 10.78 -10.38
C GLU A 84 -1.95 9.36 -10.65
N GLU A 85 -1.58 8.84 -11.82
CA GLU A 85 -1.97 7.48 -12.20
C GLU A 85 -1.64 6.48 -11.08
N GLU A 86 -0.41 6.54 -10.59
CA GLU A 86 0.03 5.64 -9.53
C GLU A 86 -0.97 5.65 -8.37
N ARG A 87 -1.26 6.84 -7.86
CA ARG A 87 -2.20 6.98 -6.75
C ARG A 87 -3.33 5.98 -6.86
N ASN A 88 -4.20 6.16 -7.85
CA ASN A 88 -5.33 5.27 -8.07
C ASN A 88 -4.87 3.82 -8.11
N ASP A 89 -3.88 3.54 -8.94
CA ASP A 89 -3.34 2.19 -9.08
C ASP A 89 -3.11 1.56 -7.71
N TRP A 90 -2.20 2.15 -6.94
CA TRP A 90 -1.88 1.64 -5.61
C TRP A 90 -3.15 1.37 -4.82
N ILE A 91 -3.95 2.41 -4.62
CA ILE A 91 -5.19 2.29 -3.87
C ILE A 91 -6.02 1.11 -4.37
N SER A 92 -6.51 1.22 -5.61
CA SER A 92 -7.31 0.16 -6.21
C SER A 92 -6.72 -1.21 -5.92
N ILE A 93 -5.45 -1.38 -6.24
CA ILE A 93 -4.76 -2.64 -6.01
C ILE A 93 -4.95 -3.11 -4.57
N LEU A 94 -4.55 -2.28 -3.62
CA LEU A 94 -4.67 -2.61 -2.21
C LEU A 94 -6.08 -3.06 -1.87
N LEU A 95 -7.06 -2.22 -2.18
CA LEU A 95 -8.46 -2.54 -1.92
C LEU A 95 -8.81 -3.91 -2.49
N ASN A 96 -8.48 -4.12 -3.76
CA ASN A 96 -8.77 -5.40 -4.42
C ASN A 96 -8.20 -6.57 -3.62
N ALA A 97 -6.98 -6.40 -3.14
CA ALA A 97 -6.32 -7.44 -2.35
C ALA A 97 -7.12 -7.78 -1.11
N LEU A 98 -7.79 -6.77 -0.54
CA LEU A 98 -8.60 -6.97 0.66
C LEU A 98 -9.86 -7.76 0.35
N LYS A 99 -10.62 -7.30 -0.64
CA LYS A 99 -11.85 -7.96 -1.04
C LYS A 99 -11.56 -9.38 -1.54
N SER A 100 -10.39 -9.57 -2.13
CA SER A 100 -9.99 -10.87 -2.64
C SER A 100 -9.95 -11.91 -1.52
N GLN A 101 -9.36 -11.54 -0.39
CA GLN A 101 -9.25 -12.43 0.75
C GLN A 101 -10.56 -13.18 0.97
N SER A 102 -11.68 -12.50 0.74
CA SER A 102 -12.99 -13.10 0.92
C SER A 102 -13.61 -13.47 -0.42
N LEU A 103 -13.51 -14.74 -0.79
CA LEU A 103 -14.07 -15.22 -2.05
C LEU A 103 -15.57 -15.48 -1.93
N THR A 104 -16.19 -15.84 -3.04
CA THR A 104 -17.63 -16.12 -3.06
C THR A 104 -17.90 -17.53 -3.54
N SER A 105 -16.93 -18.42 -3.34
CA SER A 105 -17.08 -19.81 -3.76
C SER A 105 -16.49 -20.76 -2.72
N GLN A 106 -16.68 -22.05 -2.93
CA GLN A 106 -16.17 -23.07 -2.00
C GLN A 106 -14.76 -23.49 -2.39
N SER A 107 -13.81 -23.28 -1.47
CA SER A 107 -12.43 -23.64 -1.71
C SER A 107 -12.23 -25.15 -1.64
N GLN A 108 -11.67 -25.72 -2.71
CA GLN A 108 -11.43 -27.16 -2.76
C GLN A 108 -9.96 -27.47 -2.51
N ALA A 109 -9.70 -28.56 -1.79
CA ALA A 109 -8.33 -28.97 -1.50
C ALA A 109 -7.39 -28.64 -2.65
N SER A 110 -6.22 -28.11 -2.32
CA SER A 110 -5.24 -27.75 -3.34
C SER A 110 -3.83 -27.91 -2.80
N GLY A 111 -2.85 -27.92 -3.70
CA GLY A 111 -1.46 -28.07 -3.30
C GLY A 111 -0.50 -27.46 -4.30
N PRO A 112 -0.29 -26.13 -4.20
CA PRO A 112 0.60 -25.40 -5.09
C PRO A 112 2.07 -25.74 -4.85
N SER A 113 2.90 -25.57 -5.88
CA SER A 113 4.32 -25.86 -5.78
C SER A 113 5.14 -24.91 -6.64
N SER A 114 6.45 -25.06 -6.61
CA SER A 114 7.35 -24.22 -7.38
C SER A 114 8.78 -24.72 -7.31
N GLY A 115 9.61 -24.29 -8.26
CA GLY A 115 10.99 -24.72 -8.28
C GLY A 115 11.16 -26.13 -8.78
N GLY A 1 -12.56 1.84 -18.35
CA GLY A 1 -12.55 0.41 -18.09
C GLY A 1 -11.63 -0.33 -19.05
N SER A 2 -10.93 -1.33 -18.53
CA SER A 2 -10.01 -2.12 -19.34
C SER A 2 -10.15 -3.61 -19.03
N SER A 3 -10.62 -4.38 -20.01
CA SER A 3 -10.81 -5.82 -19.83
C SER A 3 -9.50 -6.49 -19.42
N GLY A 4 -9.61 -7.61 -18.72
CA GLY A 4 -8.44 -8.33 -18.27
C GLY A 4 -7.70 -7.60 -17.16
N SER A 5 -7.63 -8.23 -15.99
CA SER A 5 -6.96 -7.63 -14.84
C SER A 5 -5.59 -8.25 -14.64
N SER A 6 -4.57 -7.66 -15.27
CA SER A 6 -3.21 -8.15 -15.15
C SER A 6 -2.31 -7.11 -14.49
N GLY A 7 -1.94 -7.38 -13.24
CA GLY A 7 -1.08 -6.46 -12.51
C GLY A 7 -1.42 -6.39 -11.03
N LYS A 8 -1.26 -7.52 -10.34
CA LYS A 8 -1.55 -7.60 -8.92
C LYS A 8 -0.32 -7.21 -8.10
N VAL A 9 0.64 -6.56 -8.74
CA VAL A 9 1.86 -6.14 -8.06
C VAL A 9 2.25 -4.72 -8.48
N LYS A 10 2.99 -4.04 -7.62
CA LYS A 10 3.43 -2.68 -7.89
C LYS A 10 4.66 -2.33 -7.05
N SER A 11 5.65 -1.70 -7.69
CA SER A 11 6.87 -1.32 -7.01
C SER A 11 7.45 -0.05 -7.62
N GLY A 12 8.00 0.82 -6.77
CA GLY A 12 8.58 2.07 -7.24
C GLY A 12 9.24 2.85 -6.13
N TRP A 13 9.42 4.15 -6.35
CA TRP A 13 10.05 5.02 -5.36
C TRP A 13 9.03 5.95 -4.72
N LEU A 14 8.53 5.57 -3.55
CA LEU A 14 7.55 6.38 -2.84
C LEU A 14 8.15 6.97 -1.57
N ASP A 15 7.56 8.08 -1.10
CA ASP A 15 8.03 8.74 0.10
C ASP A 15 7.22 8.31 1.31
N LYS A 16 7.85 8.32 2.48
CA LYS A 16 7.18 7.93 3.72
C LYS A 16 7.31 9.03 4.77
N LEU A 17 6.18 9.36 5.39
CA LEU A 17 6.16 10.40 6.42
C LEU A 17 6.19 9.78 7.81
N SER A 18 7.37 9.36 8.23
CA SER A 18 7.54 8.75 9.55
C SER A 18 7.34 9.77 10.66
N PRO A 19 8.17 10.83 10.65
CA PRO A 19 8.10 11.90 11.65
C PRO A 19 6.85 12.76 11.48
N GLN A 20 6.37 13.33 12.59
CA GLN A 20 5.18 14.17 12.56
C GLN A 20 5.54 15.62 12.90
N GLY A 21 4.76 16.56 12.37
CA GLY A 21 5.01 17.96 12.63
C GLY A 21 6.04 18.55 11.69
N LYS A 22 7.26 18.03 11.75
CA LYS A 22 8.34 18.51 10.89
C LYS A 22 8.16 18.03 9.46
N ARG A 23 7.79 18.94 8.57
CA ARG A 23 7.57 18.61 7.17
C ARG A 23 8.81 17.95 6.57
N MET A 24 8.83 16.62 6.57
CA MET A 24 9.96 15.87 6.03
C MET A 24 9.58 14.42 5.77
N PHE A 25 9.88 13.95 4.57
CA PHE A 25 9.57 12.58 4.18
C PHE A 25 10.83 11.74 4.05
N GLN A 26 10.67 10.47 3.68
CA GLN A 26 11.81 9.56 3.51
C GLN A 26 11.62 8.68 2.29
N LYS A 27 12.64 8.61 1.45
CA LYS A 27 12.60 7.80 0.24
C LYS A 27 12.87 6.34 0.56
N ARG A 28 11.81 5.53 0.57
CA ARG A 28 11.93 4.11 0.86
C ARG A 28 11.34 3.27 -0.27
N TRP A 29 12.14 2.35 -0.80
CA TRP A 29 11.69 1.49 -1.89
C TRP A 29 10.59 0.54 -1.41
N VAL A 30 9.45 0.58 -2.08
CA VAL A 30 8.32 -0.27 -1.73
C VAL A 30 8.00 -1.25 -2.84
N LYS A 31 7.47 -2.42 -2.47
CA LYS A 31 7.12 -3.44 -3.45
C LYS A 31 5.97 -4.30 -2.93
N PHE A 32 4.92 -4.42 -3.75
CA PHE A 32 3.75 -5.22 -3.37
C PHE A 32 3.78 -6.58 -4.06
N ASP A 33 3.52 -7.63 -3.28
CA ASP A 33 3.52 -8.98 -3.81
C ASP A 33 2.12 -9.58 -3.78
N GLY A 34 1.13 -8.74 -3.49
CA GLY A 34 -0.25 -9.19 -3.44
C GLY A 34 -0.67 -9.60 -2.04
N LEU A 35 0.30 -9.96 -1.21
CA LEU A 35 0.02 -10.38 0.16
C LEU A 35 0.30 -9.24 1.14
N SER A 36 1.47 -8.62 1.01
CA SER A 36 1.85 -7.52 1.88
C SER A 36 2.79 -6.56 1.15
N ILE A 37 2.97 -5.37 1.73
CA ILE A 37 3.83 -4.35 1.14
C ILE A 37 5.23 -4.42 1.74
N SER A 38 6.17 -4.98 0.98
CA SER A 38 7.55 -5.11 1.43
C SER A 38 8.39 -3.92 0.97
N TYR A 39 8.78 -3.07 1.92
CA TYR A 39 9.58 -1.89 1.62
C TYR A 39 10.91 -1.94 2.35
N TYR A 40 11.98 -1.53 1.66
CA TYR A 40 13.31 -1.52 2.25
C TYR A 40 14.01 -0.20 1.98
N ASN A 41 15.27 -0.11 2.39
CA ASN A 41 16.07 1.09 2.19
C ASN A 41 17.47 0.76 1.71
N ASN A 42 17.95 1.53 0.74
CA ASN A 42 19.29 1.32 0.19
C ASN A 42 20.34 2.05 1.00
N GLU A 43 20.26 1.92 2.32
CA GLU A 43 21.20 2.58 3.21
C GLU A 43 21.45 1.73 4.46
N LYS A 44 22.38 2.18 5.29
CA LYS A 44 22.71 1.46 6.52
C LYS A 44 21.47 1.20 7.35
N GLU A 45 21.51 0.13 8.15
CA GLU A 45 20.38 -0.23 9.00
C GLU A 45 19.80 0.99 9.69
N MET A 46 18.48 1.09 9.71
CA MET A 46 17.80 2.21 10.34
C MET A 46 16.54 1.74 11.08
N TYR A 47 15.90 2.67 11.79
CA TYR A 47 14.70 2.35 12.54
C TYR A 47 13.45 2.48 11.67
N SER A 48 12.77 1.36 11.46
CA SER A 48 11.57 1.34 10.63
C SER A 48 10.80 0.03 10.83
N LYS A 49 9.55 0.02 10.37
CA LYS A 49 8.70 -1.16 10.49
C LYS A 49 9.30 -2.34 9.74
N GLY A 50 9.43 -2.20 8.42
CA GLY A 50 9.98 -3.26 7.61
C GLY A 50 9.01 -3.74 6.55
N ILE A 51 7.83 -4.18 6.97
CA ILE A 51 6.82 -4.66 6.05
C ILE A 51 5.41 -4.43 6.59
N ILE A 52 4.52 -3.97 5.72
CA ILE A 52 3.14 -3.70 6.11
C ILE A 52 2.21 -4.82 5.65
N PRO A 53 1.62 -5.54 6.62
CA PRO A 53 0.70 -6.64 6.35
C PRO A 53 -0.62 -6.15 5.76
N LEU A 54 -1.12 -6.86 4.75
CA LEU A 54 -2.37 -6.50 4.10
C LEU A 54 -3.50 -6.43 5.13
N SER A 55 -3.45 -7.31 6.13
CA SER A 55 -4.47 -7.34 7.17
C SER A 55 -4.56 -5.99 7.89
N ALA A 56 -3.40 -5.39 8.16
CA ALA A 56 -3.35 -4.11 8.85
C ALA A 56 -4.23 -3.09 8.14
N ILE A 57 -4.12 -3.03 6.83
CA ILE A 57 -4.89 -2.08 6.02
C ILE A 57 -6.38 -2.23 6.31
N SER A 58 -6.89 -1.45 7.25
CA SER A 58 -8.30 -1.50 7.61
C SER A 58 -9.16 -0.83 6.54
N THR A 59 -8.70 0.31 6.04
CA THR A 59 -9.42 1.05 5.02
C THR A 59 -8.52 2.05 4.32
N VAL A 60 -8.63 2.13 3.00
CA VAL A 60 -7.82 3.06 2.22
C VAL A 60 -8.68 4.15 1.60
N ARG A 61 -8.14 5.36 1.56
CA ARG A 61 -8.87 6.49 0.99
C ARG A 61 -7.90 7.50 0.36
N VAL A 62 -8.41 8.30 -0.57
CA VAL A 62 -7.59 9.30 -1.25
C VAL A 62 -7.48 10.57 -0.43
N GLN A 63 -6.33 11.23 -0.53
CA GLN A 63 -6.08 12.47 0.22
C GLN A 63 -6.03 13.66 -0.73
N GLY A 64 -6.48 14.82 -0.23
CA GLY A 64 -6.48 16.02 -1.04
C GLY A 64 -5.28 16.09 -1.98
N ASP A 65 -4.10 16.32 -1.42
CA ASP A 65 -2.89 16.40 -2.22
C ASP A 65 -2.69 15.13 -3.04
N ASN A 66 -1.58 15.07 -3.77
CA ASN A 66 -1.27 13.92 -4.61
C ASN A 66 -0.79 12.75 -3.75
N LYS A 67 -1.57 12.40 -2.74
CA LYS A 67 -1.22 11.30 -1.86
C LYS A 67 -2.47 10.55 -1.40
N PHE A 68 -2.27 9.43 -0.71
CA PHE A 68 -3.39 8.63 -0.22
C PHE A 68 -3.16 8.22 1.23
N GLU A 69 -4.25 7.92 1.93
CA GLU A 69 -4.17 7.51 3.33
C GLU A 69 -4.36 6.01 3.48
N VAL A 70 -3.49 5.37 4.25
CA VAL A 70 -3.56 3.93 4.46
C VAL A 70 -3.78 3.61 5.94
N VAL A 71 -5.04 3.38 6.31
CA VAL A 71 -5.38 3.06 7.69
C VAL A 71 -4.90 1.66 8.06
N THR A 72 -4.06 1.60 9.11
CA THR A 72 -3.53 0.32 9.57
C THR A 72 -4.01 0.00 10.97
N THR A 73 -3.56 -1.13 11.51
CA THR A 73 -3.95 -1.55 12.85
C THR A 73 -3.11 -0.88 13.91
N GLN A 74 -1.89 -0.48 13.53
CA GLN A 74 -0.98 0.18 14.44
C GLN A 74 -1.12 1.70 14.36
N ARG A 75 -0.74 2.25 13.21
CA ARG A 75 -0.82 3.70 12.99
C ARG A 75 -0.95 4.01 11.50
N THR A 76 -2.02 4.73 11.15
CA THR A 76 -2.25 5.10 9.76
C THR A 76 -0.97 5.60 9.10
N PHE A 77 -0.74 5.17 7.86
CA PHE A 77 0.44 5.57 7.12
C PHE A 77 0.06 6.48 5.95
N VAL A 78 0.95 7.41 5.62
CA VAL A 78 0.73 8.33 4.51
C VAL A 78 1.77 8.18 3.43
N PHE A 79 1.37 7.60 2.30
CA PHE A 79 2.27 7.38 1.18
C PHE A 79 2.03 8.41 0.08
N ARG A 80 3.11 8.83 -0.58
CA ARG A 80 3.01 9.81 -1.66
C ARG A 80 3.47 9.22 -2.98
N VAL A 81 2.85 9.65 -4.08
CA VAL A 81 3.20 9.16 -5.40
C VAL A 81 3.89 10.23 -6.22
N GLU A 82 4.33 9.87 -7.42
CA GLU A 82 5.01 10.80 -8.30
C GLU A 82 4.06 11.34 -9.36
N LYS A 83 2.98 10.60 -9.62
CA LYS A 83 2.00 11.00 -10.61
C LYS A 83 0.58 10.75 -10.09
N GLU A 84 -0.34 11.64 -10.46
CA GLU A 84 -1.74 11.51 -10.03
C GLU A 84 -2.26 10.11 -10.30
N GLU A 85 -1.90 9.56 -11.46
CA GLU A 85 -2.34 8.22 -11.84
C GLU A 85 -1.94 7.20 -10.78
N GLU A 86 -0.64 7.10 -10.52
CA GLU A 86 -0.13 6.16 -9.53
C GLU A 86 -1.00 6.16 -8.28
N ARG A 87 -1.47 7.34 -7.90
CA ARG A 87 -2.31 7.48 -6.71
C ARG A 87 -3.46 6.47 -6.73
N ASN A 88 -4.28 6.54 -7.78
CA ASN A 88 -5.41 5.63 -7.92
C ASN A 88 -4.93 4.18 -8.04
N ASP A 89 -3.89 3.97 -8.84
CA ASP A 89 -3.34 2.65 -9.05
C ASP A 89 -3.10 1.94 -7.71
N TRP A 90 -2.13 2.43 -6.96
CA TRP A 90 -1.80 1.85 -5.66
C TRP A 90 -3.07 1.45 -4.91
N ILE A 91 -3.90 2.44 -4.60
CA ILE A 91 -5.15 2.18 -3.89
C ILE A 91 -5.86 0.94 -4.45
N SER A 92 -6.34 1.05 -5.69
CA SER A 92 -7.04 -0.04 -6.34
C SER A 92 -6.44 -1.38 -5.93
N ILE A 93 -5.15 -1.56 -6.20
CA ILE A 93 -4.46 -2.79 -5.85
C ILE A 93 -4.78 -3.23 -4.43
N LEU A 94 -4.60 -2.31 -3.49
CA LEU A 94 -4.88 -2.60 -2.08
C LEU A 94 -6.33 -3.03 -1.88
N LEU A 95 -7.25 -2.21 -2.38
CA LEU A 95 -8.68 -2.50 -2.26
C LEU A 95 -8.99 -3.91 -2.77
N ASN A 96 -8.40 -4.26 -3.91
CA ASN A 96 -8.63 -5.58 -4.49
C ASN A 96 -8.03 -6.67 -3.61
N ALA A 97 -6.88 -6.39 -3.01
CA ALA A 97 -6.21 -7.34 -2.15
C ALA A 97 -7.03 -7.61 -0.89
N LEU A 98 -7.83 -6.63 -0.48
CA LEU A 98 -8.67 -6.76 0.70
C LEU A 98 -9.84 -7.69 0.44
N LYS A 99 -10.50 -7.50 -0.70
CA LYS A 99 -11.63 -8.34 -1.08
C LYS A 99 -11.19 -9.75 -1.41
N SER A 100 -10.03 -9.88 -2.04
CA SER A 100 -9.48 -11.18 -2.41
C SER A 100 -9.48 -12.13 -1.21
N GLN A 101 -9.07 -11.61 -0.06
CA GLN A 101 -9.02 -12.41 1.16
C GLN A 101 -10.29 -13.23 1.32
N SER A 102 -11.44 -12.58 1.17
CA SER A 102 -12.72 -13.25 1.30
C SER A 102 -12.83 -14.44 0.35
N LEU A 103 -12.56 -14.18 -0.93
CA LEU A 103 -12.62 -15.22 -1.95
C LEU A 103 -11.69 -16.37 -1.61
N THR A 104 -12.18 -17.59 -1.77
CA THR A 104 -11.40 -18.78 -1.48
C THR A 104 -10.53 -18.57 -0.24
N SER A 105 -11.00 -17.73 0.67
CA SER A 105 -10.26 -17.45 1.90
C SER A 105 -9.50 -18.69 2.38
N GLN A 106 -8.24 -18.50 2.73
CA GLN A 106 -7.40 -19.60 3.21
C GLN A 106 -6.26 -19.09 4.07
N SER A 107 -5.48 -20.00 4.63
CA SER A 107 -4.35 -19.64 5.48
C SER A 107 -3.09 -20.38 5.05
N GLN A 108 -2.11 -19.61 4.56
CA GLN A 108 -0.85 -20.19 4.13
C GLN A 108 0.32 -19.29 4.49
N ALA A 109 1.45 -19.90 4.83
CA ALA A 109 2.65 -19.15 5.21
C ALA A 109 3.87 -19.64 4.43
N SER A 110 4.48 -18.74 3.66
CA SER A 110 5.65 -19.09 2.87
C SER A 110 6.93 -18.63 3.57
N GLY A 111 8.03 -19.34 3.31
CA GLY A 111 9.30 -18.98 3.91
C GLY A 111 10.12 -18.06 3.04
N PRO A 112 10.21 -16.78 3.43
CA PRO A 112 10.96 -15.77 2.69
C PRO A 112 12.47 -16.00 2.78
N SER A 113 13.24 -15.15 2.10
CA SER A 113 14.69 -15.25 2.11
C SER A 113 15.33 -13.88 2.26
N SER A 114 16.51 -13.85 2.88
CA SER A 114 17.23 -12.60 3.09
C SER A 114 18.64 -12.67 2.47
N GLY A 115 18.77 -13.49 1.44
CA GLY A 115 20.06 -13.64 0.78
C GLY A 115 19.99 -13.34 -0.70
N GLY A 1 -15.95 7.87 -16.09
CA GLY A 1 -15.58 6.66 -15.40
C GLY A 1 -14.96 5.62 -16.31
N SER A 2 -14.01 4.86 -15.78
CA SER A 2 -13.32 3.84 -16.56
C SER A 2 -13.01 2.62 -15.70
N SER A 3 -12.56 1.55 -16.34
CA SER A 3 -12.22 0.31 -15.64
C SER A 3 -11.16 -0.48 -16.40
N GLY A 4 -10.32 -1.19 -15.65
CA GLY A 4 -9.27 -1.99 -16.27
C GLY A 4 -7.90 -1.66 -15.72
N SER A 5 -7.30 -2.62 -15.04
CA SER A 5 -5.97 -2.44 -14.45
C SER A 5 -5.02 -3.54 -14.89
N SER A 6 -3.90 -3.17 -15.48
CA SER A 6 -2.91 -4.13 -15.94
C SER A 6 -1.84 -4.36 -14.88
N GLY A 7 -1.91 -5.52 -14.23
CA GLY A 7 -0.95 -5.85 -13.19
C GLY A 7 -1.58 -5.95 -11.82
N LYS A 8 -1.22 -6.99 -11.08
CA LYS A 8 -1.75 -7.20 -9.75
C LYS A 8 -0.75 -6.77 -8.68
N VAL A 9 0.34 -6.17 -9.12
CA VAL A 9 1.38 -5.70 -8.21
C VAL A 9 1.83 -4.29 -8.57
N LYS A 10 2.74 -3.74 -7.76
CA LYS A 10 3.27 -2.40 -8.00
C LYS A 10 4.55 -2.17 -7.21
N SER A 11 5.52 -1.54 -7.86
CA SER A 11 6.80 -1.25 -7.22
C SER A 11 7.40 0.05 -7.73
N GLY A 12 7.61 0.99 -6.82
CA GLY A 12 8.17 2.28 -7.20
C GLY A 12 8.55 3.13 -6.00
N TRP A 13 9.35 4.16 -6.23
CA TRP A 13 9.77 5.06 -5.16
C TRP A 13 8.58 5.79 -4.55
N LEU A 14 8.24 5.43 -3.32
CA LEU A 14 7.13 6.06 -2.62
C LEU A 14 7.61 6.96 -1.49
N ASP A 15 7.16 8.21 -1.50
CA ASP A 15 7.55 9.16 -0.47
C ASP A 15 6.79 8.90 0.84
N LYS A 16 7.52 8.53 1.88
CA LYS A 16 6.93 8.25 3.18
C LYS A 16 7.34 9.30 4.20
N LEU A 17 6.43 9.62 5.12
CA LEU A 17 6.69 10.61 6.15
C LEU A 17 7.36 9.97 7.36
N SER A 18 8.63 9.59 7.20
CA SER A 18 9.38 8.96 8.28
C SER A 18 9.55 9.92 9.46
N PRO A 19 10.20 11.06 9.20
CA PRO A 19 10.43 12.09 10.23
C PRO A 19 9.14 12.79 10.65
N GLN A 20 9.29 13.90 11.37
CA GLN A 20 8.14 14.66 11.84
C GLN A 20 7.84 15.81 10.89
N GLY A 21 7.89 15.54 9.60
CA GLY A 21 7.62 16.57 8.60
C GLY A 21 8.37 17.86 8.89
N LYS A 22 9.67 17.87 8.60
CA LYS A 22 10.49 19.05 8.84
C LYS A 22 11.02 19.60 7.51
N ARG A 23 11.75 18.77 6.79
CA ARG A 23 12.32 19.18 5.50
C ARG A 23 11.47 18.67 4.34
N MET A 24 11.47 17.35 4.14
CA MET A 24 10.70 16.74 3.07
C MET A 24 10.62 15.23 3.26
N PHE A 25 9.57 14.62 2.70
CA PHE A 25 9.38 13.18 2.81
C PHE A 25 10.67 12.43 2.48
N GLN A 26 10.74 11.18 2.90
CA GLN A 26 11.92 10.35 2.65
C GLN A 26 11.76 9.56 1.36
N LYS A 27 12.87 9.00 0.87
CA LYS A 27 12.86 8.22 -0.36
C LYS A 27 13.11 6.74 -0.06
N ARG A 28 12.05 6.01 0.26
CA ARG A 28 12.17 4.59 0.57
C ARG A 28 11.53 3.74 -0.53
N TRP A 29 12.09 2.56 -0.77
CA TRP A 29 11.58 1.66 -1.79
C TRP A 29 10.40 0.87 -1.27
N VAL A 30 9.41 0.65 -2.14
CA VAL A 30 8.22 -0.10 -1.76
C VAL A 30 7.88 -1.14 -2.82
N LYS A 31 7.31 -2.27 -2.38
CA LYS A 31 6.93 -3.34 -3.29
C LYS A 31 5.72 -4.10 -2.75
N PHE A 32 4.86 -4.55 -3.65
CA PHE A 32 3.67 -5.29 -3.27
C PHE A 32 3.58 -6.61 -4.03
N ASP A 33 3.28 -7.68 -3.31
CA ASP A 33 3.16 -9.01 -3.91
C ASP A 33 1.72 -9.49 -3.89
N GLY A 34 0.97 -9.07 -2.88
CA GLY A 34 -0.42 -9.47 -2.75
C GLY A 34 -0.79 -9.87 -1.34
N LEU A 35 0.22 -10.05 -0.50
CA LEU A 35 0.00 -10.44 0.89
C LEU A 35 0.38 -9.31 1.84
N SER A 36 1.53 -8.70 1.59
CA SER A 36 2.01 -7.60 2.43
C SER A 36 2.84 -6.62 1.61
N ILE A 37 3.04 -5.43 2.15
CA ILE A 37 3.83 -4.41 1.47
C ILE A 37 5.22 -4.27 2.09
N SER A 38 6.22 -4.77 1.38
CA SER A 38 7.60 -4.71 1.86
C SER A 38 8.31 -3.47 1.32
N TYR A 39 8.78 -2.62 2.22
CA TYR A 39 9.48 -1.40 1.84
C TYR A 39 10.87 -1.35 2.47
N TYR A 40 11.88 -1.16 1.63
CA TYR A 40 13.26 -1.08 2.11
C TYR A 40 14.03 0.01 1.37
N ASN A 41 15.33 0.10 1.66
CA ASN A 41 16.18 1.10 1.02
C ASN A 41 16.98 0.48 -0.11
N ASN A 42 16.59 0.78 -1.35
CA ASN A 42 17.27 0.26 -2.53
C ASN A 42 18.78 0.41 -2.38
N GLU A 43 19.21 1.46 -1.68
CA GLU A 43 20.63 1.71 -1.47
C GLU A 43 21.17 0.87 -0.31
N LYS A 44 20.75 1.21 0.91
CA LYS A 44 21.19 0.49 2.10
C LYS A 44 20.30 -0.72 2.34
N GLU A 45 20.64 -1.84 1.72
CA GLU A 45 19.87 -3.08 1.88
C GLU A 45 20.35 -3.86 3.11
N MET A 46 20.57 -3.16 4.21
CA MET A 46 21.03 -3.79 5.44
C MET A 46 19.86 -4.35 6.23
N TYR A 47 20.17 -5.02 7.33
CA TYR A 47 19.13 -5.62 8.18
C TYR A 47 18.19 -4.55 8.72
N SER A 48 16.89 -4.77 8.53
CA SER A 48 15.88 -3.83 8.99
C SER A 48 14.48 -4.40 8.80
N LYS A 49 13.52 -3.85 9.54
CA LYS A 49 12.14 -4.31 9.45
C LYS A 49 11.24 -3.21 8.89
N GLY A 50 10.25 -3.60 8.09
CA GLY A 50 9.34 -2.63 7.51
C GLY A 50 8.37 -3.26 6.54
N ILE A 51 7.48 -4.11 7.04
CA ILE A 51 6.50 -4.78 6.20
C ILE A 51 5.09 -4.61 6.77
N ILE A 52 4.15 -4.27 5.89
CA ILE A 52 2.76 -4.08 6.29
C ILE A 52 1.87 -5.20 5.77
N PRO A 53 1.28 -5.98 6.69
CA PRO A 53 0.39 -7.09 6.34
C PRO A 53 -0.93 -6.62 5.74
N LEU A 54 -1.31 -7.20 4.61
CA LEU A 54 -2.55 -6.84 3.94
C LEU A 54 -3.71 -6.81 4.93
N SER A 55 -3.64 -7.65 5.95
CA SER A 55 -4.68 -7.72 6.96
C SER A 55 -4.77 -6.41 7.74
N ALA A 56 -3.62 -5.86 8.08
CA ALA A 56 -3.57 -4.60 8.83
C ALA A 56 -4.32 -3.49 8.09
N ILE A 57 -4.08 -3.39 6.79
CA ILE A 57 -4.73 -2.38 5.97
C ILE A 57 -6.25 -2.45 6.11
N SER A 58 -6.79 -1.67 7.05
CA SER A 58 -8.22 -1.64 7.29
C SER A 58 -8.96 -1.04 6.10
N THR A 59 -8.47 0.09 5.60
CA THR A 59 -9.09 0.76 4.47
C THR A 59 -8.20 1.90 3.96
N VAL A 60 -8.38 2.26 2.69
CA VAL A 60 -7.60 3.33 2.08
C VAL A 60 -8.50 4.40 1.49
N ARG A 61 -8.07 5.65 1.57
CA ARG A 61 -8.84 6.77 1.04
C ARG A 61 -7.92 7.90 0.60
N VAL A 62 -8.24 8.50 -0.54
CA VAL A 62 -7.45 9.60 -1.08
C VAL A 62 -7.41 10.78 -0.12
N GLN A 63 -6.22 11.32 0.11
CA GLN A 63 -6.05 12.45 1.01
C GLN A 63 -4.92 13.36 0.54
N GLY A 64 -5.26 14.62 0.27
CA GLY A 64 -4.26 15.57 -0.20
C GLY A 64 -4.08 15.53 -1.70
N ASP A 65 -3.02 16.17 -2.18
CA ASP A 65 -2.73 16.22 -3.60
C ASP A 65 -1.81 15.07 -4.01
N ASN A 66 -2.32 14.18 -4.85
CA ASN A 66 -1.55 13.03 -5.31
C ASN A 66 -1.02 12.22 -4.12
N LYS A 67 -1.88 11.97 -3.15
CA LYS A 67 -1.51 11.20 -1.97
C LYS A 67 -2.67 10.32 -1.50
N PHE A 68 -2.38 9.44 -0.54
CA PHE A 68 -3.40 8.55 -0.01
C PHE A 68 -3.05 8.12 1.40
N GLU A 69 -4.07 7.95 2.25
CA GLU A 69 -3.87 7.53 3.63
C GLU A 69 -4.27 6.07 3.82
N VAL A 70 -3.32 5.26 4.27
CA VAL A 70 -3.58 3.84 4.50
C VAL A 70 -3.75 3.55 5.98
N VAL A 71 -4.98 3.19 6.37
CA VAL A 71 -5.28 2.88 7.76
C VAL A 71 -4.87 1.46 8.11
N THR A 72 -4.09 1.32 9.18
CA THR A 72 -3.63 0.01 9.63
C THR A 72 -3.88 -0.19 11.12
N THR A 73 -3.64 -1.41 11.59
CA THR A 73 -3.84 -1.73 13.00
C THR A 73 -2.92 -0.91 13.89
N GLN A 74 -1.62 -1.19 13.80
CA GLN A 74 -0.62 -0.48 14.60
C GLN A 74 -0.90 1.01 14.60
N ARG A 75 -0.75 1.64 13.44
CA ARG A 75 -0.98 3.07 13.31
C ARG A 75 -1.10 3.47 11.85
N THR A 76 -1.99 4.41 11.56
CA THR A 76 -2.21 4.88 10.20
C THR A 76 -0.90 5.31 9.56
N PHE A 77 -0.75 5.01 8.26
CA PHE A 77 0.46 5.38 7.53
C PHE A 77 0.14 6.34 6.38
N VAL A 78 1.17 7.03 5.90
CA VAL A 78 0.99 7.98 4.81
C VAL A 78 2.03 7.75 3.72
N PHE A 79 1.55 7.50 2.50
CA PHE A 79 2.44 7.27 1.37
C PHE A 79 2.17 8.28 0.25
N ARG A 80 3.24 8.79 -0.34
CA ARG A 80 3.12 9.76 -1.43
C ARG A 80 3.68 9.20 -2.73
N VAL A 81 3.24 9.75 -3.86
CA VAL A 81 3.69 9.30 -5.16
C VAL A 81 4.20 10.48 -6.00
N GLU A 82 4.90 10.16 -7.08
CA GLU A 82 5.44 11.20 -7.96
C GLU A 82 4.44 11.53 -9.07
N LYS A 83 3.42 10.71 -9.20
CA LYS A 83 2.39 10.92 -10.22
C LYS A 83 1.02 10.52 -9.70
N GLU A 84 0.00 11.28 -10.10
CA GLU A 84 -1.37 10.99 -9.68
C GLU A 84 -1.78 9.57 -10.04
N GLU A 85 -1.56 9.21 -11.31
CA GLU A 85 -1.90 7.88 -11.80
C GLU A 85 -1.41 6.81 -10.83
N GLU A 86 -0.19 6.98 -10.34
CA GLU A 86 0.40 6.02 -9.41
C GLU A 86 -0.46 5.86 -8.17
N ARG A 87 -0.94 6.99 -7.63
CA ARG A 87 -1.78 6.99 -6.44
C ARG A 87 -2.98 6.07 -6.63
N ASN A 88 -3.85 6.44 -7.57
CA ASN A 88 -5.05 5.66 -7.85
C ASN A 88 -4.70 4.19 -8.07
N ASP A 89 -3.61 3.95 -8.78
CA ASP A 89 -3.17 2.60 -9.06
C ASP A 89 -2.93 1.82 -7.77
N TRP A 90 -2.07 2.37 -6.91
CA TRP A 90 -1.75 1.72 -5.64
C TRP A 90 -3.02 1.37 -4.88
N ILE A 91 -3.82 2.38 -4.55
CA ILE A 91 -5.06 2.17 -3.83
C ILE A 91 -5.90 1.08 -4.48
N SER A 92 -6.09 1.19 -5.79
CA SER A 92 -6.87 0.21 -6.53
C SER A 92 -6.39 -1.20 -6.25
N ILE A 93 -5.08 -1.41 -6.37
CA ILE A 93 -4.49 -2.72 -6.13
C ILE A 93 -4.82 -3.23 -4.73
N LEU A 94 -4.51 -2.41 -3.73
CA LEU A 94 -4.79 -2.77 -2.34
C LEU A 94 -6.24 -3.20 -2.16
N LEU A 95 -7.17 -2.34 -2.57
CA LEU A 95 -8.59 -2.62 -2.45
C LEU A 95 -8.91 -3.98 -3.05
N ASN A 96 -8.33 -4.27 -4.21
CA ASN A 96 -8.56 -5.54 -4.89
C ASN A 96 -8.20 -6.72 -3.99
N ALA A 97 -7.05 -6.59 -3.32
CA ALA A 97 -6.58 -7.64 -2.42
C ALA A 97 -7.57 -7.87 -1.28
N LEU A 98 -8.02 -6.77 -0.67
CA LEU A 98 -8.96 -6.85 0.44
C LEU A 98 -10.20 -7.66 0.05
N LYS A 99 -10.65 -7.49 -1.19
CA LYS A 99 -11.81 -8.21 -1.68
C LYS A 99 -11.61 -9.72 -1.58
N SER A 100 -10.35 -10.13 -1.50
CA SER A 100 -10.02 -11.55 -1.39
C SER A 100 -10.24 -12.05 0.03
N GLN A 101 -9.67 -11.34 1.00
CA GLN A 101 -9.80 -11.72 2.40
C GLN A 101 -11.27 -11.82 2.81
N SER A 102 -12.14 -11.22 1.99
CA SER A 102 -13.57 -11.24 2.27
C SER A 102 -14.27 -12.34 1.48
N LEU A 103 -13.79 -13.57 1.65
CA LEU A 103 -14.36 -14.71 0.95
C LEU A 103 -14.50 -15.91 1.89
N THR A 104 -15.10 -16.98 1.39
CA THR A 104 -15.31 -18.18 2.18
C THR A 104 -13.98 -18.88 2.48
N SER A 105 -13.33 -18.46 3.56
CA SER A 105 -12.05 -19.04 3.94
C SER A 105 -11.87 -18.97 5.47
N GLN A 106 -10.87 -19.71 5.96
CA GLN A 106 -10.59 -19.74 7.40
C GLN A 106 -9.27 -19.04 7.70
N SER A 107 -9.33 -17.73 7.90
CA SER A 107 -8.13 -16.95 8.21
C SER A 107 -8.04 -16.66 9.70
N GLN A 108 -7.08 -17.30 10.36
CA GLN A 108 -6.87 -17.12 11.79
C GLN A 108 -5.40 -16.92 12.11
N ALA A 109 -5.11 -16.01 13.03
CA ALA A 109 -3.74 -15.74 13.43
C ALA A 109 -3.56 -15.88 14.93
N SER A 110 -4.20 -15.01 15.70
CA SER A 110 -4.12 -15.05 17.15
C SER A 110 -2.71 -14.70 17.62
N GLY A 111 -2.03 -13.86 16.84
CA GLY A 111 -0.67 -13.45 17.18
C GLY A 111 0.36 -14.43 16.68
N PRO A 112 1.55 -13.90 16.33
CA PRO A 112 2.66 -14.72 15.82
C PRO A 112 3.27 -15.60 16.91
N SER A 113 3.10 -15.19 18.16
CA SER A 113 3.63 -15.93 19.30
C SER A 113 3.01 -15.46 20.60
N SER A 114 3.41 -16.09 21.71
CA SER A 114 2.90 -15.74 23.03
C SER A 114 3.77 -14.68 23.68
N GLY A 115 3.25 -14.05 24.72
CA GLY A 115 3.99 -13.02 25.43
C GLY A 115 3.39 -12.68 26.78
N GLY A 1 -14.94 10.83 -13.40
CA GLY A 1 -14.83 9.40 -13.60
C GLY A 1 -13.74 8.78 -12.76
N SER A 2 -13.28 7.60 -13.16
CA SER A 2 -12.23 6.89 -12.43
C SER A 2 -11.42 6.00 -13.37
N SER A 3 -10.10 6.13 -13.31
CA SER A 3 -9.21 5.35 -14.15
C SER A 3 -9.32 3.86 -13.82
N GLY A 4 -9.01 3.02 -14.80
CA GLY A 4 -9.08 1.58 -14.60
C GLY A 4 -8.03 1.09 -13.62
N SER A 5 -7.67 -0.19 -13.73
CA SER A 5 -6.68 -0.77 -12.85
C SER A 5 -6.33 -2.19 -13.30
N SER A 6 -5.03 -2.49 -13.38
CA SER A 6 -4.56 -3.80 -13.80
C SER A 6 -3.39 -4.26 -12.95
N GLY A 7 -3.40 -5.53 -12.57
CA GLY A 7 -2.33 -6.08 -11.75
C GLY A 7 -2.59 -5.94 -10.27
N LYS A 8 -2.55 -7.05 -9.55
CA LYS A 8 -2.79 -7.05 -8.12
C LYS A 8 -1.52 -6.71 -7.36
N VAL A 9 -0.51 -6.21 -8.07
CA VAL A 9 0.75 -5.83 -7.46
C VAL A 9 1.23 -4.48 -7.98
N LYS A 10 2.25 -3.93 -7.32
CA LYS A 10 2.81 -2.64 -7.73
C LYS A 10 4.19 -2.44 -7.13
N SER A 11 4.98 -1.57 -7.75
CA SER A 11 6.33 -1.29 -7.28
C SER A 11 6.81 0.07 -7.78
N GLY A 12 7.14 0.95 -6.84
CA GLY A 12 7.60 2.28 -7.20
C GLY A 12 8.29 2.98 -6.05
N TRP A 13 8.94 4.10 -6.35
CA TRP A 13 9.64 4.87 -5.32
C TRP A 13 8.68 5.78 -4.57
N LEU A 14 8.13 5.28 -3.48
CA LEU A 14 7.19 6.04 -2.67
C LEU A 14 7.87 6.59 -1.41
N ASP A 15 7.40 7.74 -0.94
CA ASP A 15 7.97 8.37 0.24
C ASP A 15 7.25 7.88 1.50
N LYS A 16 8.03 7.47 2.49
CA LYS A 16 7.48 6.98 3.75
C LYS A 16 7.17 8.13 4.70
N LEU A 17 6.10 7.99 5.46
CA LEU A 17 5.70 9.02 6.41
C LEU A 17 6.63 9.05 7.61
N SER A 18 7.65 9.91 7.54
CA SER A 18 8.62 10.03 8.63
C SER A 18 8.89 11.50 8.95
N PRO A 19 7.82 12.22 9.31
CA PRO A 19 7.93 13.64 9.66
C PRO A 19 8.65 13.87 10.98
N GLN A 20 9.07 12.79 11.62
CA GLN A 20 9.79 12.86 12.89
C GLN A 20 11.29 12.89 12.66
N GLY A 21 11.76 12.09 11.72
CA GLY A 21 13.18 12.04 11.43
C GLY A 21 13.58 13.03 10.35
N LYS A 22 13.30 12.69 9.10
CA LYS A 22 13.63 13.56 7.97
C LYS A 22 12.95 14.91 8.11
N ARG A 23 13.25 15.82 7.17
CA ARG A 23 12.66 17.14 7.19
C ARG A 23 11.18 17.09 6.80
N MET A 24 10.90 16.48 5.65
CA MET A 24 9.52 16.37 5.17
C MET A 24 9.10 14.91 5.11
N PHE A 25 9.95 14.06 4.55
CA PHE A 25 9.66 12.64 4.43
C PHE A 25 10.93 11.84 4.21
N GLN A 26 10.78 10.52 4.09
CA GLN A 26 11.94 9.65 3.87
C GLN A 26 11.74 8.80 2.62
N LYS A 27 12.18 9.33 1.49
CA LYS A 27 12.06 8.61 0.21
C LYS A 27 12.63 7.20 0.32
N ARG A 28 11.83 6.22 -0.05
CA ARG A 28 12.25 4.82 0.00
C ARG A 28 11.52 3.99 -1.04
N TRP A 29 12.06 2.82 -1.33
CA TRP A 29 11.45 1.92 -2.32
C TRP A 29 10.38 1.06 -1.69
N VAL A 30 9.32 0.77 -2.44
CA VAL A 30 8.22 -0.05 -1.94
C VAL A 30 7.78 -1.06 -3.00
N LYS A 31 7.50 -2.28 -2.55
CA LYS A 31 7.07 -3.35 -3.45
C LYS A 31 5.93 -4.15 -2.83
N PHE A 32 4.85 -4.31 -3.59
CA PHE A 32 3.69 -5.06 -3.12
C PHE A 32 3.51 -6.34 -3.93
N ASP A 33 3.41 -7.47 -3.22
CA ASP A 33 3.23 -8.76 -3.87
C ASP A 33 1.89 -9.37 -3.50
N GLY A 34 0.93 -8.52 -3.15
CA GLY A 34 -0.39 -8.98 -2.79
C GLY A 34 -0.48 -9.38 -1.33
N LEU A 35 0.50 -10.14 -0.86
CA LEU A 35 0.53 -10.58 0.53
C LEU A 35 0.75 -9.40 1.48
N SER A 36 1.87 -8.71 1.30
CA SER A 36 2.20 -7.56 2.13
C SER A 36 3.03 -6.55 1.36
N ILE A 37 3.23 -5.38 1.97
CA ILE A 37 4.02 -4.32 1.33
C ILE A 37 5.40 -4.20 1.96
N SER A 38 6.40 -4.72 1.26
CA SER A 38 7.78 -4.68 1.75
C SER A 38 8.54 -3.54 1.10
N TYR A 39 9.02 -2.62 1.93
CA TYR A 39 9.77 -1.47 1.44
C TYR A 39 11.22 -1.52 1.91
N TYR A 40 12.15 -1.29 0.99
CA TYR A 40 13.58 -1.32 1.31
C TYR A 40 14.24 0.01 0.96
N ASN A 41 15.48 0.18 1.40
CA ASN A 41 16.23 1.40 1.14
C ASN A 41 17.57 1.08 0.49
N ASN A 42 18.27 2.13 0.06
CA ASN A 42 19.57 1.97 -0.57
C ASN A 42 20.68 1.82 0.46
N GLU A 43 21.24 0.62 0.56
CA GLU A 43 22.30 0.34 1.51
C GLU A 43 22.94 -1.02 1.25
N LYS A 44 24.16 -1.20 1.72
CA LYS A 44 24.89 -2.44 1.54
C LYS A 44 24.15 -3.60 2.22
N GLU A 45 24.55 -4.83 1.89
CA GLU A 45 23.92 -6.01 2.46
C GLU A 45 23.55 -5.77 3.93
N MET A 46 22.29 -5.99 4.26
CA MET A 46 21.81 -5.80 5.62
C MET A 46 20.38 -6.31 5.77
N TYR A 47 20.03 -6.74 6.98
CA TYR A 47 18.70 -7.25 7.25
C TYR A 47 18.03 -6.45 8.37
N SER A 48 16.93 -5.79 8.03
CA SER A 48 16.19 -4.98 8.99
C SER A 48 14.68 -5.23 8.87
N LYS A 49 13.91 -4.58 9.73
CA LYS A 49 12.46 -4.73 9.72
C LYS A 49 11.80 -3.56 8.99
N GLY A 50 10.73 -3.86 8.26
CA GLY A 50 10.03 -2.83 7.50
C GLY A 50 9.04 -3.41 6.51
N ILE A 51 7.99 -4.03 7.02
CA ILE A 51 6.97 -4.64 6.16
C ILE A 51 5.57 -4.42 6.74
N ILE A 52 4.61 -4.15 5.86
CA ILE A 52 3.23 -3.93 6.27
C ILE A 52 2.33 -5.06 5.82
N PRO A 53 1.82 -5.85 6.78
CA PRO A 53 0.93 -6.97 6.50
C PRO A 53 -0.45 -6.52 6.01
N LEU A 54 -0.79 -6.92 4.79
CA LEU A 54 -2.08 -6.55 4.20
C LEU A 54 -3.18 -6.57 5.25
N SER A 55 -3.17 -7.59 6.10
CA SER A 55 -4.17 -7.72 7.16
C SER A 55 -4.36 -6.41 7.89
N ALA A 56 -3.26 -5.78 8.26
CA ALA A 56 -3.30 -4.50 8.98
C ALA A 56 -4.16 -3.49 8.21
N ILE A 57 -3.89 -3.34 6.93
CA ILE A 57 -4.62 -2.40 6.09
C ILE A 57 -6.13 -2.63 6.21
N SER A 58 -6.87 -1.57 6.52
CA SER A 58 -8.31 -1.66 6.67
C SER A 58 -9.02 -0.96 5.51
N THR A 59 -8.59 0.27 5.21
CA THR A 59 -9.18 1.04 4.13
C THR A 59 -8.20 2.06 3.58
N VAL A 60 -8.25 2.31 2.27
CA VAL A 60 -7.37 3.26 1.63
C VAL A 60 -8.15 4.42 1.04
N ARG A 61 -7.65 5.63 1.24
CA ARG A 61 -8.30 6.84 0.73
C ARG A 61 -7.27 7.86 0.27
N VAL A 62 -7.73 8.87 -0.47
CA VAL A 62 -6.85 9.92 -0.96
C VAL A 62 -6.78 11.08 0.02
N GLN A 63 -5.57 11.61 0.22
CA GLN A 63 -5.36 12.72 1.12
C GLN A 63 -4.16 13.57 0.70
N GLY A 64 -4.37 14.87 0.61
CA GLY A 64 -3.30 15.76 0.21
C GLY A 64 -3.08 15.76 -1.29
N ASP A 65 -2.07 16.51 -1.74
CA ASP A 65 -1.75 16.58 -3.15
C ASP A 65 -1.00 15.33 -3.62
N ASN A 66 -1.61 14.60 -4.54
CA ASN A 66 -1.01 13.38 -5.07
C ASN A 66 -0.54 12.48 -3.93
N LYS A 67 -1.39 12.32 -2.92
CA LYS A 67 -1.07 11.48 -1.77
C LYS A 67 -2.29 10.72 -1.29
N PHE A 68 -2.06 9.69 -0.48
CA PHE A 68 -3.16 8.89 0.06
C PHE A 68 -2.86 8.42 1.48
N GLU A 69 -3.90 8.11 2.23
CA GLU A 69 -3.74 7.65 3.61
C GLU A 69 -4.05 6.16 3.73
N VAL A 70 -3.07 5.40 4.19
CA VAL A 70 -3.23 3.96 4.36
C VAL A 70 -3.63 3.62 5.79
N VAL A 71 -4.92 3.37 6.00
CA VAL A 71 -5.42 3.02 7.33
C VAL A 71 -4.98 1.62 7.73
N THR A 72 -4.72 1.44 9.03
CA THR A 72 -4.29 0.15 9.55
C THR A 72 -4.71 -0.03 11.00
N THR A 73 -4.47 -1.21 11.55
CA THR A 73 -4.82 -1.50 12.94
C THR A 73 -3.83 -0.87 13.90
N GLN A 74 -2.54 -0.98 13.59
CA GLN A 74 -1.51 -0.41 14.43
C GLN A 74 -1.60 1.11 14.48
N ARG A 75 -1.50 1.73 13.31
CA ARG A 75 -1.58 3.19 13.20
C ARG A 75 -1.63 3.62 11.74
N THR A 76 -2.58 4.51 11.43
CA THR A 76 -2.74 5.00 10.07
C THR A 76 -1.41 5.52 9.53
N PHE A 77 -1.10 5.15 8.29
CA PHE A 77 0.14 5.59 7.65
C PHE A 77 -0.15 6.50 6.46
N VAL A 78 0.91 7.01 5.85
CA VAL A 78 0.77 7.90 4.69
C VAL A 78 1.88 7.65 3.67
N PHE A 79 1.51 7.71 2.40
CA PHE A 79 2.47 7.50 1.33
C PHE A 79 2.30 8.54 0.22
N ARG A 80 3.38 8.81 -0.51
CA ARG A 80 3.36 9.79 -1.58
C ARG A 80 3.84 9.17 -2.89
N VAL A 81 3.14 9.47 -3.98
CA VAL A 81 3.50 8.95 -5.29
C VAL A 81 4.21 10.01 -6.13
N GLU A 82 4.63 9.62 -7.33
CA GLU A 82 5.31 10.54 -8.24
C GLU A 82 4.40 10.95 -9.39
N LYS A 83 3.34 10.18 -9.59
CA LYS A 83 2.38 10.48 -10.66
C LYS A 83 0.95 10.27 -10.18
N GLU A 84 0.03 11.04 -10.76
CA GLU A 84 -1.37 10.95 -10.38
C GLU A 84 -1.90 9.53 -10.60
N GLU A 85 -1.61 8.98 -11.78
CA GLU A 85 -2.05 7.64 -12.12
C GLU A 85 -1.69 6.64 -11.02
N GLU A 86 -0.43 6.67 -10.60
CA GLU A 86 0.04 5.77 -9.56
C GLU A 86 -0.94 5.74 -8.38
N ARG A 87 -1.24 6.93 -7.85
CA ARG A 87 -2.16 7.04 -6.73
C ARG A 87 -3.35 6.10 -6.90
N ASN A 88 -4.09 6.28 -7.99
CA ASN A 88 -5.25 5.45 -8.26
C ASN A 88 -4.88 3.98 -8.28
N ASP A 89 -3.84 3.64 -9.04
CA ASP A 89 -3.38 2.26 -9.13
C ASP A 89 -3.17 1.66 -7.75
N TRP A 90 -2.16 2.15 -7.03
CA TRP A 90 -1.86 1.67 -5.70
C TRP A 90 -3.13 1.42 -4.91
N ILE A 91 -3.95 2.47 -4.76
CA ILE A 91 -5.20 2.36 -4.02
C ILE A 91 -6.05 1.20 -4.53
N SER A 92 -6.44 1.27 -5.80
CA SER A 92 -7.25 0.22 -6.40
C SER A 92 -6.70 -1.16 -6.06
N ILE A 93 -5.38 -1.29 -6.16
CA ILE A 93 -4.72 -2.57 -5.87
C ILE A 93 -5.00 -3.01 -4.44
N LEU A 94 -4.65 -2.16 -3.48
CA LEU A 94 -4.86 -2.45 -2.07
C LEU A 94 -6.31 -2.86 -1.81
N LEU A 95 -7.24 -1.96 -2.13
CA LEU A 95 -8.66 -2.23 -1.94
C LEU A 95 -9.06 -3.56 -2.56
N ASN A 96 -8.43 -3.89 -3.69
CA ASN A 96 -8.72 -5.14 -4.39
C ASN A 96 -8.08 -6.33 -3.66
N ALA A 97 -6.95 -6.07 -3.02
CA ALA A 97 -6.24 -7.11 -2.28
C ALA A 97 -7.03 -7.56 -1.05
N LEU A 98 -7.51 -6.58 -0.29
CA LEU A 98 -8.29 -6.86 0.90
C LEU A 98 -9.43 -7.83 0.61
N LYS A 99 -10.18 -7.55 -0.45
CA LYS A 99 -11.30 -8.41 -0.84
C LYS A 99 -10.86 -9.86 -0.94
N SER A 100 -9.74 -10.10 -1.64
CA SER A 100 -9.22 -11.45 -1.81
C SER A 100 -9.24 -12.21 -0.48
N GLN A 101 -8.79 -11.56 0.58
CA GLN A 101 -8.76 -12.18 1.90
C GLN A 101 -10.05 -12.94 2.17
N SER A 102 -11.18 -12.32 1.84
CA SER A 102 -12.48 -12.94 2.06
C SER A 102 -12.75 -14.03 1.02
N LEU A 103 -12.71 -15.28 1.46
CA LEU A 103 -12.94 -16.41 0.57
C LEU A 103 -13.99 -17.35 1.14
N THR A 104 -14.34 -18.38 0.38
CA THR A 104 -15.35 -19.35 0.82
C THR A 104 -16.44 -18.69 1.65
N SER A 105 -16.85 -17.49 1.23
CA SER A 105 -17.89 -16.74 1.93
C SER A 105 -19.20 -16.78 1.16
N GLN A 106 -20.31 -16.65 1.88
CA GLN A 106 -21.63 -16.68 1.27
C GLN A 106 -21.64 -15.87 -0.03
N SER A 107 -22.59 -16.19 -0.90
CA SER A 107 -22.70 -15.50 -2.18
C SER A 107 -22.71 -13.99 -1.98
N GLN A 108 -21.59 -13.35 -2.31
CA GLN A 108 -21.47 -11.91 -2.17
C GLN A 108 -20.61 -11.33 -3.29
N ALA A 109 -20.79 -10.03 -3.55
CA ALA A 109 -20.02 -9.36 -4.60
C ALA A 109 -18.60 -9.90 -4.67
N SER A 110 -18.20 -10.33 -5.87
CA SER A 110 -16.86 -10.88 -6.07
C SER A 110 -16.47 -10.81 -7.54
N GLY A 111 -15.18 -10.98 -7.81
CA GLY A 111 -14.70 -10.93 -9.18
C GLY A 111 -13.59 -11.92 -9.43
N PRO A 112 -13.57 -12.51 -10.64
CA PRO A 112 -12.55 -13.48 -11.04
C PRO A 112 -11.17 -12.85 -11.20
N SER A 113 -10.21 -13.66 -11.67
CA SER A 113 -8.85 -13.17 -11.88
C SER A 113 -8.05 -14.18 -12.70
N SER A 114 -6.96 -13.69 -13.30
CA SER A 114 -6.10 -14.54 -14.13
C SER A 114 -4.75 -13.89 -14.36
N GLY A 115 -3.77 -14.68 -14.75
CA GLY A 115 -2.43 -14.17 -15.01
C GLY A 115 -1.35 -15.14 -14.59
N GLY A 1 -20.35 -2.61 -17.58
CA GLY A 1 -19.10 -1.85 -17.59
C GLY A 1 -17.96 -2.62 -16.92
N SER A 2 -16.87 -1.92 -16.66
CA SER A 2 -15.70 -2.53 -16.02
C SER A 2 -14.67 -1.47 -15.64
N SER A 3 -13.84 -1.79 -14.66
CA SER A 3 -12.80 -0.87 -14.20
C SER A 3 -11.46 -1.21 -14.84
N GLY A 4 -11.28 -2.48 -15.19
CA GLY A 4 -10.04 -2.90 -15.81
C GLY A 4 -8.97 -3.24 -14.79
N SER A 5 -8.37 -4.43 -14.93
CA SER A 5 -7.34 -4.87 -14.01
C SER A 5 -6.07 -5.26 -14.77
N SER A 6 -5.02 -4.47 -14.61
CA SER A 6 -3.75 -4.74 -15.29
C SER A 6 -2.59 -4.70 -14.29
N GLY A 7 -2.06 -5.88 -13.97
CA GLY A 7 -0.95 -5.97 -13.03
C GLY A 7 -1.41 -6.13 -11.60
N LYS A 8 -1.23 -7.33 -11.05
CA LYS A 8 -1.63 -7.61 -9.68
C LYS A 8 -0.56 -7.15 -8.70
N VAL A 9 0.44 -6.44 -9.20
CA VAL A 9 1.52 -5.94 -8.37
C VAL A 9 1.93 -4.53 -8.78
N LYS A 10 2.85 -3.94 -8.03
CA LYS A 10 3.33 -2.59 -8.31
C LYS A 10 4.53 -2.25 -7.44
N SER A 11 5.51 -1.58 -8.03
CA SER A 11 6.72 -1.19 -7.31
C SER A 11 7.22 0.18 -7.78
N GLY A 12 7.45 1.08 -6.83
CA GLY A 12 7.93 2.41 -7.17
C GLY A 12 8.43 3.16 -5.95
N TRP A 13 9.42 4.03 -6.16
CA TRP A 13 9.98 4.82 -5.08
C TRP A 13 8.91 5.70 -4.43
N LEU A 14 8.60 5.41 -3.17
CA LEU A 14 7.60 6.16 -2.43
C LEU A 14 8.21 6.84 -1.21
N ASP A 15 7.45 7.72 -0.58
CA ASP A 15 7.91 8.44 0.60
C ASP A 15 7.19 7.94 1.86
N LYS A 16 7.88 7.99 2.99
CA LYS A 16 7.30 7.55 4.25
C LYS A 16 7.14 8.73 5.21
N LEU A 17 5.90 9.18 5.38
CA LEU A 17 5.61 10.29 6.27
C LEU A 17 6.32 10.13 7.61
N SER A 18 7.43 10.84 7.77
CA SER A 18 8.20 10.77 9.00
C SER A 18 8.60 12.17 9.48
N PRO A 19 7.58 13.02 9.72
CA PRO A 19 7.80 14.39 10.19
C PRO A 19 8.31 14.45 11.62
N GLN A 20 8.46 13.28 12.23
CA GLN A 20 8.94 13.20 13.61
C GLN A 20 10.23 13.99 13.78
N GLY A 21 10.12 15.16 14.40
CA GLY A 21 11.30 15.99 14.62
C GLY A 21 11.57 16.92 13.44
N LYS A 22 11.63 16.35 12.25
CA LYS A 22 11.90 17.12 11.04
C LYS A 22 10.79 16.91 10.01
N ARG A 23 10.07 17.98 9.68
CA ARG A 23 8.99 17.92 8.72
C ARG A 23 9.54 17.68 7.31
N MET A 24 9.83 16.41 7.01
CA MET A 24 10.36 16.04 5.69
C MET A 24 9.88 14.65 5.30
N PHE A 25 10.05 14.33 4.02
CA PHE A 25 9.63 13.03 3.50
C PHE A 25 10.84 12.15 3.22
N GLN A 26 10.75 10.88 3.60
CA GLN A 26 11.84 9.93 3.40
C GLN A 26 11.48 8.93 2.31
N LYS A 27 12.28 8.91 1.24
CA LYS A 27 12.05 8.00 0.13
C LYS A 27 12.47 6.58 0.50
N ARG A 28 11.77 5.60 -0.07
CA ARG A 28 12.06 4.20 0.19
C ARG A 28 11.44 3.29 -0.86
N TRP A 29 12.21 2.34 -1.36
CA TRP A 29 11.72 1.42 -2.38
C TRP A 29 10.61 0.53 -1.83
N VAL A 30 9.45 0.58 -2.46
CA VAL A 30 8.31 -0.23 -2.02
C VAL A 30 7.91 -1.24 -3.09
N LYS A 31 7.43 -2.39 -2.65
CA LYS A 31 7.02 -3.45 -3.56
C LYS A 31 5.84 -4.23 -2.99
N PHE A 32 4.90 -4.61 -3.85
CA PHE A 32 3.73 -5.37 -3.44
C PHE A 32 3.55 -6.62 -4.29
N ASP A 33 3.18 -7.72 -3.64
CA ASP A 33 2.97 -8.98 -4.34
C ASP A 33 1.52 -9.43 -4.24
N GLY A 34 0.94 -9.29 -3.06
CA GLY A 34 -0.45 -9.68 -2.86
C GLY A 34 -0.74 -10.01 -1.41
N LEU A 35 0.29 -10.34 -0.65
CA LEU A 35 0.13 -10.69 0.76
C LEU A 35 0.43 -9.49 1.65
N SER A 36 1.57 -8.85 1.42
CA SER A 36 1.97 -7.69 2.21
C SER A 36 2.92 -6.79 1.41
N ILE A 37 3.11 -5.57 1.90
CA ILE A 37 3.99 -4.62 1.24
C ILE A 37 5.37 -4.59 1.90
N SER A 38 6.40 -4.93 1.13
CA SER A 38 7.76 -4.94 1.65
C SER A 38 8.59 -3.83 1.00
N TYR A 39 9.12 -2.94 1.83
CA TYR A 39 9.94 -1.84 1.33
C TYR A 39 11.36 -1.93 1.86
N TYR A 40 12.32 -1.62 1.01
CA TYR A 40 13.73 -1.67 1.38
C TYR A 40 14.45 -0.37 1.02
N ASN A 41 15.43 0.00 1.84
CA ASN A 41 16.19 1.22 1.61
C ASN A 41 17.61 0.91 1.13
N ASN A 42 17.91 1.25 -0.11
CA ASN A 42 19.23 1.01 -0.68
C ASN A 42 20.16 2.20 -0.44
N GLU A 43 19.71 3.39 -0.85
CA GLU A 43 20.49 4.59 -0.68
C GLU A 43 20.23 5.23 0.68
N LYS A 44 18.95 5.39 1.01
CA LYS A 44 18.56 5.98 2.29
C LYS A 44 19.39 5.41 3.43
N GLU A 45 19.50 4.09 3.49
CA GLU A 45 20.27 3.43 4.53
C GLU A 45 20.89 2.13 4.01
N MET A 46 21.73 1.51 4.83
CA MET A 46 22.38 0.26 4.45
C MET A 46 21.45 -0.93 4.69
N TYR A 47 21.11 -1.19 5.95
CA TYR A 47 20.25 -2.30 6.30
C TYR A 47 18.78 -1.85 6.33
N SER A 48 17.94 -2.59 5.61
CA SER A 48 16.51 -2.27 5.54
C SER A 48 15.71 -3.20 6.44
N LYS A 49 14.52 -2.75 6.81
CA LYS A 49 13.64 -3.55 7.67
C LYS A 49 12.27 -2.89 7.80
N GLY A 50 11.22 -3.71 7.84
CA GLY A 50 9.87 -3.18 7.97
C GLY A 50 8.93 -3.73 6.90
N ILE A 51 7.73 -4.09 7.31
CA ILE A 51 6.73 -4.62 6.39
C ILE A 51 5.32 -4.28 6.84
N ILE A 52 4.41 -4.14 5.87
CA ILE A 52 3.03 -3.82 6.17
C ILE A 52 2.09 -4.93 5.72
N PRO A 53 1.46 -5.61 6.68
CA PRO A 53 0.52 -6.71 6.41
C PRO A 53 -0.77 -6.22 5.77
N LEU A 54 -1.25 -6.97 4.79
CA LEU A 54 -2.50 -6.61 4.10
C LEU A 54 -3.67 -6.53 5.07
N SER A 55 -3.62 -7.38 6.10
CA SER A 55 -4.68 -7.40 7.10
C SER A 55 -4.75 -6.08 7.86
N ALA A 56 -3.58 -5.49 8.10
CA ALA A 56 -3.50 -4.21 8.81
C ALA A 56 -4.32 -3.14 8.10
N ILE A 57 -4.15 -3.04 6.79
CA ILE A 57 -4.87 -2.06 5.99
C ILE A 57 -6.37 -2.12 6.27
N SER A 58 -6.82 -1.28 7.20
CA SER A 58 -8.24 -1.23 7.57
C SER A 58 -9.08 -0.65 6.43
N THR A 59 -8.63 0.49 5.91
CA THR A 59 -9.33 1.16 4.82
C THR A 59 -8.44 2.17 4.12
N VAL A 60 -8.64 2.35 2.83
CA VAL A 60 -7.85 3.29 2.05
C VAL A 60 -8.69 4.48 1.60
N ARG A 61 -8.14 5.68 1.71
CA ARG A 61 -8.84 6.89 1.32
C ARG A 61 -7.87 7.93 0.77
N VAL A 62 -8.09 8.35 -0.47
CA VAL A 62 -7.24 9.34 -1.11
C VAL A 62 -7.34 10.69 -0.41
N GLN A 63 -6.28 11.49 -0.50
CA GLN A 63 -6.26 12.80 0.11
C GLN A 63 -6.24 13.91 -0.94
N GLY A 64 -6.57 15.12 -0.52
CA GLY A 64 -6.59 16.25 -1.44
C GLY A 64 -5.48 16.16 -2.48
N ASP A 65 -4.26 16.49 -2.08
CA ASP A 65 -3.13 16.43 -2.99
C ASP A 65 -2.99 15.05 -3.63
N ASN A 66 -1.94 14.87 -4.41
CA ASN A 66 -1.69 13.60 -5.09
C ASN A 66 -1.13 12.58 -4.11
N LYS A 67 -1.81 12.43 -2.97
CA LYS A 67 -1.38 11.48 -1.95
C LYS A 67 -2.57 10.71 -1.39
N PHE A 68 -2.29 9.68 -0.60
CA PHE A 68 -3.34 8.87 0.00
C PHE A 68 -3.00 8.52 1.45
N GLU A 69 -4.02 8.10 2.21
CA GLU A 69 -3.82 7.75 3.61
C GLU A 69 -4.12 6.27 3.83
N VAL A 70 -3.12 5.53 4.31
CA VAL A 70 -3.28 4.11 4.57
C VAL A 70 -3.55 3.85 6.05
N VAL A 71 -4.82 3.59 6.38
CA VAL A 71 -5.21 3.32 7.76
C VAL A 71 -4.89 1.88 8.14
N THR A 72 -4.03 1.73 9.14
CA THR A 72 -3.63 0.40 9.61
C THR A 72 -4.12 0.16 11.03
N THR A 73 -3.91 -1.05 11.53
CA THR A 73 -4.33 -1.42 12.88
C THR A 73 -3.40 -0.81 13.92
N GLN A 74 -2.16 -0.59 13.54
CA GLN A 74 -1.17 0.00 14.44
C GLN A 74 -1.27 1.51 14.47
N ARG A 75 -0.78 2.15 13.41
CA ARG A 75 -0.81 3.60 13.31
C ARG A 75 -0.99 4.04 11.86
N THR A 76 -2.04 4.80 11.60
CA THR A 76 -2.34 5.29 10.26
C THR A 76 -1.10 5.88 9.60
N PHE A 77 -0.79 5.43 8.40
CA PHE A 77 0.38 5.91 7.68
C PHE A 77 -0.04 6.76 6.48
N VAL A 78 0.89 7.53 5.94
CA VAL A 78 0.63 8.39 4.80
C VAL A 78 1.70 8.25 3.74
N PHE A 79 1.30 7.87 2.53
CA PHE A 79 2.23 7.69 1.42
C PHE A 79 2.03 8.78 0.37
N ARG A 80 3.06 9.00 -0.44
CA ARG A 80 3.01 10.00 -1.49
C ARG A 80 3.42 9.42 -2.83
N VAL A 81 2.84 9.94 -3.91
CA VAL A 81 3.15 9.47 -5.25
C VAL A 81 3.74 10.59 -6.10
N GLU A 82 4.19 10.24 -7.31
CA GLU A 82 4.79 11.21 -8.21
C GLU A 82 3.77 11.65 -9.27
N LYS A 83 2.82 10.77 -9.58
CA LYS A 83 1.80 11.06 -10.58
C LYS A 83 0.40 10.83 -10.01
N GLU A 84 -0.60 11.36 -10.69
CA GLU A 84 -1.98 11.21 -10.25
C GLU A 84 -2.44 9.75 -10.38
N GLU A 85 -2.15 9.15 -11.53
CA GLU A 85 -2.53 7.77 -11.77
C GLU A 85 -1.91 6.84 -10.73
N GLU A 86 -0.60 6.98 -10.53
CA GLU A 86 0.12 6.15 -9.56
C GLU A 86 -0.73 5.93 -8.31
N ARG A 87 -1.31 7.01 -7.80
CA ARG A 87 -2.14 6.92 -6.59
C ARG A 87 -3.30 5.95 -6.81
N ASN A 88 -4.04 6.15 -7.89
CA ASN A 88 -5.19 5.30 -8.21
C ASN A 88 -4.75 3.84 -8.32
N ASP A 89 -3.62 3.61 -8.96
CA ASP A 89 -3.10 2.27 -9.14
C ASP A 89 -2.90 1.58 -7.80
N TRP A 90 -2.08 2.19 -6.95
CA TRP A 90 -1.81 1.63 -5.63
C TRP A 90 -3.10 1.19 -4.93
N ILE A 91 -3.99 2.15 -4.70
CA ILE A 91 -5.25 1.85 -4.05
C ILE A 91 -5.97 0.69 -4.72
N SER A 92 -6.25 0.84 -6.02
CA SER A 92 -6.92 -0.19 -6.78
C SER A 92 -6.37 -1.57 -6.43
N ILE A 93 -5.05 -1.69 -6.39
CA ILE A 93 -4.39 -2.95 -6.08
C ILE A 93 -4.71 -3.38 -4.65
N LEU A 94 -4.66 -2.44 -3.71
CA LEU A 94 -4.95 -2.73 -2.32
C LEU A 94 -6.40 -3.18 -2.14
N LEU A 95 -7.33 -2.31 -2.54
CA LEU A 95 -8.74 -2.61 -2.43
C LEU A 95 -9.07 -3.97 -3.06
N ASN A 96 -8.34 -4.31 -4.11
CA ASN A 96 -8.55 -5.58 -4.80
C ASN A 96 -7.89 -6.73 -4.03
N ALA A 97 -6.81 -6.42 -3.33
CA ALA A 97 -6.09 -7.42 -2.55
C ALA A 97 -6.85 -7.76 -1.26
N LEU A 98 -7.51 -6.77 -0.69
CA LEU A 98 -8.28 -6.97 0.54
C LEU A 98 -9.54 -7.80 0.27
N LYS A 99 -10.33 -7.36 -0.70
CA LYS A 99 -11.56 -8.07 -1.05
C LYS A 99 -11.27 -9.55 -1.33
N SER A 100 -10.11 -9.83 -1.91
CA SER A 100 -9.72 -11.20 -2.23
C SER A 100 -9.62 -12.04 -0.97
N GLN A 101 -8.96 -11.50 0.05
CA GLN A 101 -8.79 -12.20 1.32
C GLN A 101 -10.07 -12.14 2.15
N SER A 102 -10.86 -11.08 1.93
CA SER A 102 -12.10 -10.91 2.67
C SER A 102 -13.24 -10.52 1.72
N LEU A 103 -14.10 -11.49 1.42
CA LEU A 103 -15.23 -11.26 0.53
C LEU A 103 -16.49 -10.96 1.32
N THR A 104 -17.35 -10.11 0.76
CA THR A 104 -18.59 -9.74 1.41
C THR A 104 -19.57 -10.92 1.43
N SER A 105 -20.13 -11.19 2.60
CA SER A 105 -21.09 -12.29 2.75
C SER A 105 -22.34 -12.05 1.91
N GLN A 106 -23.16 -13.08 1.76
CA GLN A 106 -24.39 -12.97 0.99
C GLN A 106 -25.51 -12.36 1.82
N SER A 107 -25.19 -11.29 2.54
CA SER A 107 -26.17 -10.62 3.38
C SER A 107 -26.50 -9.24 2.83
N GLN A 108 -27.44 -8.55 3.48
CA GLN A 108 -27.84 -7.22 3.05
C GLN A 108 -26.65 -6.41 2.56
N ALA A 109 -26.73 -5.93 1.32
CA ALA A 109 -25.65 -5.14 0.74
C ALA A 109 -26.06 -3.68 0.59
N SER A 110 -25.13 -2.86 0.09
CA SER A 110 -25.40 -1.44 -0.09
C SER A 110 -25.30 -1.06 -1.56
N GLY A 111 -24.21 -1.45 -2.20
CA GLY A 111 -24.02 -1.15 -3.61
C GLY A 111 -24.57 0.21 -3.98
N PRO A 112 -23.82 1.27 -3.68
CA PRO A 112 -24.25 2.65 -3.99
C PRO A 112 -24.23 2.93 -5.49
N SER A 113 -23.11 2.61 -6.14
CA SER A 113 -22.98 2.84 -7.56
C SER A 113 -21.69 2.21 -8.09
N SER A 114 -21.47 2.32 -9.40
CA SER A 114 -20.30 1.75 -10.04
C SER A 114 -19.90 2.56 -11.27
N GLY A 115 -18.62 2.94 -11.33
CA GLY A 115 -18.14 3.71 -12.46
C GLY A 115 -18.78 3.30 -13.77
N GLY A 1 -13.84 8.72 -16.55
CA GLY A 1 -13.43 7.36 -16.24
C GLY A 1 -11.98 7.11 -16.60
N SER A 2 -11.57 5.84 -16.53
CA SER A 2 -10.19 5.47 -16.85
C SER A 2 -10.12 4.02 -17.34
N SER A 3 -9.11 3.73 -18.13
CA SER A 3 -8.93 2.38 -18.67
C SER A 3 -7.56 1.83 -18.29
N GLY A 4 -7.56 0.88 -17.36
CA GLY A 4 -6.32 0.26 -16.92
C GLY A 4 -6.52 -0.77 -15.83
N SER A 5 -6.27 -0.38 -14.59
CA SER A 5 -6.42 -1.30 -13.46
C SER A 5 -5.85 -2.67 -13.78
N SER A 6 -4.67 -2.67 -14.42
CA SER A 6 -4.02 -3.92 -14.78
C SER A 6 -2.72 -4.10 -14.00
N GLY A 7 -2.67 -5.12 -13.17
CA GLY A 7 -1.48 -5.38 -12.37
C GLY A 7 -1.81 -5.74 -10.94
N LYS A 8 -1.63 -7.01 -10.59
CA LYS A 8 -1.91 -7.49 -9.24
C LYS A 8 -0.83 -7.03 -8.27
N VAL A 9 0.21 -6.40 -8.81
CA VAL A 9 1.31 -5.91 -7.99
C VAL A 9 1.76 -4.52 -8.44
N LYS A 10 2.64 -3.90 -7.64
CA LYS A 10 3.14 -2.58 -7.95
C LYS A 10 4.38 -2.26 -7.13
N SER A 11 5.35 -1.60 -7.75
CA SER A 11 6.59 -1.23 -7.07
C SER A 11 7.20 0.01 -7.69
N GLY A 12 7.59 0.96 -6.83
CA GLY A 12 8.19 2.20 -7.31
C GLY A 12 8.85 2.99 -6.20
N TRP A 13 8.60 4.29 -6.17
CA TRP A 13 9.19 5.15 -5.16
C TRP A 13 8.10 5.87 -4.37
N LEU A 14 7.79 5.36 -3.18
CA LEU A 14 6.77 5.95 -2.33
C LEU A 14 7.40 6.73 -1.19
N ASP A 15 7.06 8.01 -1.08
CA ASP A 15 7.58 8.87 -0.03
C ASP A 15 6.67 8.87 1.19
N LYS A 16 7.19 8.40 2.33
CA LYS A 16 6.41 8.35 3.56
C LYS A 16 7.11 9.14 4.67
N LEU A 17 6.31 9.63 5.62
CA LEU A 17 6.85 10.39 6.74
C LEU A 17 7.52 9.48 7.76
N SER A 18 8.75 9.82 8.13
CA SER A 18 9.49 9.02 9.10
C SER A 18 8.98 9.27 10.52
N PRO A 19 9.10 10.52 10.99
CA PRO A 19 8.65 10.90 12.33
C PRO A 19 7.13 10.90 12.45
N GLN A 20 6.63 11.51 13.52
CA GLN A 20 5.19 11.57 13.76
C GLN A 20 4.72 13.02 13.84
N GLY A 21 5.40 13.82 14.65
CA GLY A 21 5.04 15.22 14.80
C GLY A 21 5.53 16.07 13.65
N LYS A 22 6.80 15.93 13.32
CA LYS A 22 7.39 16.70 12.23
C LYS A 22 6.72 16.38 10.91
N ARG A 23 6.94 17.23 9.91
CA ARG A 23 6.35 17.03 8.58
C ARG A 23 7.42 16.69 7.55
N MET A 24 8.49 16.04 8.01
CA MET A 24 9.58 15.66 7.12
C MET A 24 9.26 14.36 6.40
N PHE A 25 9.16 14.44 5.07
CA PHE A 25 8.85 13.26 4.27
C PHE A 25 10.12 12.49 3.91
N GLN A 26 10.13 11.20 4.20
CA GLN A 26 11.28 10.37 3.91
C GLN A 26 11.06 9.53 2.66
N LYS A 27 12.14 9.27 1.92
CA LYS A 27 12.06 8.49 0.69
C LYS A 27 12.48 7.04 0.94
N ARG A 28 11.63 6.11 0.54
CA ARG A 28 11.91 4.69 0.72
C ARG A 28 11.24 3.86 -0.38
N TRP A 29 11.96 2.88 -0.89
CA TRP A 29 11.44 2.01 -1.94
C TRP A 29 10.38 1.06 -1.39
N VAL A 30 9.28 0.93 -2.12
CA VAL A 30 8.20 0.04 -1.70
C VAL A 30 7.87 -0.98 -2.79
N LYS A 31 7.20 -2.06 -2.40
CA LYS A 31 6.82 -3.10 -3.35
C LYS A 31 5.65 -3.92 -2.80
N PHE A 32 4.81 -4.42 -3.70
CA PHE A 32 3.66 -5.22 -3.31
C PHE A 32 3.67 -6.57 -4.02
N ASP A 33 3.44 -7.64 -3.27
CA ASP A 33 3.42 -8.99 -3.83
C ASP A 33 2.05 -9.62 -3.67
N GLY A 34 1.10 -8.84 -3.15
CA GLY A 34 -0.25 -9.35 -2.95
C GLY A 34 -0.52 -9.72 -1.51
N LEU A 35 0.48 -10.28 -0.85
CA LEU A 35 0.34 -10.69 0.55
C LEU A 35 0.64 -9.52 1.49
N SER A 36 1.85 -8.97 1.37
CA SER A 36 2.25 -7.86 2.21
C SER A 36 3.11 -6.87 1.43
N ILE A 37 3.12 -5.62 1.87
CA ILE A 37 3.90 -4.57 1.20
C ILE A 37 5.30 -4.50 1.77
N SER A 38 6.27 -5.01 1.02
CA SER A 38 7.67 -5.00 1.44
C SER A 38 8.40 -3.78 0.89
N TYR A 39 8.93 -2.97 1.79
CA TYR A 39 9.65 -1.76 1.41
C TYR A 39 11.07 -1.78 1.96
N TYR A 40 12.01 -1.27 1.17
CA TYR A 40 13.41 -1.22 1.58
C TYR A 40 13.99 0.16 1.38
N ASN A 41 15.16 0.39 1.95
CA ASN A 41 15.83 1.70 1.85
C ASN A 41 17.10 1.59 1.01
N ASN A 42 17.50 2.70 0.40
CA ASN A 42 18.69 2.73 -0.43
C ASN A 42 19.93 3.03 0.42
N GLU A 43 19.95 4.20 1.05
CA GLU A 43 21.07 4.60 1.90
C GLU A 43 21.42 3.50 2.90
N LYS A 44 22.69 3.45 3.29
CA LYS A 44 23.15 2.46 4.25
C LYS A 44 22.25 2.42 5.47
N GLU A 45 21.76 1.23 5.82
CA GLU A 45 20.89 1.06 6.97
C GLU A 45 21.03 -0.34 7.56
N MET A 46 20.89 -0.44 8.88
CA MET A 46 20.99 -1.73 9.56
C MET A 46 19.73 -2.56 9.36
N TYR A 47 19.91 -3.78 8.89
CA TYR A 47 18.78 -4.68 8.66
C TYR A 47 17.72 -4.52 9.74
N SER A 48 16.57 -3.97 9.35
CA SER A 48 15.48 -3.75 10.29
C SER A 48 14.14 -4.09 9.64
N LYS A 49 13.26 -4.70 10.43
CA LYS A 49 11.93 -5.08 9.95
C LYS A 49 11.21 -3.89 9.33
N GLY A 50 10.60 -4.11 8.17
CA GLY A 50 9.88 -3.04 7.50
C GLY A 50 8.91 -3.56 6.45
N ILE A 51 7.85 -4.22 6.90
CA ILE A 51 6.84 -4.77 6.01
C ILE A 51 5.44 -4.64 6.61
N ILE A 52 4.49 -4.27 5.77
CA ILE A 52 3.11 -4.11 6.20
C ILE A 52 2.22 -5.23 5.65
N PRO A 53 1.69 -6.06 6.56
CA PRO A 53 0.81 -7.17 6.19
C PRO A 53 -0.55 -6.71 5.66
N LEU A 54 -0.95 -7.25 4.53
CA LEU A 54 -2.22 -6.88 3.92
C LEU A 54 -3.35 -6.91 4.95
N SER A 55 -3.22 -7.79 5.94
CA SER A 55 -4.22 -7.92 7.00
C SER A 55 -4.28 -6.64 7.84
N ALA A 56 -3.12 -6.07 8.10
CA ALA A 56 -3.03 -4.84 8.90
C ALA A 56 -3.84 -3.72 8.27
N ILE A 57 -3.78 -3.62 6.94
CA ILE A 57 -4.51 -2.59 6.22
C ILE A 57 -6.00 -2.64 6.54
N SER A 58 -6.55 -1.50 6.95
CA SER A 58 -7.97 -1.42 7.29
C SER A 58 -8.76 -0.76 6.17
N THR A 59 -8.28 0.40 5.71
CA THR A 59 -8.94 1.13 4.65
C THR A 59 -8.00 2.17 4.03
N VAL A 60 -8.14 2.40 2.73
CA VAL A 60 -7.31 3.36 2.02
C VAL A 60 -8.15 4.47 1.41
N ARG A 61 -7.66 5.69 1.49
CA ARG A 61 -8.37 6.85 0.94
C ARG A 61 -7.39 7.90 0.43
N VAL A 62 -7.78 8.62 -0.62
CA VAL A 62 -6.94 9.66 -1.20
C VAL A 62 -6.92 10.90 -0.32
N GLN A 63 -5.74 11.46 -0.12
CA GLN A 63 -5.58 12.66 0.70
C GLN A 63 -4.44 13.53 0.18
N GLY A 64 -4.76 14.75 -0.22
CA GLY A 64 -3.75 15.66 -0.73
C GLY A 64 -3.47 15.45 -2.20
N ASP A 65 -2.54 16.23 -2.74
CA ASP A 65 -2.17 16.12 -4.15
C ASP A 65 -1.21 14.96 -4.38
N ASN A 66 -1.64 14.01 -5.21
CA ASN A 66 -0.81 12.84 -5.51
C ASN A 66 -0.35 12.16 -4.24
N LYS A 67 -1.29 11.92 -3.33
CA LYS A 67 -0.98 11.26 -2.06
C LYS A 67 -2.17 10.44 -1.58
N PHE A 68 -1.91 9.53 -0.63
CA PHE A 68 -2.94 8.68 -0.08
C PHE A 68 -2.62 8.26 1.35
N GLU A 69 -3.65 8.01 2.14
CA GLU A 69 -3.47 7.61 3.53
C GLU A 69 -3.82 6.13 3.71
N VAL A 70 -2.84 5.36 4.15
CA VAL A 70 -3.04 3.93 4.39
C VAL A 70 -3.29 3.63 5.86
N VAL A 71 -4.57 3.57 6.23
CA VAL A 71 -4.96 3.30 7.60
C VAL A 71 -4.74 1.83 7.95
N THR A 72 -3.93 1.59 8.98
CA THR A 72 -3.63 0.23 9.41
C THR A 72 -4.19 -0.03 10.81
N THR A 73 -3.89 -1.21 11.35
CA THR A 73 -4.36 -1.58 12.68
C THR A 73 -3.60 -0.82 13.76
N GLN A 74 -4.35 -0.14 14.63
CA GLN A 74 -3.75 0.64 15.71
C GLN A 74 -2.63 1.53 15.18
N ARG A 75 -2.70 1.88 13.90
CA ARG A 75 -1.69 2.73 13.28
C ARG A 75 -2.12 3.12 11.86
N THR A 76 -1.44 4.12 11.30
CA THR A 76 -1.75 4.60 9.96
C THR A 76 -0.48 5.07 9.25
N PHE A 77 -0.29 4.60 8.03
CA PHE A 77 0.88 4.98 7.24
C PHE A 77 0.48 5.88 6.07
N VAL A 78 1.19 6.98 5.91
CA VAL A 78 0.92 7.92 4.84
C VAL A 78 1.98 7.84 3.74
N PHE A 79 1.54 7.47 2.53
CA PHE A 79 2.44 7.34 1.40
C PHE A 79 2.19 8.44 0.37
N ARG A 80 3.16 8.67 -0.50
CA ARG A 80 3.04 9.69 -1.54
C ARG A 80 3.56 9.17 -2.88
N VAL A 81 2.86 9.52 -3.96
CA VAL A 81 3.26 9.09 -5.28
C VAL A 81 3.83 10.26 -6.09
N GLU A 82 4.29 9.96 -7.30
CA GLU A 82 4.86 10.99 -8.17
C GLU A 82 3.89 11.38 -9.27
N LYS A 83 3.11 10.40 -9.74
CA LYS A 83 2.13 10.64 -10.79
C LYS A 83 0.72 10.31 -10.31
N GLU A 84 -0.28 10.96 -10.91
CA GLU A 84 -1.66 10.74 -10.55
C GLU A 84 -2.04 9.27 -10.75
N GLU A 85 -1.90 8.78 -11.97
CA GLU A 85 -2.23 7.40 -12.29
C GLU A 85 -1.75 6.46 -11.18
N GLU A 86 -0.48 6.57 -10.83
CA GLU A 86 0.10 5.74 -9.78
C GLU A 86 -0.79 5.72 -8.54
N ARG A 87 -1.32 6.89 -8.18
CA ARG A 87 -2.18 7.01 -7.01
C ARG A 87 -3.32 6.00 -7.07
N ASN A 88 -4.14 6.11 -8.11
CA ASN A 88 -5.27 5.20 -8.28
C ASN A 88 -4.81 3.75 -8.33
N ASP A 89 -3.82 3.49 -9.18
CA ASP A 89 -3.28 2.14 -9.32
C ASP A 89 -2.97 1.52 -7.96
N TRP A 90 -2.16 2.23 -7.17
CA TRP A 90 -1.79 1.75 -5.84
C TRP A 90 -3.02 1.38 -5.03
N ILE A 91 -3.91 2.37 -4.82
CA ILE A 91 -5.13 2.14 -4.07
C ILE A 91 -5.90 0.95 -4.60
N SER A 92 -6.36 1.07 -5.85
CA SER A 92 -7.12 0.00 -6.49
C SER A 92 -6.53 -1.37 -6.14
N ILE A 93 -5.25 -1.54 -6.42
CA ILE A 93 -4.56 -2.80 -6.15
C ILE A 93 -4.80 -3.24 -4.71
N LEU A 94 -4.61 -2.32 -3.78
CA LEU A 94 -4.80 -2.61 -2.36
C LEU A 94 -6.24 -3.05 -2.08
N LEU A 95 -7.19 -2.23 -2.52
CA LEU A 95 -8.61 -2.54 -2.31
C LEU A 95 -8.95 -3.91 -2.88
N ASN A 96 -8.31 -4.27 -3.98
CA ASN A 96 -8.55 -5.55 -4.62
C ASN A 96 -7.98 -6.70 -3.78
N ALA A 97 -6.82 -6.47 -3.20
CA ALA A 97 -6.17 -7.48 -2.36
C ALA A 97 -6.88 -7.60 -1.02
N LEU A 98 -7.70 -6.62 -0.69
CA LEU A 98 -8.44 -6.62 0.57
C LEU A 98 -9.78 -7.33 0.41
N LYS A 99 -10.60 -6.86 -0.51
CA LYS A 99 -11.91 -7.45 -0.75
C LYS A 99 -11.81 -8.97 -0.82
N SER A 100 -10.72 -9.47 -1.40
CA SER A 100 -10.51 -10.90 -1.52
C SER A 100 -10.48 -11.58 -0.15
N GLN A 101 -9.90 -10.88 0.83
CA GLN A 101 -9.81 -11.42 2.18
C GLN A 101 -11.00 -10.95 3.02
N SER A 102 -11.87 -10.14 2.43
CA SER A 102 -13.04 -9.62 3.12
C SER A 102 -14.32 -10.14 2.48
N LEU A 103 -14.35 -11.44 2.20
CA LEU A 103 -15.52 -12.06 1.59
C LEU A 103 -16.80 -11.65 2.32
N THR A 104 -17.93 -11.84 1.65
CA THR A 104 -19.23 -11.49 2.23
C THR A 104 -19.29 -11.90 3.69
N SER A 105 -18.85 -13.12 3.99
CA SER A 105 -18.86 -13.63 5.35
C SER A 105 -18.41 -12.56 6.34
N GLN A 106 -19.11 -12.47 7.47
CA GLN A 106 -18.78 -11.49 8.50
C GLN A 106 -17.28 -11.47 8.78
N SER A 107 -16.66 -10.32 8.56
CA SER A 107 -15.22 -10.18 8.79
C SER A 107 -14.92 -8.83 9.44
N GLN A 108 -14.45 -8.88 10.69
CA GLN A 108 -14.11 -7.67 11.43
C GLN A 108 -13.40 -6.67 10.53
N ALA A 109 -14.13 -5.66 10.06
CA ALA A 109 -13.57 -4.64 9.20
C ALA A 109 -14.57 -3.53 8.93
N SER A 110 -14.06 -2.31 8.75
CA SER A 110 -14.91 -1.16 8.50
C SER A 110 -14.86 -0.76 7.03
N GLY A 111 -16.02 -0.70 6.38
CA GLY A 111 -16.08 -0.33 4.98
C GLY A 111 -17.51 -0.25 4.47
N PRO A 112 -18.17 0.87 4.70
CA PRO A 112 -19.56 1.09 4.27
C PRO A 112 -19.67 1.24 2.75
N SER A 113 -20.88 1.45 2.28
CA SER A 113 -21.13 1.60 0.84
C SER A 113 -21.64 3.00 0.52
N SER A 114 -21.49 3.40 -0.74
CA SER A 114 -21.93 4.73 -1.16
C SER A 114 -23.37 4.69 -1.66
N GLY A 115 -23.65 3.78 -2.60
CA GLY A 115 -24.99 3.66 -3.13
C GLY A 115 -25.17 2.39 -3.94
N GLY A 1 -12.22 6.91 -14.75
CA GLY A 1 -12.42 5.57 -15.29
C GLY A 1 -11.10 4.86 -15.55
N SER A 2 -11.14 3.54 -15.54
CA SER A 2 -9.94 2.73 -15.78
C SER A 2 -10.31 1.36 -16.33
N SER A 3 -9.42 0.81 -17.17
CA SER A 3 -9.65 -0.49 -17.76
C SER A 3 -8.34 -1.27 -17.89
N GLY A 4 -8.45 -2.60 -17.90
CA GLY A 4 -7.27 -3.43 -18.01
C GLY A 4 -6.65 -3.75 -16.66
N SER A 5 -7.05 -4.87 -16.07
CA SER A 5 -6.54 -5.28 -14.77
C SER A 5 -5.18 -5.96 -14.91
N SER A 6 -4.32 -5.39 -15.76
CA SER A 6 -2.98 -5.93 -15.99
C SER A 6 -2.10 -5.77 -14.76
N GLY A 7 -1.56 -6.87 -14.27
CA GLY A 7 -0.70 -6.82 -13.10
C GLY A 7 -1.49 -6.60 -11.82
N LYS A 8 -1.30 -7.49 -10.85
CA LYS A 8 -2.00 -7.37 -9.57
C LYS A 8 -1.05 -6.90 -8.47
N VAL A 9 0.04 -6.26 -8.88
CA VAL A 9 1.02 -5.74 -7.94
C VAL A 9 1.55 -4.38 -8.37
N LYS A 10 2.51 -3.85 -7.63
CA LYS A 10 3.10 -2.55 -7.93
C LYS A 10 4.33 -2.29 -7.07
N SER A 11 5.38 -1.76 -7.69
CA SER A 11 6.62 -1.46 -7.00
C SER A 11 7.32 -0.26 -7.60
N GLY A 12 7.59 0.75 -6.78
CA GLY A 12 8.26 1.95 -7.25
C GLY A 12 8.68 2.87 -6.12
N TRP A 13 9.36 3.95 -6.47
CA TRP A 13 9.82 4.91 -5.48
C TRP A 13 8.65 5.74 -4.94
N LEU A 14 8.32 5.52 -3.66
CA LEU A 14 7.23 6.24 -3.03
C LEU A 14 7.73 7.03 -1.82
N ASP A 15 7.33 8.30 -1.76
CA ASP A 15 7.73 9.17 -0.66
C ASP A 15 6.96 8.83 0.61
N LYS A 16 7.65 8.23 1.58
CA LYS A 16 7.04 7.85 2.84
C LYS A 16 7.14 8.98 3.86
N LEU A 17 6.23 8.98 4.83
CA LEU A 17 6.22 10.00 5.87
C LEU A 17 7.46 9.91 6.75
N SER A 18 7.87 11.04 7.32
CA SER A 18 9.04 11.08 8.19
C SER A 18 8.76 11.90 9.44
N PRO A 19 7.74 11.47 10.20
CA PRO A 19 7.35 12.15 11.44
C PRO A 19 8.39 11.99 12.55
N GLN A 20 8.20 12.71 13.65
CA GLN A 20 9.12 12.64 14.78
C GLN A 20 10.55 12.87 14.32
N GLY A 21 10.73 13.80 13.39
CA GLY A 21 12.06 14.10 12.89
C GLY A 21 12.09 15.38 12.06
N LYS A 22 13.29 15.94 11.91
CA LYS A 22 13.45 17.17 11.14
C LYS A 22 13.02 16.97 9.69
N ARG A 23 13.49 15.89 9.07
CA ARG A 23 13.16 15.59 7.69
C ARG A 23 11.66 15.73 7.45
N MET A 24 11.26 15.81 6.18
CA MET A 24 9.86 15.95 5.84
C MET A 24 9.30 14.63 5.31
N PHE A 25 10.03 14.00 4.41
CA PHE A 25 9.61 12.72 3.83
C PHE A 25 10.82 11.89 3.40
N GLN A 26 10.70 10.57 3.54
CA GLN A 26 11.78 9.67 3.17
C GLN A 26 11.44 8.92 1.89
N LYS A 27 12.38 8.94 0.94
CA LYS A 27 12.18 8.25 -0.34
C LYS A 27 12.74 6.84 -0.28
N ARG A 28 11.87 5.88 0.01
CA ARG A 28 12.27 4.48 0.08
C ARG A 28 11.53 3.64 -0.95
N TRP A 29 12.14 2.54 -1.35
CA TRP A 29 11.54 1.64 -2.34
C TRP A 29 10.45 0.80 -1.71
N VAL A 30 9.27 0.77 -2.34
CA VAL A 30 8.15 0.00 -1.85
C VAL A 30 7.75 -1.09 -2.83
N LYS A 31 7.36 -2.25 -2.31
CA LYS A 31 6.96 -3.37 -3.14
C LYS A 31 5.75 -4.09 -2.53
N PHE A 32 4.83 -4.53 -3.40
CA PHE A 32 3.64 -5.24 -2.95
C PHE A 32 3.42 -6.50 -3.77
N ASP A 33 3.23 -7.62 -3.08
CA ASP A 33 3.01 -8.90 -3.74
C ASP A 33 1.66 -9.49 -3.33
N GLY A 34 0.71 -8.62 -3.01
CA GLY A 34 -0.61 -9.08 -2.61
C GLY A 34 -0.66 -9.49 -1.15
N LEU A 35 0.42 -10.09 -0.68
CA LEU A 35 0.50 -10.54 0.71
C LEU A 35 0.70 -9.35 1.65
N SER A 36 1.88 -8.73 1.56
CA SER A 36 2.20 -7.58 2.40
C SER A 36 3.03 -6.56 1.63
N ILE A 37 3.26 -5.41 2.25
CA ILE A 37 4.04 -4.34 1.62
C ILE A 37 5.40 -4.20 2.28
N SER A 38 6.45 -4.59 1.56
CA SER A 38 7.81 -4.51 2.07
C SER A 38 8.56 -3.36 1.43
N TYR A 39 8.96 -2.38 2.25
CA TYR A 39 9.67 -1.22 1.76
C TYR A 39 11.13 -1.24 2.24
N TYR A 40 12.05 -1.23 1.29
CA TYR A 40 13.47 -1.25 1.61
C TYR A 40 14.10 0.12 1.38
N ASN A 41 15.34 0.28 1.81
CA ASN A 41 16.07 1.53 1.65
C ASN A 41 17.33 1.34 0.82
N ASN A 42 17.60 2.29 -0.07
CA ASN A 42 18.77 2.22 -0.93
C ASN A 42 20.03 1.92 -0.11
N GLU A 43 20.34 2.79 0.84
CA GLU A 43 21.51 2.61 1.69
C GLU A 43 21.74 1.13 2.00
N LYS A 44 20.74 0.50 2.63
CA LYS A 44 20.83 -0.91 2.98
C LYS A 44 20.47 -1.79 1.78
N GLU A 45 20.99 -3.01 1.77
CA GLU A 45 20.73 -3.95 0.69
C GLU A 45 20.30 -5.31 1.24
N MET A 46 19.11 -5.75 0.86
CA MET A 46 18.59 -7.03 1.32
C MET A 46 18.50 -7.08 2.84
N TYR A 47 17.94 -6.02 3.43
CA TYR A 47 17.79 -5.93 4.87
C TYR A 47 16.78 -4.87 5.27
N SER A 48 15.71 -5.28 5.94
CA SER A 48 14.66 -4.36 6.36
C SER A 48 13.91 -4.91 7.57
N LYS A 49 13.61 -4.03 8.52
CA LYS A 49 12.89 -4.42 9.72
C LYS A 49 11.54 -3.73 9.81
N GLY A 50 10.84 -3.66 8.67
CA GLY A 50 9.54 -3.02 8.64
C GLY A 50 8.67 -3.54 7.52
N ILE A 51 7.50 -4.06 7.88
CA ILE A 51 6.57 -4.60 6.91
C ILE A 51 5.12 -4.42 7.36
N ILE A 52 4.23 -4.21 6.40
CA ILE A 52 2.82 -4.03 6.69
C ILE A 52 1.97 -5.15 6.11
N PRO A 53 1.40 -5.99 6.99
CA PRO A 53 0.57 -7.11 6.57
C PRO A 53 -0.77 -6.66 5.99
N LEU A 54 -1.05 -7.10 4.76
CA LEU A 54 -2.30 -6.74 4.09
C LEU A 54 -3.46 -6.75 5.07
N SER A 55 -3.46 -7.72 5.98
CA SER A 55 -4.52 -7.85 6.97
C SER A 55 -4.73 -6.54 7.71
N ALA A 56 -3.63 -5.92 8.14
CA ALA A 56 -3.70 -4.66 8.86
C ALA A 56 -4.46 -3.61 8.06
N ILE A 57 -4.11 -3.47 6.79
CA ILE A 57 -4.76 -2.51 5.92
C ILE A 57 -6.28 -2.68 5.94
N SER A 58 -6.95 -1.75 6.61
CA SER A 58 -8.41 -1.80 6.71
C SER A 58 -9.06 -1.07 5.53
N THR A 59 -8.50 0.07 5.16
CA THR A 59 -9.02 0.85 4.04
C THR A 59 -8.04 1.95 3.64
N VAL A 60 -8.19 2.43 2.40
CA VAL A 60 -7.31 3.48 1.89
C VAL A 60 -8.11 4.53 1.12
N ARG A 61 -7.69 5.78 1.22
CA ARG A 61 -8.36 6.88 0.52
C ARG A 61 -7.39 8.01 0.22
N VAL A 62 -7.69 8.78 -0.82
CA VAL A 62 -6.84 9.90 -1.21
C VAL A 62 -6.99 11.07 -0.25
N GLN A 63 -5.88 11.51 0.32
CA GLN A 63 -5.88 12.62 1.26
C GLN A 63 -5.48 13.93 0.57
N GLY A 64 -6.39 14.89 0.55
CA GLY A 64 -6.10 16.17 -0.08
C GLY A 64 -5.14 16.03 -1.24
N ASP A 65 -3.87 16.34 -0.99
CA ASP A 65 -2.85 16.26 -2.03
C ASP A 65 -2.87 14.89 -2.72
N ASN A 66 -1.90 14.65 -3.59
CA ASN A 66 -1.83 13.39 -4.32
C ASN A 66 -1.30 12.28 -3.41
N LYS A 67 -1.89 12.17 -2.22
CA LYS A 67 -1.48 11.15 -1.26
C LYS A 67 -2.69 10.34 -0.79
N PHE A 68 -2.43 9.33 0.02
CA PHE A 68 -3.50 8.47 0.54
C PHE A 68 -3.16 7.97 1.94
N GLU A 69 -4.18 7.83 2.78
CA GLU A 69 -3.99 7.36 4.15
C GLU A 69 -4.36 5.89 4.26
N VAL A 70 -3.37 5.06 4.54
CA VAL A 70 -3.58 3.62 4.69
C VAL A 70 -3.88 3.25 6.14
N VAL A 71 -5.17 3.06 6.44
CA VAL A 71 -5.59 2.70 7.79
C VAL A 71 -5.12 1.31 8.15
N THR A 72 -4.58 1.17 9.37
CA THR A 72 -4.10 -0.13 9.84
C THR A 72 -4.32 -0.28 11.33
N THR A 73 -4.32 -1.52 11.80
CA THR A 73 -4.52 -1.82 13.22
C THR A 73 -3.41 -1.23 14.07
N GLN A 74 -2.17 -1.45 13.64
CA GLN A 74 -1.01 -0.93 14.37
C GLN A 74 -1.09 0.58 14.51
N ARG A 75 -1.01 1.28 13.38
CA ARG A 75 -1.07 2.74 13.38
C ARG A 75 -1.17 3.27 11.96
N THR A 76 -2.25 4.00 11.68
CA THR A 76 -2.47 4.58 10.36
C THR A 76 -1.16 5.00 9.72
N PHE A 77 -1.03 4.74 8.43
CA PHE A 77 0.18 5.09 7.69
C PHE A 77 -0.14 6.03 6.53
N VAL A 78 0.89 6.68 6.00
CA VAL A 78 0.72 7.61 4.89
C VAL A 78 1.80 7.41 3.83
N PHE A 79 1.40 7.40 2.57
CA PHE A 79 2.34 7.23 1.47
C PHE A 79 2.09 8.26 0.38
N ARG A 80 3.12 8.52 -0.42
CA ARG A 80 3.02 9.50 -1.51
C ARG A 80 3.43 8.87 -2.83
N VAL A 81 2.77 9.28 -3.90
CA VAL A 81 3.05 8.77 -5.23
C VAL A 81 3.88 9.76 -6.04
N GLU A 82 4.29 9.34 -7.24
CA GLU A 82 5.09 10.20 -8.11
C GLU A 82 4.27 10.70 -9.29
N LYS A 83 3.18 10.00 -9.59
CA LYS A 83 2.30 10.37 -10.69
C LYS A 83 0.84 10.29 -10.28
N GLU A 84 0.00 11.05 -10.97
CA GLU A 84 -1.43 11.06 -10.67
C GLU A 84 -2.03 9.66 -10.79
N GLU A 85 -1.64 8.95 -11.84
CA GLU A 85 -2.13 7.59 -12.07
C GLU A 85 -1.80 6.69 -10.88
N GLU A 86 -0.53 6.66 -10.51
CA GLU A 86 -0.08 5.84 -9.39
C GLU A 86 -1.02 5.97 -8.20
N ARG A 87 -1.42 7.21 -7.90
CA ARG A 87 -2.31 7.47 -6.79
C ARG A 87 -3.53 6.55 -6.84
N ASN A 88 -4.10 6.41 -8.03
CA ASN A 88 -5.27 5.56 -8.22
C ASN A 88 -4.87 4.09 -8.33
N ASP A 89 -3.79 3.83 -9.05
CA ASP A 89 -3.30 2.47 -9.24
C ASP A 89 -3.03 1.80 -7.89
N TRP A 90 -2.11 2.37 -7.13
CA TRP A 90 -1.77 1.83 -5.82
C TRP A 90 -3.01 1.53 -5.00
N ILE A 91 -3.78 2.57 -4.71
CA ILE A 91 -5.01 2.42 -3.93
C ILE A 91 -5.90 1.33 -4.52
N SER A 92 -6.11 1.38 -5.83
CA SER A 92 -6.93 0.39 -6.52
C SER A 92 -6.44 -1.02 -6.23
N ILE A 93 -5.13 -1.20 -6.25
CA ILE A 93 -4.53 -2.50 -6.00
C ILE A 93 -4.76 -2.94 -4.56
N LEU A 94 -4.53 -2.03 -3.63
CA LEU A 94 -4.72 -2.32 -2.21
C LEU A 94 -6.17 -2.69 -1.91
N LEU A 95 -7.09 -1.81 -2.30
CA LEU A 95 -8.51 -2.05 -2.09
C LEU A 95 -8.94 -3.38 -2.68
N ASN A 96 -8.37 -3.72 -3.84
CA ASN A 96 -8.69 -4.96 -4.51
C ASN A 96 -8.05 -6.15 -3.80
N ALA A 97 -6.86 -5.93 -3.25
CA ALA A 97 -6.15 -6.99 -2.54
C ALA A 97 -6.90 -7.42 -1.28
N LEU A 98 -7.45 -6.45 -0.56
CA LEU A 98 -8.21 -6.74 0.66
C LEU A 98 -9.38 -7.65 0.36
N LYS A 99 -10.15 -7.32 -0.67
CA LYS A 99 -11.30 -8.11 -1.07
C LYS A 99 -10.92 -9.57 -1.29
N SER A 100 -9.81 -9.78 -1.98
CA SER A 100 -9.32 -11.13 -2.26
C SER A 100 -9.41 -12.01 -1.01
N GLN A 101 -8.97 -11.46 0.11
CA GLN A 101 -9.01 -12.20 1.38
C GLN A 101 -10.36 -12.87 1.58
N SER A 102 -11.43 -12.11 1.38
CA SER A 102 -12.78 -12.63 1.55
C SER A 102 -13.66 -12.26 0.36
N LEU A 103 -14.11 -13.26 -0.37
CA LEU A 103 -14.96 -13.04 -1.55
C LEU A 103 -16.09 -14.06 -1.59
N THR A 104 -17.08 -13.80 -2.44
CA THR A 104 -18.21 -14.70 -2.60
C THR A 104 -18.00 -15.68 -3.74
N SER A 105 -18.46 -16.92 -3.54
CA SER A 105 -18.31 -17.95 -4.56
C SER A 105 -19.05 -17.57 -5.84
N GLN A 106 -18.32 -17.54 -6.95
CA GLN A 106 -18.90 -17.18 -8.23
C GLN A 106 -18.45 -18.16 -9.32
N SER A 107 -18.94 -17.95 -10.54
CA SER A 107 -18.59 -18.81 -11.66
C SER A 107 -17.24 -18.42 -12.24
N GLN A 108 -16.74 -19.24 -13.16
CA GLN A 108 -15.46 -18.99 -13.79
C GLN A 108 -15.33 -19.76 -15.10
N ALA A 109 -14.75 -19.12 -16.12
CA ALA A 109 -14.57 -19.75 -17.42
C ALA A 109 -13.22 -19.37 -18.03
N SER A 110 -12.51 -20.36 -18.56
CA SER A 110 -11.22 -20.13 -19.17
C SER A 110 -11.33 -20.10 -20.69
N GLY A 111 -10.73 -19.08 -21.31
CA GLY A 111 -10.78 -18.97 -22.75
C GLY A 111 -9.40 -19.01 -23.38
N PRO A 112 -9.34 -19.39 -24.67
CA PRO A 112 -8.09 -19.48 -25.41
C PRO A 112 -7.47 -18.12 -25.69
N SER A 113 -6.35 -18.10 -26.40
CA SER A 113 -5.66 -16.87 -26.73
C SER A 113 -5.44 -16.74 -28.23
N SER A 114 -5.47 -15.52 -28.73
CA SER A 114 -5.27 -15.25 -30.15
C SER A 114 -5.04 -13.77 -30.42
N GLY A 115 -4.02 -13.47 -31.20
CA GLY A 115 -3.71 -12.09 -31.51
C GLY A 115 -2.23 -11.78 -31.37
N GLY A 1 -13.76 2.91 -13.98
CA GLY A 1 -13.07 1.63 -14.09
C GLY A 1 -12.28 1.51 -15.38
N SER A 2 -11.00 1.20 -15.26
CA SER A 2 -10.13 1.06 -16.42
C SER A 2 -10.35 -0.30 -17.09
N SER A 3 -10.30 -1.36 -16.29
CA SER A 3 -10.49 -2.71 -16.81
C SER A 3 -9.57 -2.98 -18.00
N GLY A 4 -8.32 -2.53 -17.87
CA GLY A 4 -7.36 -2.74 -18.94
C GLY A 4 -5.93 -2.58 -18.46
N SER A 5 -5.61 -3.21 -17.34
CA SER A 5 -4.27 -3.15 -16.77
C SER A 5 -3.76 -4.53 -16.40
N SER A 6 -2.49 -4.80 -16.70
CA SER A 6 -1.89 -6.10 -16.40
C SER A 6 -0.95 -5.98 -15.20
N GLY A 7 -0.63 -7.13 -14.59
CA GLY A 7 0.25 -7.14 -13.44
C GLY A 7 -0.50 -6.97 -12.14
N LYS A 8 -0.53 -8.02 -11.33
CA LYS A 8 -1.21 -7.98 -10.04
C LYS A 8 -0.29 -7.46 -8.95
N VAL A 9 0.79 -6.80 -9.35
CA VAL A 9 1.75 -6.25 -8.41
C VAL A 9 2.16 -4.83 -8.80
N LYS A 10 2.93 -4.18 -7.94
CA LYS A 10 3.39 -2.83 -8.20
C LYS A 10 4.51 -2.44 -7.24
N SER A 11 5.50 -1.71 -7.75
CA SER A 11 6.63 -1.29 -6.94
C SER A 11 7.22 0.02 -7.48
N GLY A 12 7.74 0.84 -6.58
CA GLY A 12 8.32 2.12 -6.97
C GLY A 12 8.76 2.95 -5.79
N TRP A 13 9.66 3.89 -6.04
CA TRP A 13 10.16 4.77 -4.98
C TRP A 13 9.08 5.73 -4.51
N LEU A 14 8.55 5.49 -3.31
CA LEU A 14 7.51 6.34 -2.75
C LEU A 14 7.98 7.01 -1.46
N ASP A 15 7.61 8.27 -1.28
CA ASP A 15 8.00 9.02 -0.09
C ASP A 15 7.22 8.54 1.13
N LYS A 16 7.95 8.16 2.17
CA LYS A 16 7.34 7.68 3.41
C LYS A 16 7.64 8.62 4.57
N LEU A 17 6.70 8.73 5.50
CA LEU A 17 6.86 9.59 6.67
C LEU A 17 7.64 8.87 7.77
N SER A 18 8.55 7.99 7.37
CA SER A 18 9.35 7.23 8.32
C SER A 18 10.84 7.33 7.98
N PRO A 19 11.33 8.58 7.85
CA PRO A 19 12.74 8.83 7.53
C PRO A 19 13.68 8.46 8.66
N GLN A 20 14.91 8.94 8.59
CA GLN A 20 15.90 8.65 9.61
C GLN A 20 15.75 9.61 10.80
N GLY A 21 14.95 9.19 11.78
CA GLY A 21 14.72 10.02 12.95
C GLY A 21 13.47 10.85 12.85
N LYS A 22 13.58 12.00 12.20
CA LYS A 22 12.44 12.90 12.03
C LYS A 22 11.24 12.15 11.43
N ARG A 23 10.17 12.89 11.16
CA ARG A 23 8.97 12.30 10.59
C ARG A 23 8.45 13.14 9.42
N MET A 24 8.72 12.69 8.21
CA MET A 24 8.27 13.40 7.01
C MET A 24 8.60 12.60 5.76
N PHE A 25 7.83 12.84 4.69
CA PHE A 25 8.04 12.15 3.43
C PHE A 25 9.41 12.46 2.85
N GLN A 26 10.21 11.42 2.64
CA GLN A 26 11.55 11.58 2.09
C GLN A 26 11.76 10.67 0.89
N LYS A 27 11.95 9.38 1.15
CA LYS A 27 12.16 8.40 0.08
C LYS A 27 12.22 6.99 0.65
N ARG A 28 11.27 6.15 0.23
CA ARG A 28 11.22 4.76 0.70
C ARG A 28 10.59 3.86 -0.36
N TRP A 29 11.27 2.77 -0.68
CA TRP A 29 10.79 1.82 -1.67
C TRP A 29 9.59 1.04 -1.14
N VAL A 30 8.70 0.63 -2.04
CA VAL A 30 7.52 -0.14 -1.65
C VAL A 30 7.16 -1.16 -2.72
N LYS A 31 6.97 -2.40 -2.29
CA LYS A 31 6.60 -3.48 -3.21
C LYS A 31 5.43 -4.29 -2.67
N PHE A 32 4.58 -4.76 -3.58
CA PHE A 32 3.41 -5.55 -3.20
C PHE A 32 3.40 -6.89 -3.92
N ASP A 33 3.07 -7.95 -3.18
CA ASP A 33 3.02 -9.29 -3.74
C ASP A 33 1.61 -9.86 -3.67
N GLY A 34 0.92 -9.58 -2.57
CA GLY A 34 -0.44 -10.07 -2.40
C GLY A 34 -0.77 -10.34 -0.95
N LEU A 35 0.25 -10.62 -0.14
CA LEU A 35 0.05 -10.90 1.28
C LEU A 35 0.33 -9.66 2.12
N SER A 36 1.47 -9.02 1.86
CA SER A 36 1.85 -7.82 2.59
C SER A 36 2.71 -6.91 1.73
N ILE A 37 2.97 -5.69 2.22
CA ILE A 37 3.78 -4.73 1.48
C ILE A 37 5.13 -4.52 2.16
N SER A 38 6.20 -4.83 1.44
CA SER A 38 7.55 -4.68 1.97
C SER A 38 8.20 -3.40 1.44
N TYR A 39 8.65 -2.55 2.35
CA TYR A 39 9.29 -1.30 1.96
C TYR A 39 10.73 -1.24 2.48
N TYR A 40 11.63 -0.75 1.64
CA TYR A 40 13.05 -0.65 2.01
C TYR A 40 13.78 0.28 1.05
N ASN A 41 14.12 1.47 1.53
CA ASN A 41 14.83 2.46 0.72
C ASN A 41 15.81 1.76 -0.23
N ASN A 42 16.80 1.08 0.35
CA ASN A 42 17.80 0.37 -0.45
C ASN A 42 18.01 -1.04 0.08
N GLU A 43 18.40 -1.15 1.35
CA GLU A 43 18.64 -2.44 1.98
C GLU A 43 18.70 -2.31 3.49
N LYS A 44 18.58 -3.44 4.18
CA LYS A 44 18.60 -3.45 5.64
C LYS A 44 18.69 -4.88 6.17
N GLU A 45 19.14 -5.03 7.40
CA GLU A 45 19.26 -6.34 8.03
C GLU A 45 18.02 -7.19 7.76
N MET A 46 18.15 -8.50 7.93
CA MET A 46 17.05 -9.42 7.72
C MET A 46 16.27 -9.67 9.01
N TYR A 47 16.00 -8.59 9.75
CA TYR A 47 15.29 -8.69 11.01
C TYR A 47 14.38 -7.49 11.21
N SER A 48 13.08 -7.76 11.40
CA SER A 48 12.11 -6.69 11.61
C SER A 48 12.15 -5.69 10.45
N LYS A 49 12.17 -6.21 9.23
CA LYS A 49 12.21 -5.35 8.04
C LYS A 49 10.86 -4.67 7.81
N GLY A 50 10.89 -3.37 7.57
CA GLY A 50 9.67 -2.63 7.33
C GLY A 50 8.71 -3.37 6.42
N ILE A 51 7.60 -3.82 6.98
CA ILE A 51 6.59 -4.55 6.20
C ILE A 51 5.20 -4.34 6.78
N ILE A 52 4.22 -4.17 5.90
CA ILE A 52 2.83 -3.98 6.32
C ILE A 52 1.95 -5.11 5.84
N PRO A 53 1.45 -5.91 6.80
CA PRO A 53 0.56 -7.04 6.50
C PRO A 53 -0.81 -6.60 6.01
N LEU A 54 -1.15 -7.00 4.79
CA LEU A 54 -2.44 -6.65 4.20
C LEU A 54 -3.55 -6.66 5.25
N SER A 55 -3.52 -7.68 6.11
CA SER A 55 -4.51 -7.81 7.17
C SER A 55 -4.63 -6.53 7.97
N ALA A 56 -3.49 -5.97 8.36
CA ALA A 56 -3.46 -4.73 9.14
C ALA A 56 -4.28 -3.64 8.45
N ILE A 57 -4.06 -3.49 7.15
CA ILE A 57 -4.78 -2.47 6.38
C ILE A 57 -6.28 -2.55 6.62
N SER A 58 -6.83 -1.52 7.27
CA SER A 58 -8.25 -1.47 7.57
C SER A 58 -9.03 -0.85 6.41
N THR A 59 -8.55 0.30 5.93
CA THR A 59 -9.20 0.99 4.83
C THR A 59 -8.20 1.82 4.04
N VAL A 60 -8.60 2.23 2.84
CA VAL A 60 -7.74 3.04 1.97
C VAL A 60 -8.52 4.14 1.29
N ARG A 61 -8.01 5.37 1.39
CA ARG A 61 -8.67 6.52 0.78
C ARG A 61 -7.64 7.54 0.31
N VAL A 62 -8.10 8.53 -0.45
CA VAL A 62 -7.22 9.58 -0.96
C VAL A 62 -7.27 10.83 -0.09
N GLN A 63 -6.15 11.51 0.03
CA GLN A 63 -6.07 12.72 0.84
C GLN A 63 -6.01 13.96 -0.05
N GLY A 64 -6.34 15.11 0.52
CA GLY A 64 -6.31 16.35 -0.24
C GLY A 64 -5.20 16.38 -1.26
N ASP A 65 -3.96 16.45 -0.79
CA ASP A 65 -2.81 16.49 -1.67
C ASP A 65 -2.71 15.20 -2.49
N ASN A 66 -1.64 15.09 -3.28
CA ASN A 66 -1.43 13.91 -4.12
C ASN A 66 -0.95 12.73 -3.28
N LYS A 67 -1.65 12.45 -2.20
CA LYS A 67 -1.29 11.34 -1.31
C LYS A 67 -2.54 10.64 -0.78
N PHE A 68 -2.33 9.55 -0.05
CA PHE A 68 -3.43 8.79 0.52
C PHE A 68 -3.13 8.38 1.96
N GLU A 69 -4.15 7.87 2.65
CA GLU A 69 -3.99 7.43 4.03
C GLU A 69 -4.26 5.94 4.18
N VAL A 70 -3.20 5.17 4.42
CA VAL A 70 -3.32 3.73 4.58
C VAL A 70 -3.54 3.35 6.04
N VAL A 71 -4.79 3.24 6.43
CA VAL A 71 -5.14 2.88 7.80
C VAL A 71 -4.67 1.46 8.13
N THR A 72 -3.90 1.34 9.21
CA THR A 72 -3.39 0.04 9.64
C THR A 72 -3.50 -0.12 11.15
N THR A 73 -4.07 -1.25 11.58
CA THR A 73 -4.24 -1.53 13.00
C THR A 73 -3.08 -0.96 13.81
N GLN A 74 -1.86 -1.37 13.45
CA GLN A 74 -0.67 -0.91 14.15
C GLN A 74 -0.67 0.61 14.28
N ARG A 75 -0.44 1.30 13.17
CA ARG A 75 -0.41 2.76 13.16
C ARG A 75 -0.58 3.30 11.74
N THR A 76 -1.62 4.11 11.55
CA THR A 76 -1.89 4.69 10.24
C THR A 76 -0.62 5.24 9.60
N PHE A 77 -0.50 5.08 8.29
CA PHE A 77 0.66 5.56 7.56
C PHE A 77 0.25 6.43 6.38
N VAL A 78 1.22 7.08 5.76
CA VAL A 78 0.96 7.94 4.61
C VAL A 78 1.98 7.71 3.51
N PHE A 79 1.50 7.65 2.27
CA PHE A 79 2.37 7.43 1.12
C PHE A 79 2.10 8.46 0.03
N ARG A 80 3.16 9.01 -0.55
CA ARG A 80 3.05 10.01 -1.60
C ARG A 80 3.54 9.46 -2.93
N VAL A 81 2.83 9.78 -4.00
CA VAL A 81 3.19 9.32 -5.34
C VAL A 81 3.83 10.44 -6.15
N GLU A 82 4.24 10.12 -7.37
CA GLU A 82 4.88 11.09 -8.25
C GLU A 82 3.92 11.51 -9.36
N LYS A 83 2.94 10.66 -9.65
CA LYS A 83 1.97 10.94 -10.70
C LYS A 83 0.56 10.58 -10.24
N GLU A 84 -0.42 11.37 -10.67
CA GLU A 84 -1.81 11.14 -10.30
C GLU A 84 -2.21 9.70 -10.58
N GLU A 85 -1.78 9.18 -11.73
CA GLU A 85 -2.10 7.81 -12.13
C GLU A 85 -1.59 6.82 -11.08
N GLU A 86 -0.37 7.03 -10.62
CA GLU A 86 0.24 6.15 -9.62
C GLU A 86 -0.69 5.97 -8.42
N ARG A 87 -1.27 7.08 -7.97
CA ARG A 87 -2.18 7.06 -6.82
C ARG A 87 -3.29 6.04 -7.04
N ASN A 88 -4.11 6.27 -8.05
CA ASN A 88 -5.22 5.37 -8.36
C ASN A 88 -4.72 3.94 -8.56
N ASP A 89 -3.55 3.81 -9.15
CA ASP A 89 -2.95 2.49 -9.40
C ASP A 89 -2.77 1.73 -8.09
N TRP A 90 -2.15 2.38 -7.12
CA TRP A 90 -1.90 1.76 -5.82
C TRP A 90 -3.22 1.39 -5.14
N ILE A 91 -4.03 2.39 -4.82
CA ILE A 91 -5.31 2.17 -4.17
C ILE A 91 -6.11 1.08 -4.90
N SER A 92 -6.06 1.11 -6.23
CA SER A 92 -6.78 0.13 -7.04
C SER A 92 -6.30 -1.29 -6.72
N ILE A 93 -4.99 -1.46 -6.66
CA ILE A 93 -4.41 -2.77 -6.36
C ILE A 93 -4.71 -3.19 -4.93
N LEU A 94 -4.51 -2.28 -3.99
CA LEU A 94 -4.77 -2.57 -2.58
C LEU A 94 -6.23 -2.97 -2.37
N LEU A 95 -7.15 -2.09 -2.76
CA LEU A 95 -8.57 -2.35 -2.62
C LEU A 95 -8.95 -3.71 -3.21
N ASN A 96 -8.25 -4.10 -4.27
CA ASN A 96 -8.50 -5.36 -4.93
C ASN A 96 -7.84 -6.51 -4.18
N ALA A 97 -6.86 -6.17 -3.34
CA ALA A 97 -6.15 -7.18 -2.55
C ALA A 97 -6.87 -7.46 -1.25
N LEU A 98 -7.58 -6.45 -0.73
CA LEU A 98 -8.32 -6.60 0.52
C LEU A 98 -9.56 -7.47 0.32
N LYS A 99 -10.38 -7.09 -0.66
CA LYS A 99 -11.60 -7.84 -0.96
C LYS A 99 -11.30 -9.33 -1.15
N SER A 100 -10.12 -9.62 -1.67
CA SER A 100 -9.71 -11.00 -1.92
C SER A 100 -9.63 -11.78 -0.60
N GLN A 101 -8.87 -11.25 0.34
CA GLN A 101 -8.70 -11.89 1.65
C GLN A 101 -10.02 -11.91 2.41
N SER A 102 -10.86 -10.91 2.16
CA SER A 102 -12.15 -10.81 2.84
C SER A 102 -12.88 -12.15 2.81
N LEU A 103 -12.83 -12.82 1.66
CA LEU A 103 -13.48 -14.12 1.50
C LEU A 103 -12.83 -15.17 2.39
N THR A 104 -13.65 -15.87 3.18
CA THR A 104 -13.16 -16.90 4.08
C THR A 104 -11.96 -17.63 3.47
N SER A 105 -10.86 -17.67 4.20
CA SER A 105 -9.65 -18.34 3.74
C SER A 105 -8.64 -18.48 4.86
N GLN A 106 -7.92 -19.60 4.88
CA GLN A 106 -6.92 -19.85 5.91
C GLN A 106 -5.58 -19.22 5.53
N SER A 107 -5.09 -18.33 6.40
CA SER A 107 -3.82 -17.65 6.15
C SER A 107 -3.04 -17.47 7.44
N GLN A 108 -1.74 -17.19 7.31
CA GLN A 108 -0.88 -17.00 8.48
C GLN A 108 -0.80 -15.51 8.85
N ALA A 109 -1.26 -15.18 10.05
CA ALA A 109 -1.24 -13.81 10.52
C ALA A 109 -0.72 -13.73 11.96
N SER A 110 -0.52 -12.51 12.44
CA SER A 110 -0.03 -12.30 13.80
C SER A 110 -0.43 -10.92 14.32
N GLY A 111 -0.26 -10.71 15.62
CA GLY A 111 -0.61 -9.43 16.21
C GLY A 111 0.37 -9.01 17.29
N PRO A 112 1.52 -8.47 16.88
CA PRO A 112 2.56 -8.02 17.80
C PRO A 112 2.15 -6.77 18.58
N SER A 113 2.17 -6.87 19.90
CA SER A 113 1.79 -5.74 20.76
C SER A 113 2.90 -4.70 20.82
N SER A 114 2.54 -3.44 20.66
CA SER A 114 3.51 -2.35 20.69
C SER A 114 4.76 -2.71 19.90
N GLY A 115 4.56 -3.32 18.73
CA GLY A 115 5.67 -3.71 17.89
C GLY A 115 5.41 -3.45 16.42
N GLY A 1 -16.13 0.84 -14.15
CA GLY A 1 -16.92 1.78 -14.93
C GLY A 1 -16.70 1.63 -16.42
N SER A 2 -15.84 2.47 -16.98
CA SER A 2 -15.54 2.42 -18.41
C SER A 2 -14.47 1.37 -18.71
N SER A 3 -13.39 1.40 -17.94
CA SER A 3 -12.30 0.45 -18.12
C SER A 3 -11.79 -0.07 -16.79
N GLY A 4 -11.48 -1.36 -16.74
CA GLY A 4 -10.99 -1.96 -15.51
C GLY A 4 -9.55 -1.59 -15.22
N SER A 5 -8.86 -2.43 -14.45
CA SER A 5 -7.47 -2.18 -14.09
C SER A 5 -6.63 -3.43 -14.31
N SER A 6 -5.42 -3.25 -14.82
CA SER A 6 -4.51 -4.37 -15.07
C SER A 6 -3.37 -4.38 -14.06
N GLY A 7 -3.02 -5.57 -13.60
CA GLY A 7 -1.94 -5.70 -12.63
C GLY A 7 -2.45 -5.85 -11.21
N LYS A 8 -1.96 -6.87 -10.51
CA LYS A 8 -2.37 -7.12 -9.14
C LYS A 8 -1.25 -6.79 -8.16
N VAL A 9 -0.31 -5.95 -8.61
CA VAL A 9 0.81 -5.55 -7.77
C VAL A 9 1.36 -4.20 -8.20
N LYS A 10 2.31 -3.69 -7.44
CA LYS A 10 2.93 -2.40 -7.73
C LYS A 10 4.28 -2.26 -7.06
N SER A 11 5.16 -1.45 -7.65
CA SER A 11 6.50 -1.24 -7.09
C SER A 11 7.08 0.07 -7.59
N GLY A 12 7.51 0.93 -6.66
CA GLY A 12 8.08 2.20 -7.04
C GLY A 12 8.42 3.05 -5.83
N TRP A 13 9.58 3.70 -5.87
CA TRP A 13 10.01 4.56 -4.77
C TRP A 13 8.92 5.54 -4.37
N LEU A 14 8.38 5.36 -3.17
CA LEU A 14 7.32 6.23 -2.67
C LEU A 14 7.83 7.12 -1.55
N ASP A 15 7.38 8.37 -1.53
CA ASP A 15 7.79 9.32 -0.51
C ASP A 15 6.92 9.19 0.73
N LYS A 16 7.41 8.45 1.73
CA LYS A 16 6.68 8.25 2.96
C LYS A 16 7.26 9.09 4.09
N LEU A 17 6.41 9.53 5.01
CA LEU A 17 6.85 10.34 6.14
C LEU A 17 7.15 9.47 7.36
N SER A 18 8.43 9.20 7.58
CA SER A 18 8.85 8.38 8.71
C SER A 18 8.98 9.22 9.98
N PRO A 19 9.95 10.13 9.99
CA PRO A 19 10.21 11.02 11.13
C PRO A 19 9.10 12.05 11.32
N GLN A 20 9.29 12.94 12.28
CA GLN A 20 8.30 13.98 12.56
C GLN A 20 8.56 15.23 11.70
N GLY A 21 7.49 15.81 11.17
CA GLY A 21 7.62 16.99 10.34
C GLY A 21 6.92 16.83 9.00
N LYS A 22 6.15 17.84 8.62
CA LYS A 22 5.42 17.83 7.36
C LYS A 22 6.34 18.18 6.20
N ARG A 23 7.15 19.22 6.39
CA ARG A 23 8.08 19.67 5.35
C ARG A 23 9.30 18.75 5.29
N MET A 24 9.06 17.45 5.29
CA MET A 24 10.14 16.48 5.24
C MET A 24 9.60 15.07 4.99
N PHE A 25 10.30 14.32 4.16
CA PHE A 25 9.87 12.95 3.83
C PHE A 25 11.08 12.02 3.77
N GLN A 26 10.83 10.71 3.90
CA GLN A 26 11.89 9.72 3.84
C GLN A 26 11.72 8.79 2.65
N LYS A 27 12.45 9.05 1.58
CA LYS A 27 12.37 8.23 0.38
C LYS A 27 12.67 6.77 0.69
N ARG A 28 11.73 5.89 0.35
CA ARG A 28 11.88 4.46 0.59
C ARG A 28 11.20 3.64 -0.50
N TRP A 29 11.90 2.64 -1.00
CA TRP A 29 11.35 1.77 -2.05
C TRP A 29 10.29 0.83 -1.49
N VAL A 30 9.11 0.84 -2.10
CA VAL A 30 8.02 -0.01 -1.66
C VAL A 30 7.70 -1.09 -2.70
N LYS A 31 7.26 -2.25 -2.24
CA LYS A 31 6.92 -3.35 -3.12
C LYS A 31 5.76 -4.16 -2.56
N PHE A 32 4.77 -4.44 -3.41
CA PHE A 32 3.60 -5.21 -3.00
C PHE A 32 3.42 -6.44 -3.89
N ASP A 33 3.36 -7.61 -3.25
CA ASP A 33 3.19 -8.86 -3.98
C ASP A 33 1.80 -9.44 -3.76
N GLY A 34 0.87 -8.58 -3.35
CA GLY A 34 -0.50 -9.03 -3.10
C GLY A 34 -0.71 -9.43 -1.66
N LEU A 35 0.29 -10.07 -1.07
CA LEU A 35 0.20 -10.52 0.33
C LEU A 35 0.42 -9.35 1.28
N SER A 36 1.61 -8.77 1.24
CA SER A 36 1.96 -7.65 2.10
C SER A 36 2.86 -6.66 1.37
N ILE A 37 3.17 -5.55 2.04
CA ILE A 37 4.02 -4.52 1.45
C ILE A 37 5.36 -4.44 2.19
N SER A 38 6.42 -4.90 1.53
CA SER A 38 7.75 -4.89 2.12
C SER A 38 8.64 -3.85 1.42
N TYR A 39 9.03 -2.83 2.17
CA TYR A 39 9.87 -1.77 1.62
C TYR A 39 11.30 -1.89 2.16
N TYR A 40 12.24 -1.29 1.44
CA TYR A 40 13.64 -1.33 1.82
C TYR A 40 14.27 0.06 1.79
N ASN A 41 15.50 0.16 2.26
CA ASN A 41 16.21 1.44 2.29
C ASN A 41 17.38 1.43 1.33
N ASN A 42 17.62 2.56 0.68
CA ASN A 42 18.72 2.69 -0.27
C ASN A 42 19.96 1.94 0.21
N GLU A 43 20.40 2.25 1.42
CA GLU A 43 21.57 1.61 2.00
C GLU A 43 21.32 0.11 2.20
N LYS A 44 22.38 -0.62 2.50
CA LYS A 44 22.28 -2.07 2.72
C LYS A 44 21.14 -2.39 3.68
N GLU A 45 20.54 -3.56 3.50
CA GLU A 45 19.43 -3.99 4.35
C GLU A 45 19.93 -4.35 5.75
N MET A 46 19.65 -3.48 6.72
CA MET A 46 20.07 -3.71 8.09
C MET A 46 19.01 -4.48 8.86
N TYR A 47 19.36 -4.91 10.07
CA TYR A 47 18.44 -5.66 10.91
C TYR A 47 17.05 -5.03 10.90
N SER A 48 17.01 -3.70 11.02
CA SER A 48 15.75 -2.97 11.03
C SER A 48 14.73 -3.62 10.07
N LYS A 49 13.62 -4.09 10.62
CA LYS A 49 12.58 -4.72 9.82
C LYS A 49 11.37 -3.80 9.69
N GLY A 50 10.73 -3.83 8.52
CA GLY A 50 9.56 -3.00 8.28
C GLY A 50 8.68 -3.55 7.18
N ILE A 51 7.58 -4.19 7.57
CA ILE A 51 6.65 -4.75 6.60
C ILE A 51 5.20 -4.47 6.99
N ILE A 52 4.38 -4.14 6.01
CA ILE A 52 2.98 -3.85 6.26
C ILE A 52 2.08 -4.96 5.70
N PRO A 53 1.44 -5.71 6.62
CA PRO A 53 0.54 -6.81 6.24
C PRO A 53 -0.75 -6.31 5.61
N LEU A 54 -1.22 -7.04 4.60
CA LEU A 54 -2.45 -6.67 3.90
C LEU A 54 -3.62 -6.56 4.88
N SER A 55 -3.67 -7.47 5.85
CA SER A 55 -4.73 -7.48 6.84
C SER A 55 -4.85 -6.12 7.52
N ALA A 56 -3.71 -5.57 7.92
CA ALA A 56 -3.68 -4.27 8.58
C ALA A 56 -4.50 -3.24 7.81
N ILE A 57 -4.28 -3.17 6.50
CA ILE A 57 -5.01 -2.24 5.66
C ILE A 57 -6.52 -2.33 5.88
N SER A 58 -7.03 -1.51 6.78
CA SER A 58 -8.45 -1.51 7.10
C SER A 58 -9.24 -0.76 6.03
N THR A 59 -8.73 0.39 5.61
CA THR A 59 -9.39 1.20 4.59
C THR A 59 -8.46 2.28 4.06
N VAL A 60 -8.50 2.49 2.75
CA VAL A 60 -7.66 3.51 2.11
C VAL A 60 -8.46 4.77 1.79
N ARG A 61 -7.83 5.91 1.90
CA ARG A 61 -8.47 7.19 1.62
C ARG A 61 -7.53 8.15 0.90
N VAL A 62 -7.91 8.58 -0.29
CA VAL A 62 -7.10 9.50 -1.07
C VAL A 62 -6.66 10.69 -0.24
N GLN A 63 -5.52 11.28 -0.61
CA GLN A 63 -4.99 12.43 0.11
C GLN A 63 -5.08 13.70 -0.75
N GLY A 64 -4.66 14.82 -0.18
CA GLY A 64 -4.70 16.08 -0.90
C GLY A 64 -4.47 15.90 -2.39
N ASP A 65 -3.21 15.84 -2.80
CA ASP A 65 -2.87 15.67 -4.22
C ASP A 65 -1.78 14.62 -4.38
N ASN A 66 -1.85 13.87 -5.47
CA ASN A 66 -0.87 12.83 -5.76
C ASN A 66 -0.41 12.15 -4.47
N LYS A 67 -1.37 11.83 -3.60
CA LYS A 67 -1.07 11.17 -2.34
C LYS A 67 -2.21 10.25 -1.92
N PHE A 68 -2.02 9.55 -0.81
CA PHE A 68 -3.03 8.63 -0.30
C PHE A 68 -2.70 8.19 1.12
N GLU A 69 -3.74 7.85 1.88
CA GLU A 69 -3.56 7.41 3.26
C GLU A 69 -3.90 5.94 3.41
N VAL A 70 -2.99 5.18 4.01
CA VAL A 70 -3.19 3.74 4.22
C VAL A 70 -3.47 3.44 5.69
N VAL A 71 -4.75 3.26 6.02
CA VAL A 71 -5.16 2.96 7.38
C VAL A 71 -4.73 1.55 7.78
N THR A 72 -4.03 1.44 8.91
CA THR A 72 -3.57 0.16 9.39
C THR A 72 -3.90 -0.02 10.88
N THR A 73 -3.93 -1.27 11.32
CA THR A 73 -4.24 -1.57 12.71
C THR A 73 -3.24 -0.91 13.66
N GLN A 74 -1.95 -1.07 13.35
CA GLN A 74 -0.90 -0.49 14.17
C GLN A 74 -1.02 1.03 14.22
N ARG A 75 -0.89 1.67 13.05
CA ARG A 75 -0.98 3.11 12.97
C ARG A 75 -0.95 3.58 11.51
N THR A 76 -2.05 4.19 11.07
CA THR A 76 -2.15 4.67 9.70
C THR A 76 -0.82 5.22 9.20
N PHE A 77 -0.51 4.94 7.94
CA PHE A 77 0.74 5.41 7.35
C PHE A 77 0.47 6.30 6.14
N VAL A 78 1.23 7.38 6.02
CA VAL A 78 1.08 8.32 4.91
C VAL A 78 2.07 8.03 3.80
N PHE A 79 1.58 7.98 2.57
CA PHE A 79 2.43 7.71 1.41
C PHE A 79 2.23 8.75 0.33
N ARG A 80 3.21 8.89 -0.55
CA ARG A 80 3.14 9.86 -1.63
C ARG A 80 3.64 9.26 -2.94
N VAL A 81 2.86 9.44 -4.00
CA VAL A 81 3.21 8.91 -5.31
C VAL A 81 3.93 9.96 -6.15
N GLU A 82 4.42 9.55 -7.32
CA GLU A 82 5.12 10.46 -8.21
C GLU A 82 4.22 10.89 -9.37
N LYS A 83 3.25 10.04 -9.71
CA LYS A 83 2.32 10.35 -10.78
C LYS A 83 0.88 10.18 -10.32
N GLU A 84 -0.02 10.91 -10.96
CA GLU A 84 -1.44 10.85 -10.62
C GLU A 84 -1.98 9.42 -10.77
N GLU A 85 -1.65 8.79 -11.89
CA GLU A 85 -2.09 7.44 -12.16
C GLU A 85 -1.75 6.51 -10.99
N GLU A 86 -0.51 6.59 -10.54
CA GLU A 86 -0.06 5.76 -9.43
C GLU A 86 -0.95 5.94 -8.21
N ARG A 87 -1.20 7.19 -7.85
CA ARG A 87 -2.04 7.50 -6.70
C ARG A 87 -3.31 6.66 -6.71
N ASN A 88 -3.96 6.59 -7.87
CA ASN A 88 -5.19 5.82 -8.01
C ASN A 88 -4.89 4.33 -8.06
N ASP A 89 -3.98 3.94 -8.96
CA ASP A 89 -3.61 2.54 -9.10
C ASP A 89 -3.33 1.90 -7.74
N TRP A 90 -2.36 2.45 -7.03
CA TRP A 90 -2.01 1.93 -5.71
C TRP A 90 -3.26 1.60 -4.89
N ILE A 91 -4.11 2.61 -4.71
CA ILE A 91 -5.34 2.43 -3.95
C ILE A 91 -6.12 1.23 -4.45
N SER A 92 -6.55 1.29 -5.70
CA SER A 92 -7.32 0.20 -6.31
C SER A 92 -6.73 -1.15 -5.94
N ILE A 93 -5.44 -1.33 -6.23
CA ILE A 93 -4.76 -2.58 -5.92
C ILE A 93 -5.11 -3.07 -4.52
N LEU A 94 -4.81 -2.26 -3.52
CA LEU A 94 -5.09 -2.62 -2.13
C LEU A 94 -6.52 -3.12 -1.98
N LEU A 95 -7.49 -2.30 -2.39
CA LEU A 95 -8.88 -2.68 -2.30
C LEU A 95 -9.13 -4.05 -2.94
N ASN A 96 -8.60 -4.24 -4.13
CA ASN A 96 -8.75 -5.50 -4.84
C ASN A 96 -8.20 -6.66 -4.02
N ALA A 97 -7.08 -6.43 -3.36
CA ALA A 97 -6.44 -7.45 -2.52
C ALA A 97 -7.37 -7.88 -1.39
N LEU A 98 -7.78 -6.92 -0.57
CA LEU A 98 -8.67 -7.21 0.55
C LEU A 98 -9.72 -8.24 0.16
N LYS A 99 -10.33 -8.06 -1.00
CA LYS A 99 -11.35 -8.97 -1.49
C LYS A 99 -10.85 -10.41 -1.45
N SER A 100 -9.67 -10.64 -2.03
CA SER A 100 -9.08 -11.97 -2.06
C SER A 100 -9.25 -12.68 -0.72
N GLN A 101 -8.94 -11.95 0.36
CA GLN A 101 -9.06 -12.51 1.70
C GLN A 101 -10.47 -13.02 1.97
N SER A 102 -11.45 -12.16 1.71
CA SER A 102 -12.86 -12.52 1.93
C SER A 102 -13.11 -13.97 1.52
N LEU A 103 -12.71 -14.32 0.30
CA LEU A 103 -12.90 -15.67 -0.21
C LEU A 103 -14.38 -16.03 -0.27
N THR A 104 -15.19 -15.08 -0.71
CA THR A 104 -16.63 -15.30 -0.82
C THR A 104 -16.95 -16.62 -1.50
N SER A 105 -16.51 -16.76 -2.75
CA SER A 105 -16.74 -17.98 -3.52
C SER A 105 -16.29 -19.21 -2.73
N GLN A 106 -17.23 -20.10 -2.44
CA GLN A 106 -16.93 -21.32 -1.70
C GLN A 106 -15.77 -22.08 -2.33
N SER A 107 -14.71 -22.29 -1.56
CA SER A 107 -13.54 -22.99 -2.06
C SER A 107 -12.64 -23.43 -0.91
N GLN A 108 -12.28 -24.71 -0.89
CA GLN A 108 -11.43 -25.25 0.16
C GLN A 108 -10.04 -24.65 0.09
N ALA A 109 -9.45 -24.36 1.25
CA ALA A 109 -8.12 -23.79 1.32
C ALA A 109 -7.40 -24.21 2.60
N SER A 110 -6.07 -24.28 2.54
CA SER A 110 -5.27 -24.67 3.69
C SER A 110 -3.97 -23.88 3.74
N GLY A 111 -3.61 -23.40 4.93
CA GLY A 111 -2.39 -22.64 5.08
C GLY A 111 -2.65 -21.15 5.27
N PRO A 112 -2.99 -20.77 6.51
CA PRO A 112 -3.27 -19.37 6.84
C PRO A 112 -2.03 -18.50 6.80
N SER A 113 -2.18 -17.22 7.14
CA SER A 113 -1.07 -16.29 7.15
C SER A 113 -0.35 -16.30 8.50
N SER A 114 0.97 -16.14 8.47
CA SER A 114 1.76 -16.13 9.68
C SER A 114 1.52 -14.85 10.49
N GLY A 115 1.79 -14.92 11.79
CA GLY A 115 1.59 -13.77 12.65
C GLY A 115 0.35 -12.98 12.29
N GLY A 1 -16.79 3.06 -8.52
CA GLY A 1 -17.26 1.87 -9.22
C GLY A 1 -16.25 0.75 -9.14
N SER A 2 -16.01 0.09 -10.27
CA SER A 2 -15.07 -1.03 -10.34
C SER A 2 -14.26 -0.98 -11.63
N SER A 3 -13.13 -1.68 -11.63
CA SER A 3 -12.26 -1.72 -12.80
C SER A 3 -11.31 -2.91 -12.73
N GLY A 4 -10.82 -3.35 -13.88
CA GLY A 4 -9.91 -4.48 -13.93
C GLY A 4 -8.70 -4.21 -14.80
N SER A 5 -7.83 -3.31 -14.35
CA SER A 5 -6.63 -2.96 -15.10
C SER A 5 -5.59 -4.06 -15.00
N SER A 6 -4.53 -3.94 -15.80
CA SER A 6 -3.46 -4.93 -15.81
C SER A 6 -2.49 -4.69 -14.65
N GLY A 7 -1.68 -5.69 -14.33
CA GLY A 7 -0.73 -5.57 -13.25
C GLY A 7 -1.37 -5.71 -11.88
N LYS A 8 -1.12 -6.84 -11.23
CA LYS A 8 -1.68 -7.09 -9.91
C LYS A 8 -0.73 -6.61 -8.81
N VAL A 9 0.33 -5.93 -9.22
CA VAL A 9 1.32 -5.42 -8.27
C VAL A 9 1.77 -4.02 -8.66
N LYS A 10 2.68 -3.46 -7.87
CA LYS A 10 3.20 -2.11 -8.13
C LYS A 10 4.47 -1.86 -7.33
N SER A 11 5.45 -1.24 -7.96
CA SER A 11 6.72 -0.94 -7.31
C SER A 11 7.27 0.41 -7.78
N GLY A 12 7.97 1.10 -6.89
CA GLY A 12 8.53 2.39 -7.22
C GLY A 12 8.92 3.20 -6.00
N TRP A 13 9.73 4.22 -6.20
CA TRP A 13 10.17 5.08 -5.10
C TRP A 13 9.01 5.89 -4.54
N LEU A 14 8.57 5.52 -3.34
CA LEU A 14 7.47 6.22 -2.69
C LEU A 14 7.96 7.04 -1.50
N ASP A 15 7.32 8.19 -1.29
CA ASP A 15 7.69 9.07 -0.19
C ASP A 15 6.75 8.89 0.99
N LYS A 16 7.32 8.63 2.17
CA LYS A 16 6.53 8.44 3.38
C LYS A 16 6.78 9.56 4.38
N LEU A 17 5.85 9.75 5.31
CA LEU A 17 5.97 10.78 6.32
C LEU A 17 6.14 10.17 7.71
N SER A 18 7.39 9.88 8.07
CA SER A 18 7.68 9.28 9.36
C SER A 18 7.33 10.24 10.49
N PRO A 19 7.96 11.43 10.48
CA PRO A 19 7.73 12.46 11.50
C PRO A 19 6.34 13.08 11.38
N GLN A 20 6.03 14.01 12.29
CA GLN A 20 4.74 14.68 12.28
C GLN A 20 4.91 16.19 12.44
N GLY A 21 3.95 16.95 11.92
CA GLY A 21 4.01 18.39 12.00
C GLY A 21 5.34 18.95 11.54
N LYS A 22 6.08 18.15 10.78
CA LYS A 22 7.38 18.56 10.27
C LYS A 22 7.52 18.24 8.79
N ARG A 23 7.94 19.22 8.00
CA ARG A 23 8.11 19.04 6.57
C ARG A 23 9.35 18.19 6.27
N MET A 24 9.12 16.91 5.98
CA MET A 24 10.22 15.99 5.68
C MET A 24 9.67 14.64 5.23
N PHE A 25 9.98 14.27 3.99
CA PHE A 25 9.52 13.00 3.43
C PHE A 25 10.69 12.05 3.21
N GLN A 26 10.52 10.80 3.62
CA GLN A 26 11.56 9.79 3.46
C GLN A 26 11.42 9.06 2.13
N LYS A 27 12.54 8.61 1.58
CA LYS A 27 12.53 7.88 0.32
C LYS A 27 13.02 6.45 0.50
N ARG A 28 12.16 5.50 0.19
CA ARG A 28 12.51 4.08 0.33
C ARG A 28 11.81 3.25 -0.74
N TRP A 29 12.55 2.32 -1.34
CA TRP A 29 12.00 1.46 -2.38
C TRP A 29 10.88 0.58 -1.82
N VAL A 30 9.70 0.66 -2.44
CA VAL A 30 8.56 -0.13 -2.01
C VAL A 30 8.16 -1.15 -3.07
N LYS A 31 7.46 -2.19 -2.65
CA LYS A 31 7.01 -3.24 -3.56
C LYS A 31 5.87 -4.03 -2.96
N PHE A 32 4.89 -4.38 -3.80
CA PHE A 32 3.72 -5.14 -3.35
C PHE A 32 3.61 -6.45 -4.11
N ASP A 33 3.27 -7.52 -3.40
CA ASP A 33 3.12 -8.84 -4.01
C ASP A 33 1.66 -9.27 -4.01
N GLY A 34 0.90 -8.79 -3.02
CA GLY A 34 -0.50 -9.15 -2.94
C GLY A 34 -0.89 -9.62 -1.55
N LEU A 35 0.11 -9.93 -0.73
CA LEU A 35 -0.14 -10.40 0.63
C LEU A 35 0.18 -9.31 1.65
N SER A 36 1.28 -8.61 1.44
CA SER A 36 1.69 -7.54 2.34
C SER A 36 2.58 -6.53 1.61
N ILE A 37 2.93 -5.46 2.31
CA ILE A 37 3.78 -4.42 1.73
C ILE A 37 5.17 -4.41 2.37
N SER A 38 6.15 -4.90 1.62
CA SER A 38 7.52 -4.97 2.11
C SER A 38 8.43 -4.03 1.31
N TYR A 39 8.97 -3.02 1.99
CA TYR A 39 9.85 -2.05 1.35
C TYR A 39 11.23 -2.07 1.98
N TYR A 40 12.26 -1.84 1.15
CA TYR A 40 13.64 -1.83 1.64
C TYR A 40 14.25 -0.44 1.51
N ASN A 41 15.43 -0.26 2.09
CA ASN A 41 16.12 1.03 2.04
C ASN A 41 17.41 0.92 1.23
N ASN A 42 18.11 2.03 1.09
CA ASN A 42 19.35 2.06 0.33
C ASN A 42 20.52 2.47 1.23
N GLU A 43 20.47 2.05 2.49
CA GLU A 43 21.52 2.37 3.44
C GLU A 43 21.93 1.14 4.24
N LYS A 44 23.15 1.14 4.76
CA LYS A 44 23.66 0.03 5.55
C LYS A 44 23.11 0.08 6.97
N GLU A 45 22.02 -0.67 7.20
CA GLU A 45 21.40 -0.72 8.52
C GLU A 45 21.09 -2.16 8.91
N MET A 46 21.36 -2.49 10.17
CA MET A 46 21.12 -3.83 10.68
C MET A 46 19.66 -3.99 11.11
N TYR A 47 19.28 -5.20 11.49
CA TYR A 47 17.92 -5.49 11.91
C TYR A 47 16.91 -4.74 11.04
N SER A 48 17.24 -4.59 9.76
CA SER A 48 16.36 -3.90 8.82
C SER A 48 14.91 -4.33 9.01
N LYS A 49 14.00 -3.36 8.98
CA LYS A 49 12.58 -3.63 9.15
C LYS A 49 11.74 -2.72 8.26
N GLY A 50 10.43 -2.94 8.26
CA GLY A 50 9.54 -2.14 7.45
C GLY A 50 8.62 -2.98 6.58
N ILE A 51 7.57 -3.53 7.19
CA ILE A 51 6.62 -4.35 6.47
C ILE A 51 5.21 -4.18 7.03
N ILE A 52 4.22 -4.15 6.15
CA ILE A 52 2.83 -4.00 6.56
C ILE A 52 1.97 -5.13 6.01
N PRO A 53 1.46 -5.98 6.92
CA PRO A 53 0.61 -7.11 6.55
C PRO A 53 -0.77 -6.68 6.05
N LEU A 54 -1.11 -7.09 4.84
CA LEU A 54 -2.39 -6.74 4.25
C LEU A 54 -3.50 -6.77 5.30
N SER A 55 -3.42 -7.72 6.22
CA SER A 55 -4.42 -7.84 7.28
C SER A 55 -4.58 -6.53 8.04
N ALA A 56 -3.45 -5.96 8.45
CA ALA A 56 -3.46 -4.71 9.20
C ALA A 56 -4.32 -3.66 8.49
N ILE A 57 -4.08 -3.49 7.19
CA ILE A 57 -4.83 -2.52 6.40
C ILE A 57 -6.33 -2.66 6.64
N SER A 58 -6.97 -1.53 6.92
CA SER A 58 -8.41 -1.52 7.18
C SER A 58 -9.17 -0.88 6.02
N THR A 59 -8.65 0.25 5.55
CA THR A 59 -9.28 0.97 4.44
C THR A 59 -8.34 2.03 3.87
N VAL A 60 -8.23 2.06 2.55
CA VAL A 60 -7.38 3.03 1.87
C VAL A 60 -8.18 4.19 1.30
N ARG A 61 -7.70 5.40 1.52
CA ARG A 61 -8.38 6.59 1.01
C ARG A 61 -7.38 7.62 0.51
N VAL A 62 -7.86 8.56 -0.29
CA VAL A 62 -7.00 9.61 -0.85
C VAL A 62 -6.92 10.80 0.09
N GLN A 63 -5.76 11.44 0.12
CA GLN A 63 -5.55 12.60 0.99
C GLN A 63 -4.54 13.56 0.37
N GLY A 64 -4.82 14.85 0.47
CA GLY A 64 -3.94 15.86 -0.09
C GLY A 64 -4.09 16.01 -1.58
N ASP A 65 -2.97 16.16 -2.29
CA ASP A 65 -2.99 16.30 -3.73
C ASP A 65 -2.63 15.00 -4.42
N ASN A 66 -1.39 14.56 -4.23
CA ASN A 66 -0.92 13.31 -4.84
C ASN A 66 -0.45 12.33 -3.76
N LYS A 67 -1.23 12.23 -2.68
CA LYS A 67 -0.90 11.33 -1.59
C LYS A 67 -2.15 10.61 -1.09
N PHE A 68 -1.95 9.55 -0.32
CA PHE A 68 -3.06 8.78 0.23
C PHE A 68 -2.77 8.36 1.67
N GLU A 69 -3.83 8.02 2.40
CA GLU A 69 -3.69 7.59 3.79
C GLU A 69 -4.11 6.14 3.96
N VAL A 70 -3.15 5.29 4.35
CA VAL A 70 -3.41 3.87 4.54
C VAL A 70 -3.70 3.57 6.01
N VAL A 71 -4.97 3.34 6.33
CA VAL A 71 -5.37 3.03 7.70
C VAL A 71 -4.95 1.62 8.10
N THR A 72 -4.08 1.53 9.10
CA THR A 72 -3.59 0.24 9.58
C THR A 72 -3.74 0.11 11.08
N THR A 73 -4.35 -0.99 11.52
CA THR A 73 -4.56 -1.23 12.95
C THR A 73 -3.39 -0.69 13.77
N GLN A 74 -2.19 -1.14 13.45
CA GLN A 74 -1.00 -0.71 14.16
C GLN A 74 -0.96 0.81 14.31
N ARG A 75 -0.86 1.50 13.18
CA ARG A 75 -0.82 2.96 13.19
C ARG A 75 -0.92 3.51 11.76
N THR A 76 -2.04 4.16 11.45
CA THR A 76 -2.26 4.73 10.14
C THR A 76 -0.98 5.37 9.59
N PHE A 77 -0.68 5.12 8.32
CA PHE A 77 0.50 5.68 7.69
C PHE A 77 0.13 6.60 6.54
N VAL A 78 1.13 7.21 5.92
CA VAL A 78 0.90 8.12 4.80
C VAL A 78 1.91 7.88 3.69
N PHE A 79 1.42 7.57 2.50
CA PHE A 79 2.29 7.32 1.35
C PHE A 79 2.04 8.35 0.25
N ARG A 80 3.10 8.74 -0.44
CA ARG A 80 3.00 9.72 -1.52
C ARG A 80 3.38 9.09 -2.86
N VAL A 81 2.78 9.59 -3.94
CA VAL A 81 3.05 9.08 -5.27
C VAL A 81 3.79 10.12 -6.12
N GLU A 82 4.19 9.71 -7.32
CA GLU A 82 4.89 10.61 -8.22
C GLU A 82 3.97 11.12 -9.32
N LYS A 83 2.91 10.37 -9.60
CA LYS A 83 1.94 10.75 -10.62
C LYS A 83 0.53 10.39 -10.20
N GLU A 84 -0.46 11.03 -10.81
CA GLU A 84 -1.85 10.78 -10.50
C GLU A 84 -2.20 9.31 -10.69
N GLU A 85 -1.92 8.80 -11.89
CA GLU A 85 -2.20 7.39 -12.21
C GLU A 85 -1.81 6.48 -11.05
N GLU A 86 -0.62 6.70 -10.51
CA GLU A 86 -0.13 5.89 -9.40
C GLU A 86 -1.14 5.88 -8.25
N ARG A 87 -1.71 7.05 -7.97
CA ARG A 87 -2.68 7.18 -6.89
C ARG A 87 -3.76 6.10 -6.99
N ASN A 88 -4.50 6.11 -8.09
CA ASN A 88 -5.56 5.14 -8.32
C ASN A 88 -4.99 3.72 -8.32
N ASP A 89 -3.93 3.52 -9.10
CA ASP A 89 -3.30 2.21 -9.19
C ASP A 89 -3.01 1.63 -7.81
N TRP A 90 -2.09 2.25 -7.09
CA TRP A 90 -1.72 1.81 -5.76
C TRP A 90 -2.97 1.42 -4.96
N ILE A 91 -3.86 2.39 -4.78
CA ILE A 91 -5.08 2.16 -4.03
C ILE A 91 -5.85 0.96 -4.58
N SER A 92 -6.39 1.12 -5.80
CA SER A 92 -7.14 0.06 -6.44
C SER A 92 -6.52 -1.31 -6.14
N ILE A 93 -5.20 -1.39 -6.31
CA ILE A 93 -4.48 -2.64 -6.06
C ILE A 93 -4.68 -3.11 -4.62
N LEU A 94 -4.40 -2.22 -3.67
CA LEU A 94 -4.54 -2.55 -2.26
C LEU A 94 -5.95 -3.05 -1.95
N LEU A 95 -6.94 -2.23 -2.27
CA LEU A 95 -8.34 -2.59 -2.03
C LEU A 95 -8.65 -3.95 -2.63
N ASN A 96 -8.29 -4.14 -3.90
CA ASN A 96 -8.53 -5.40 -4.60
C ASN A 96 -8.11 -6.59 -3.73
N ALA A 97 -6.99 -6.45 -3.04
CA ALA A 97 -6.48 -7.51 -2.18
C ALA A 97 -7.42 -7.73 -1.00
N LEU A 98 -7.97 -6.65 -0.46
CA LEU A 98 -8.87 -6.73 0.68
C LEU A 98 -10.14 -7.48 0.30
N LYS A 99 -10.53 -7.40 -0.96
CA LYS A 99 -11.73 -8.07 -1.45
C LYS A 99 -11.52 -9.58 -1.50
N SER A 100 -10.49 -10.01 -2.22
CA SER A 100 -10.19 -11.43 -2.34
C SER A 100 -9.88 -12.04 -0.98
N GLN A 101 -8.94 -11.42 -0.26
CA GLN A 101 -8.56 -11.90 1.06
C GLN A 101 -9.77 -12.00 1.99
N SER A 102 -10.70 -11.08 1.82
CA SER A 102 -11.91 -11.06 2.65
C SER A 102 -12.82 -12.22 2.31
N LEU A 103 -12.72 -13.30 3.09
CA LEU A 103 -13.54 -14.48 2.86
C LEU A 103 -13.81 -15.20 4.18
N THR A 104 -14.95 -15.90 4.24
CA THR A 104 -15.33 -16.63 5.44
C THR A 104 -15.16 -18.13 5.24
N SER A 105 -15.05 -18.86 6.35
CA SER A 105 -14.88 -20.31 6.30
C SER A 105 -15.72 -20.91 5.16
N GLN A 106 -17.00 -20.57 5.14
CA GLN A 106 -17.91 -21.08 4.11
C GLN A 106 -17.32 -20.87 2.72
N SER A 107 -17.46 -21.87 1.87
CA SER A 107 -16.95 -21.80 0.50
C SER A 107 -18.09 -21.91 -0.50
N GLN A 108 -18.11 -20.99 -1.46
CA GLN A 108 -19.14 -20.97 -2.49
C GLN A 108 -18.72 -20.11 -3.68
N ALA A 109 -19.26 -20.42 -4.85
CA ALA A 109 -18.95 -19.67 -6.06
C ALA A 109 -20.08 -18.72 -6.44
N SER A 110 -19.76 -17.44 -6.50
CA SER A 110 -20.76 -16.42 -6.85
C SER A 110 -20.49 -15.85 -8.24
N GLY A 111 -19.32 -15.24 -8.40
CA GLY A 111 -18.97 -14.65 -9.68
C GLY A 111 -18.82 -15.68 -10.78
N PRO A 112 -19.66 -15.58 -11.81
CA PRO A 112 -19.65 -16.50 -12.95
C PRO A 112 -18.40 -16.35 -13.81
N SER A 113 -18.09 -15.11 -14.17
CA SER A 113 -16.92 -14.81 -15.00
C SER A 113 -16.69 -13.31 -15.11
N SER A 114 -15.48 -12.94 -15.50
CA SER A 114 -15.13 -11.53 -15.64
C SER A 114 -15.98 -10.86 -16.72
N GLY A 115 -16.01 -9.53 -16.72
CA GLY A 115 -16.79 -8.81 -17.71
C GLY A 115 -15.95 -8.33 -18.88
#